data_8TAQ
# 
_entry.id   8TAQ 
# 
_audit_conform.dict_name       mmcif_pdbx.dic 
_audit_conform.dict_version    5.383 
_audit_conform.dict_location   http://mmcif.pdb.org/dictionaries/ascii/mmcif_pdbx.dic 
# 
loop_
_database_2.database_id 
_database_2.database_code 
_database_2.pdbx_database_accession 
_database_2.pdbx_DOI 
PDB   8TAQ         pdb_00008taq 10.2210/pdb8taq/pdb 
WWPDB D_1000275285 ?            ?                   
# 
_pdbx_database_status.status_code                     REL 
_pdbx_database_status.status_code_sf                  REL 
_pdbx_database_status.status_code_mr                  ? 
_pdbx_database_status.entry_id                        8TAQ 
_pdbx_database_status.recvd_initial_deposition_date   2023-06-27 
_pdbx_database_status.SG_entry                        N 
_pdbx_database_status.deposit_site                    RCSB 
_pdbx_database_status.process_site                    RCSB 
_pdbx_database_status.status_code_cs                  ? 
_pdbx_database_status.status_code_nmr_data            ? 
_pdbx_database_status.methods_development_category    ? 
_pdbx_database_status.pdb_format_compatible           Y 
# 
loop_
_audit_author.name 
_audit_author.pdbx_ordinal 
_audit_author.identifier_ORCID 
'Simmons, C.R.'      1 0000-0002-2290-6132 
'MacCulloch, T.'     2 0000-0001-5875-3361 
'Stephanopoulos, N.' 3 0000-0001-7859-410X 
'Yan, H.'            4 0000-0001-7397-9852 
# 
_citation.abstract                  ? 
_citation.abstract_id_CAS           ? 
_citation.book_id_ISBN              ? 
_citation.book_publisher            ? 
_citation.book_publisher_city       ? 
_citation.book_title                ? 
_citation.coordinate_linkage        ? 
_citation.country                   US 
_citation.database_id_Medline       ? 
_citation.details                   ? 
_citation.id                        primary 
_citation.journal_abbrev            J.Am.Chem.Soc. 
_citation.journal_id_ASTM           JACSAT 
_citation.journal_id_CSD            ? 
_citation.journal_id_ISSN           1520-5126 
_citation.journal_full              ? 
_citation.journal_issue             ? 
_citation.journal_volume            145 
_citation.language                  ? 
_citation.page_first                26075 
_citation.page_last                 26085 
_citation.title                     
;Site-Specific Arrangement and Structure Determination of Minor Groove Binding Molecules in Self-Assembled Three-Dimensional DNA Crystals.
;
_citation.year                      2023 
_citation.database_id_CSD           ? 
_citation.pdbx_database_id_DOI      10.1021/jacs.3c07802 
_citation.pdbx_database_id_PubMed   37987645 
_citation.pdbx_database_id_patent   ? 
_citation.unpublished_flag          ? 
# 
loop_
_citation_author.citation_id 
_citation_author.name 
_citation_author.ordinal 
_citation_author.identifier_ORCID 
primary 'Simmons, C.R.'      1 0000-0002-2290-6132 
primary 'Buchberger, A.'     2 ?                   
primary 'Henry, S.J.W.'      3 0000-0002-5132-3948 
primary 'Novacek, A.'        4 ?                   
primary 'Fahmi, N.E.'        5 ?                   
primary 'MacCulloch, T.'     6 ?                   
primary 'Stephanopoulos, N.' 7 0000-0001-7859-410X 
primary 'Yan, H.'            8 0000-0001-7397-9852 
# 
_cell.angle_alpha                  90.00 
_cell.angle_alpha_esd              ? 
_cell.angle_beta                   90.00 
_cell.angle_beta_esd               ? 
_cell.angle_gamma                  120.00 
_cell.angle_gamma_esd              ? 
_cell.entry_id                     8TAQ 
_cell.details                      ? 
_cell.formula_units_Z              ? 
_cell.length_a                     68.886 
_cell.length_a_esd                 ? 
_cell.length_b                     68.886 
_cell.length_b_esd                 ? 
_cell.length_c                     56.745 
_cell.length_c_esd                 ? 
_cell.volume                       ? 
_cell.volume_esd                   ? 
_cell.Z_PDB                        3 
_cell.reciprocal_angle_alpha       ? 
_cell.reciprocal_angle_beta        ? 
_cell.reciprocal_angle_gamma       ? 
_cell.reciprocal_angle_alpha_esd   ? 
_cell.reciprocal_angle_beta_esd    ? 
_cell.reciprocal_angle_gamma_esd   ? 
_cell.reciprocal_length_a          ? 
_cell.reciprocal_length_b          ? 
_cell.reciprocal_length_c          ? 
_cell.reciprocal_length_a_esd      ? 
_cell.reciprocal_length_b_esd      ? 
_cell.reciprocal_length_c_esd      ? 
_cell.pdbx_unique_axis             ? 
_cell.pdbx_esd_method              ? 
# 
_symmetry.entry_id                         8TAQ 
_symmetry.cell_setting                     ? 
_symmetry.Int_Tables_number                145 
_symmetry.space_group_name_Hall            ? 
_symmetry.space_group_name_H-M             'P 32' 
_symmetry.pdbx_full_space_group_name_H-M   ? 
# 
loop_
_entity.id 
_entity.type 
_entity.src_method 
_entity.pdbx_description 
_entity.formula_weight 
_entity.pdbx_number_of_molecules 
_entity.pdbx_ec 
_entity.pdbx_mutation 
_entity.pdbx_fragment 
_entity.details 
1 polymer     syn 
;DNA (5'-D(*GP*AP*GP*CP*AP*GP*AP*CP*CP*TP*GP*AP*CP*GP*GP*AP*AP*AP*TP*TP*A*(HT1))-3')
;
6505.238 1 ? ? ? ? 
2 polymer     syn 
;DNA (5'-D(P*CP*CP*GP*TP*CP*A)-3')
;
1769.193 1 ? ? ? ? 
3 polymer     syn 
;DNA (5'-D(*TP*CP*TP*AP*AP*TP*TP*T)-3')
;
2391.602 1 ? ? ? ? 
4 polymer     syn 
;DNA (5'-D(P*GP*GP*TP*CP*TP*GP*C)-3')
;
2129.409 1 ? ? ? ? 
5 non-polymer syn 'MAGNESIUM ION'                                                                       24.305   2 ? ? ? ? 
6 non-polymer syn "2'-(4-ETHOXYPHENYL)-5-(4-METHYL-1-PIPERAZINYL)-2,5'-BI-BENZIMIDAZOLE"                452.551  1 ? ? ? ? 
7 water       nat water                                                                                 18.015   3 ? ? ? ? 
# 
loop_
_entity_poly.entity_id 
_entity_poly.type 
_entity_poly.nstd_linkage 
_entity_poly.nstd_monomer 
_entity_poly.pdbx_seq_one_letter_code 
_entity_poly.pdbx_seq_one_letter_code_can 
_entity_poly.pdbx_strand_id 
_entity_poly.pdbx_target_identifier 
1 polydeoxyribonucleotide no no 
;(DG)(DA)(DG)(DC)(DA)(DG)(DA)(DC)(DC)(DT)(DG)(DA)(DC)(DG)(DG)(DA)(DA)(DA)(DT)(DT)
(DA)
;
GAGCAGACCTGACGGAAATTA A ? 
2 polydeoxyribonucleotide no no '(DC)(DC)(DG)(DT)(DC)(DA)'                                                              CCGTCA B ? 
3 polydeoxyribonucleotide no no '(DT)(DC)(DT)(DA)(DA)(DT)(DT)(DT)'                                                      TCTAATTT C 
? 
4 polydeoxyribonucleotide no no '(DG)(DG)(DT)(DC)(DT)(DG)(DC)'                                                          GGTCTGC D 
? 
# 
loop_
_entity_poly_seq.entity_id 
_entity_poly_seq.num 
_entity_poly_seq.mon_id 
_entity_poly_seq.hetero 
1 1  DG n 
1 2  DA n 
1 3  DG n 
1 4  DC n 
1 5  DA n 
1 6  DG n 
1 7  DA n 
1 8  DC n 
1 9  DC n 
1 10 DT n 
1 11 DG n 
1 12 DA n 
1 13 DC n 
1 14 DG n 
1 15 DG n 
1 16 DA n 
1 17 DA n 
1 18 DA n 
1 19 DT n 
1 20 DT n 
1 21 DA n 
2 1  DC n 
2 2  DC n 
2 3  DG n 
2 4  DT n 
2 5  DC n 
2 6  DA n 
3 1  DT n 
3 2  DC n 
3 3  DT n 
3 4  DA n 
3 5  DA n 
3 6  DT n 
3 7  DT n 
3 8  DT n 
4 1  DG n 
4 2  DG n 
4 3  DT n 
4 4  DC n 
4 5  DT n 
4 6  DG n 
4 7  DC n 
# 
loop_
_pdbx_entity_src_syn.entity_id 
_pdbx_entity_src_syn.pdbx_src_id 
_pdbx_entity_src_syn.pdbx_alt_source_flag 
_pdbx_entity_src_syn.pdbx_beg_seq_num 
_pdbx_entity_src_syn.pdbx_end_seq_num 
_pdbx_entity_src_syn.organism_scientific 
_pdbx_entity_src_syn.organism_common_name 
_pdbx_entity_src_syn.ncbi_taxonomy_id 
_pdbx_entity_src_syn.details 
1 1 sample 1 21 'synthetic construct' ? 32630 ? 
2 1 sample 1 6  'synthetic construct' ? 32630 ? 
3 1 sample 1 8  'synthetic construct' ? 32630 ? 
4 1 sample 1 7  'synthetic construct' ? 32630 ? 
# 
loop_
_struct_ref.id 
_struct_ref.db_name 
_struct_ref.db_code 
_struct_ref.pdbx_db_accession 
_struct_ref.pdbx_db_isoform 
_struct_ref.entity_id 
_struct_ref.pdbx_seq_one_letter_code 
_struct_ref.pdbx_align_begin 
1 PDB 8TAQ 8TAQ ? 1 ? 1 
2 PDB 8TAQ 8TAQ ? 2 ? 1 
3 PDB 8TAQ 8TAQ ? 3 ? 1 
4 PDB 8TAQ 8TAQ ? 4 ? 1 
# 
loop_
_struct_ref_seq.align_id 
_struct_ref_seq.ref_id 
_struct_ref_seq.pdbx_PDB_id_code 
_struct_ref_seq.pdbx_strand_id 
_struct_ref_seq.seq_align_beg 
_struct_ref_seq.pdbx_seq_align_beg_ins_code 
_struct_ref_seq.seq_align_end 
_struct_ref_seq.pdbx_seq_align_end_ins_code 
_struct_ref_seq.pdbx_db_accession 
_struct_ref_seq.db_align_beg 
_struct_ref_seq.pdbx_db_align_beg_ins_code 
_struct_ref_seq.db_align_end 
_struct_ref_seq.pdbx_db_align_end_ins_code 
_struct_ref_seq.pdbx_auth_seq_align_beg 
_struct_ref_seq.pdbx_auth_seq_align_end 
1 1 8TAQ A 1 ? 21 ? 8TAQ 1  ? 21 ? 1  21 
2 2 8TAQ B 1 ? 6  ? 8TAQ 0  ? 5  ? 0  5  
3 3 8TAQ C 1 ? 8  ? 8TAQ 1  ? 8  ? 1  8  
4 4 8TAQ D 1 ? 7  ? 8TAQ 10 ? 16 ? 10 16 
# 
loop_
_chem_comp.id 
_chem_comp.type 
_chem_comp.mon_nstd_flag 
_chem_comp.name 
_chem_comp.pdbx_synonyms 
_chem_comp.formula 
_chem_comp.formula_weight 
DA  'DNA linking' y "2'-DEOXYADENOSINE-5'-MONOPHOSPHATE"                                   ?               'C10 H14 N5 O6 P' 
331.222 
DC  'DNA linking' y "2'-DEOXYCYTIDINE-5'-MONOPHOSPHATE"                                    ?               'C9 H14 N3 O7 P'  
307.197 
DG  'DNA linking' y "2'-DEOXYGUANOSINE-5'-MONOPHOSPHATE"                                   ?               'C10 H14 N5 O7 P' 
347.221 
DT  'DNA linking' y "THYMIDINE-5'-MONOPHOSPHATE"                                           ?               'C10 H15 N2 O8 P' 
322.208 
HOH non-polymer   . WATER                                                                  ?               'H2 O'            
18.015  
HT1 non-polymer   . "2'-(4-ETHOXYPHENYL)-5-(4-METHYL-1-PIPERAZINYL)-2,5'-BI-BENZIMIDAZOLE" 'HOECHST 33342' 'C27 H28 N6 O'    
452.551 
MG  non-polymer   . 'MAGNESIUM ION'                                                        ?               'Mg 2'            
24.305  
# 
_exptl.absorpt_coefficient_mu     ? 
_exptl.absorpt_correction_T_max   ? 
_exptl.absorpt_correction_T_min   ? 
_exptl.absorpt_correction_type    ? 
_exptl.absorpt_process_details    ? 
_exptl.entry_id                   8TAQ 
_exptl.crystals_number            1 
_exptl.details                    ? 
_exptl.method                     'X-RAY DIFFRACTION' 
_exptl.method_details             ? 
# 
_exptl_crystal.colour                       ? 
_exptl_crystal.density_diffrn               ? 
_exptl_crystal.density_Matthews             6.07 
_exptl_crystal.density_method               ? 
_exptl_crystal.density_percent_sol          79.75 
_exptl_crystal.description                  ? 
_exptl_crystal.F_000                        ? 
_exptl_crystal.id                           1 
_exptl_crystal.preparation                  ? 
_exptl_crystal.size_max                     ? 
_exptl_crystal.size_mid                     ? 
_exptl_crystal.size_min                     ? 
_exptl_crystal.size_rad                     ? 
_exptl_crystal.colour_lustre                ? 
_exptl_crystal.colour_modifier              ? 
_exptl_crystal.colour_primary               ? 
_exptl_crystal.density_meas                 ? 
_exptl_crystal.density_meas_esd             ? 
_exptl_crystal.density_meas_gt              ? 
_exptl_crystal.density_meas_lt              ? 
_exptl_crystal.density_meas_temp            ? 
_exptl_crystal.density_meas_temp_esd        ? 
_exptl_crystal.density_meas_temp_gt         ? 
_exptl_crystal.density_meas_temp_lt         ? 
_exptl_crystal.pdbx_crystal_image_url       ? 
_exptl_crystal.pdbx_crystal_image_format    ? 
_exptl_crystal.pdbx_mosaicity               ? 
_exptl_crystal.pdbx_mosaicity_esd           ? 
_exptl_crystal.pdbx_mosaic_method           ? 
_exptl_crystal.pdbx_mosaic_block_size       ? 
_exptl_crystal.pdbx_mosaic_block_size_esd   ? 
# 
_exptl_crystal_grow.apparatus       ? 
_exptl_crystal_grow.atmosphere      ? 
_exptl_crystal_grow.crystal_id      1 
_exptl_crystal_grow.details         ? 
_exptl_crystal_grow.method          'VAPOR DIFFUSION, SITTING DROP' 
_exptl_crystal_grow.method_ref      ? 
_exptl_crystal_grow.pH              ? 
_exptl_crystal_grow.pressure        ? 
_exptl_crystal_grow.pressure_esd    ? 
_exptl_crystal_grow.seeding         ? 
_exptl_crystal_grow.seeding_ref     ? 
_exptl_crystal_grow.temp_details    'temperature gradient generated from 60 to 25 C at 0.3 degrees per hour' 
_exptl_crystal_grow.temp_esd        ? 
_exptl_crystal_grow.time            ? 
_exptl_crystal_grow.pdbx_details    
;0.5 mL of 0.05 M Na Cacodylate pH 6.0 with 200 mM MgCl2 and 2.5 M KCl was added to the reservoir with 2 uL added to the drop containing 4 uL of DNA stock.
;
_exptl_crystal_grow.pdbx_pH_range   ? 
_exptl_crystal_grow.temp            298 
# 
_diffrn.ambient_environment              ? 
_diffrn.ambient_temp                     100 
_diffrn.ambient_temp_details             ? 
_diffrn.ambient_temp_esd                 ? 
_diffrn.crystal_id                       1 
_diffrn.crystal_support                  ? 
_diffrn.crystal_treatment                ? 
_diffrn.details                          ? 
_diffrn.id                               1 
_diffrn.ambient_pressure                 ? 
_diffrn.ambient_pressure_esd             ? 
_diffrn.ambient_pressure_gt              ? 
_diffrn.ambient_pressure_lt              ? 
_diffrn.ambient_temp_gt                  ? 
_diffrn.ambient_temp_lt                  ? 
_diffrn.pdbx_serial_crystal_experiment   N 
# 
_diffrn_detector.details                      ? 
_diffrn_detector.detector                     PIXEL 
_diffrn_detector.diffrn_id                    1 
_diffrn_detector.type                         'DECTRIS PILATUS3 6M' 
_diffrn_detector.area_resol_mean              ? 
_diffrn_detector.dtime                        ? 
_diffrn_detector.pdbx_frames_total            ? 
_diffrn_detector.pdbx_collection_time_total   ? 
_diffrn_detector.pdbx_collection_date         2019-10-19 
_diffrn_detector.pdbx_frequency               ? 
_diffrn_detector.id                           ? 
_diffrn_detector.number_of_axes               ? 
# 
_diffrn_radiation.collimation                      ? 
_diffrn_radiation.diffrn_id                        1 
_diffrn_radiation.filter_edge                      ? 
_diffrn_radiation.inhomogeneity                    ? 
_diffrn_radiation.monochromator                    ? 
_diffrn_radiation.polarisn_norm                    ? 
_diffrn_radiation.polarisn_ratio                   ? 
_diffrn_radiation.probe                            ? 
_diffrn_radiation.type                             ? 
_diffrn_radiation.xray_symbol                      ? 
_diffrn_radiation.wavelength_id                    1 
_diffrn_radiation.pdbx_monochromatic_or_laue_m_l   M 
_diffrn_radiation.pdbx_wavelength_list             ? 
_diffrn_radiation.pdbx_wavelength                  ? 
_diffrn_radiation.pdbx_diffrn_protocol             'SINGLE WAVELENGTH' 
_diffrn_radiation.pdbx_analyzer                    ? 
_diffrn_radiation.pdbx_scattering_type             x-ray 
# 
_diffrn_radiation_wavelength.id           1 
_diffrn_radiation_wavelength.wavelength   0.92 
_diffrn_radiation_wavelength.wt           1.0 
# 
_diffrn_source.current                     ? 
_diffrn_source.details                     ? 
_diffrn_source.diffrn_id                   1 
_diffrn_source.power                       ? 
_diffrn_source.size                        ? 
_diffrn_source.source                      SYNCHROTRON 
_diffrn_source.target                      ? 
_diffrn_source.type                        'ALS BEAMLINE 5.0.2' 
_diffrn_source.voltage                     ? 
_diffrn_source.take-off_angle              ? 
_diffrn_source.pdbx_wavelength_list        0.92 
_diffrn_source.pdbx_wavelength             ? 
_diffrn_source.pdbx_synchrotron_beamline   5.0.2 
_diffrn_source.pdbx_synchrotron_site       ALS 
# 
_reflns.B_iso_Wilson_estimate                          ? 
_reflns.entry_id                                       8TAQ 
_reflns.data_reduction_details                         ? 
_reflns.data_reduction_method                          ? 
_reflns.d_resolution_high                              2.95 
_reflns.d_resolution_low                               50.00 
_reflns.details                                        ? 
_reflns.limit_h_max                                    ? 
_reflns.limit_h_min                                    ? 
_reflns.limit_k_max                                    ? 
_reflns.limit_k_min                                    ? 
_reflns.limit_l_max                                    ? 
_reflns.limit_l_min                                    ? 
_reflns.number_all                                     ? 
_reflns.number_obs                                     5913 
_reflns.observed_criterion                             ? 
_reflns.observed_criterion_F_max                       ? 
_reflns.observed_criterion_F_min                       ? 
_reflns.observed_criterion_I_max                       ? 
_reflns.observed_criterion_I_min                       ? 
_reflns.observed_criterion_sigma_F                     ? 
_reflns.observed_criterion_sigma_I                     ? 
_reflns.percent_possible_obs                           93.1 
_reflns.R_free_details                                 ? 
_reflns.Rmerge_F_all                                   ? 
_reflns.Rmerge_F_obs                                   ? 
_reflns.Friedel_coverage                               ? 
_reflns.number_gt                                      ? 
_reflns.threshold_expression                           ? 
_reflns.pdbx_redundancy                                10.7 
_reflns.pdbx_netI_over_av_sigmaI                       ? 
_reflns.pdbx_netI_over_sigmaI                          11.4 
_reflns.pdbx_res_netI_over_av_sigmaI_2                 ? 
_reflns.pdbx_res_netI_over_sigmaI_2                    ? 
_reflns.pdbx_chi_squared                               1.955 
_reflns.pdbx_scaling_rejects                           ? 
_reflns.pdbx_d_res_high_opt                            ? 
_reflns.pdbx_d_res_low_opt                             ? 
_reflns.pdbx_d_res_opt_method                          ? 
_reflns.phase_calculation_details                      ? 
_reflns.pdbx_Rrim_I_all                                0.081 
_reflns.pdbx_Rpim_I_all                                0.024 
_reflns.pdbx_d_opt                                     ? 
_reflns.pdbx_number_measured_all                       ? 
_reflns.pdbx_diffrn_id                                 1 
_reflns.pdbx_ordinal                                   1 
_reflns.pdbx_CC_half                                   1.0 
_reflns.pdbx_CC_star                                   ? 
_reflns.pdbx_R_split                                   ? 
_reflns.pdbx_Rmerge_I_obs                              0.077 
_reflns.pdbx_Rmerge_I_all                              ? 
_reflns.pdbx_Rsym_value                                ? 
_reflns.pdbx_CC_split_method                           ? 
_reflns.pdbx_aniso_diffraction_limit_axis_1_ortho[1]   ? 
_reflns.pdbx_aniso_diffraction_limit_axis_1_ortho[2]   ? 
_reflns.pdbx_aniso_diffraction_limit_axis_1_ortho[3]   ? 
_reflns.pdbx_aniso_diffraction_limit_axis_2_ortho[1]   ? 
_reflns.pdbx_aniso_diffraction_limit_axis_2_ortho[2]   ? 
_reflns.pdbx_aniso_diffraction_limit_axis_2_ortho[3]   ? 
_reflns.pdbx_aniso_diffraction_limit_axis_3_ortho[1]   ? 
_reflns.pdbx_aniso_diffraction_limit_axis_3_ortho[2]   ? 
_reflns.pdbx_aniso_diffraction_limit_axis_3_ortho[3]   ? 
_reflns.pdbx_aniso_diffraction_limit_1                 ? 
_reflns.pdbx_aniso_diffraction_limit_2                 ? 
_reflns.pdbx_aniso_diffraction_limit_3                 ? 
_reflns.pdbx_aniso_B_tensor_eigenvector_1_ortho[1]     ? 
_reflns.pdbx_aniso_B_tensor_eigenvector_1_ortho[2]     ? 
_reflns.pdbx_aniso_B_tensor_eigenvector_1_ortho[3]     ? 
_reflns.pdbx_aniso_B_tensor_eigenvector_2_ortho[1]     ? 
_reflns.pdbx_aniso_B_tensor_eigenvector_2_ortho[2]     ? 
_reflns.pdbx_aniso_B_tensor_eigenvector_2_ortho[3]     ? 
_reflns.pdbx_aniso_B_tensor_eigenvector_3_ortho[1]     ? 
_reflns.pdbx_aniso_B_tensor_eigenvector_3_ortho[2]     ? 
_reflns.pdbx_aniso_B_tensor_eigenvector_3_ortho[3]     ? 
_reflns.pdbx_aniso_B_tensor_eigenvalue_1               ? 
_reflns.pdbx_aniso_B_tensor_eigenvalue_2               ? 
_reflns.pdbx_aniso_B_tensor_eigenvalue_3               ? 
_reflns.pdbx_orthogonalization_convention              ? 
_reflns.pdbx_percent_possible_ellipsoidal              ? 
_reflns.pdbx_percent_possible_spherical                ? 
_reflns.pdbx_percent_possible_ellipsoidal_anomalous    ? 
_reflns.pdbx_percent_possible_spherical_anomalous      ? 
_reflns.pdbx_redundancy_anomalous                      ? 
_reflns.pdbx_CC_half_anomalous                         ? 
_reflns.pdbx_absDiff_over_sigma_anomalous              ? 
_reflns.pdbx_percent_possible_anomalous                ? 
_reflns.pdbx_observed_signal_threshold                 ? 
_reflns.pdbx_signal_type                               ? 
_reflns.pdbx_signal_details                            ? 
_reflns.pdbx_signal_software_id                        ? 
# 
loop_
_reflns_shell.d_res_high 
_reflns_shell.d_res_low 
_reflns_shell.meanI_over_sigI_all 
_reflns_shell.meanI_over_sigI_obs 
_reflns_shell.number_measured_all 
_reflns_shell.number_measured_obs 
_reflns_shell.number_possible 
_reflns_shell.number_unique_all 
_reflns_shell.number_unique_obs 
_reflns_shell.percent_possible_obs 
_reflns_shell.Rmerge_F_all 
_reflns_shell.Rmerge_F_obs 
_reflns_shell.meanI_over_sigI_gt 
_reflns_shell.meanI_over_uI_all 
_reflns_shell.meanI_over_uI_gt 
_reflns_shell.number_measured_gt 
_reflns_shell.number_unique_gt 
_reflns_shell.percent_possible_gt 
_reflns_shell.Rmerge_F_gt 
_reflns_shell.Rmerge_I_gt 
_reflns_shell.pdbx_redundancy 
_reflns_shell.pdbx_chi_squared 
_reflns_shell.pdbx_netI_over_sigmaI_all 
_reflns_shell.pdbx_netI_over_sigmaI_obs 
_reflns_shell.pdbx_Rrim_I_all 
_reflns_shell.pdbx_Rpim_I_all 
_reflns_shell.pdbx_rejects 
_reflns_shell.pdbx_ordinal 
_reflns_shell.pdbx_diffrn_id 
_reflns_shell.pdbx_CC_half 
_reflns_shell.pdbx_CC_star 
_reflns_shell.pdbx_R_split 
_reflns_shell.percent_possible_all 
_reflns_shell.Rmerge_I_all 
_reflns_shell.Rmerge_I_obs 
_reflns_shell.pdbx_Rsym_value 
_reflns_shell.pdbx_percent_possible_ellipsoidal 
_reflns_shell.pdbx_percent_possible_spherical 
_reflns_shell.pdbx_percent_possible_ellipsoidal_anomalous 
_reflns_shell.pdbx_percent_possible_spherical_anomalous 
_reflns_shell.pdbx_redundancy_anomalous 
_reflns_shell.pdbx_CC_half_anomalous 
_reflns_shell.pdbx_absDiff_over_sigma_anomalous 
_reflns_shell.pdbx_percent_possible_anomalous 
2.95 3.00  ? ? ? ? ? ? 236 ? ? ? ? ? ? ? ? ? ? ? 9.4  0.950 ? ? 0.779 0.239 ? 1  1 0.918 0.978 ? 69.8  ? 0.739 ? ? ? ? ? ? ? ? ? 
3.00 3.06  ? ? ? ? ? ? 218 ? ? ? ? ? ? ? ? ? ? ? 9.5  1.018 ? ? 0.779 0.239 ? 2  1 0.925 0.980 ? 73.2  ? 0.739 ? ? ? ? ? ? ? ? ? 
3.06 3.11  ? ? ? ? ? ? 245 ? ? ? ? ? ? ? ? ? ? ? 9.2  1.072 ? ? 0.287 0.088 ? 3  1 0.994 0.998 ? 75.6  ? 0.273 ? ? ? ? ? ? ? ? ? 
3.11 3.18  ? ? ? ? ? ? 259 ? ? ? ? ? ? ? ? ? ? ? 9.5  1.226 ? ? 0.155 0.047 ? 4  1 0.999 1.000 ? 81.7  ? 0.147 ? ? ? ? ? ? ? ? ? 
3.18 3.25  ? ? ? ? ? ? 255 ? ? ? ? ? ? ? ? ? ? ? 9.4  1.550 ? ? 0.080 0.024 ? 5  1 0.999 1.000 ? 83.3  ? 0.076 ? ? ? ? ? ? ? ? ? 
3.25 3.32  ? ? ? ? ? ? 303 ? ? ? ? ? ? ? ? ? ? ? 9.7  1.399 ? ? 0.080 0.024 ? 6  1 0.999 1.000 ? 90.4  ? 0.077 ? ? ? ? ? ? ? ? ? 
3.32 3.41  ? ? ? ? ? ? 292 ? ? ? ? ? ? ? ? ? ? ? 9.6  1.680 ? ? 0.100 0.030 ? 7  1 0.999 1.000 ? 95.7  ? 0.095 ? ? ? ? ? ? ? ? ? 
3.41 3.50  ? ? ? ? ? ? 304 ? ? ? ? ? ? ? ? ? ? ? 10.1 1.977 ? ? 0.104 0.031 ? 8  1 0.998 0.999 ? 97.7  ? 0.100 ? ? ? ? ? ? ? ? ? 
3.50 3.60  ? ? ? ? ? ? 314 ? ? ? ? ? ? ? ? ? ? ? 10.5 1.385 ? ? 0.113 0.034 ? 9  1 0.998 1.000 ? 97.5  ? 0.108 ? ? ? ? ? ? ? ? ? 
3.60 3.72  ? ? ? ? ? ? 320 ? ? ? ? ? ? ? ? ? ? ? 10.9 1.834 ? ? 0.155 0.046 ? 10 1 0.998 0.999 ? 100.0 ? 0.148 ? ? ? ? ? ? ? ? ? 
3.72 3.85  ? ? ? ? ? ? 314 ? ? ? ? ? ? ? ? ? ? ? 11.2 1.518 ? ? 0.122 0.036 ? 11 1 0.998 0.999 ? 99.7  ? 0.117 ? ? ? ? ? ? ? ? ? 
3.85 4.00  ? ? ? ? ? ? 321 ? ? ? ? ? ? ? ? ? ? ? 11.4 1.966 ? ? 0.140 0.041 ? 12 1 0.998 0.999 ? 100.0 ? 0.133 ? ? ? ? ? ? ? ? ? 
4.00 4.19  ? ? ? ? ? ? 295 ? ? ? ? ? ? ? ? ? ? ? 11.5 1.745 ? ? 0.100 0.030 ? 13 1 0.999 1.000 ? 100.0 ? 0.096 ? ? ? ? ? ? ? ? ? 
4.19 4.41  ? ? ? ? ? ? 335 ? ? ? ? ? ? ? ? ? ? ? 11.6 1.985 ? ? 0.103 0.030 ? 14 1 0.997 0.999 ? 100.0 ? 0.099 ? ? ? ? ? ? ? ? ? 
4.41 4.68  ? ? ? ? ? ? 319 ? ? ? ? ? ? ? ? ? ? ? 11.7 1.990 ? ? 0.105 0.031 ? 15 1 0.997 0.999 ? 100.0 ? 0.101 ? ? ? ? ? ? ? ? ? 
4.68 5.04  ? ? ? ? ? ? 307 ? ? ? ? ? ? ? ? ? ? ? 11.6 2.555 ? ? 0.100 0.029 ? 16 1 0.996 0.999 ? 100.0 ? 0.095 ? ? ? ? ? ? ? ? ? 
5.04 5.55  ? ? ? ? ? ? 324 ? ? ? ? ? ? ? ? ? ? ? 11.6 3.369 ? ? 0.091 0.027 ? 17 1 0.998 0.999 ? 100.0 ? 0.087 ? ? ? ? ? ? ? ? ? 
5.55 6.35  ? ? ? ? ? ? 332 ? ? ? ? ? ? ? ? ? ? ? 11.5 3.247 ? ? 0.083 0.024 ? 18 1 0.995 0.999 ? 100.0 ? 0.079 ? ? ? ? ? ? ? ? ? 
6.35 8.00  ? ? ? ? ? ? 308 ? ? ? ? ? ? ? ? ? ? ? 11.2 1.979 ? ? 0.053 0.016 ? 19 1 0.998 1.000 ? 100.0 ? 0.050 ? ? ? ? ? ? ? ? ? 
8.00 50.00 ? ? ? ? ? ? 312 ? ? ? ? ? ? ? ? ? ? ? 11.7 2.725 ? ? 0.056 0.017 ? 20 1 0.999 1.000 ? 98.1  ? 0.054 ? ? ? ? ? ? ? ? ? 
# 
_refine.aniso_B[1][1]                            ? 
_refine.aniso_B[1][2]                            ? 
_refine.aniso_B[1][3]                            ? 
_refine.aniso_B[2][2]                            ? 
_refine.aniso_B[2][3]                            ? 
_refine.aniso_B[3][3]                            ? 
_refine.B_iso_max                                ? 
_refine.B_iso_mean                               ? 
_refine.B_iso_min                                ? 
_refine.correlation_coeff_Fo_to_Fc               ? 
_refine.correlation_coeff_Fo_to_Fc_free          ? 
_refine.details                                  ? 
_refine.diff_density_max                         ? 
_refine.diff_density_max_esd                     ? 
_refine.diff_density_min                         ? 
_refine.diff_density_min_esd                     ? 
_refine.diff_density_rms                         ? 
_refine.diff_density_rms_esd                     ? 
_refine.entry_id                                 8TAQ 
_refine.pdbx_refine_id                           'X-RAY DIFFRACTION' 
_refine.ls_abs_structure_details                 ? 
_refine.ls_abs_structure_Flack                   ? 
_refine.ls_abs_structure_Flack_esd               ? 
_refine.ls_abs_structure_Rogers                  ? 
_refine.ls_abs_structure_Rogers_esd              ? 
_refine.ls_d_res_high                            2.951 
_refine.ls_d_res_low                             34.443 
_refine.ls_extinction_coef                       ? 
_refine.ls_extinction_coef_esd                   ? 
_refine.ls_extinction_expression                 ? 
_refine.ls_extinction_method                     ? 
_refine.ls_goodness_of_fit_all                   ? 
_refine.ls_goodness_of_fit_all_esd               ? 
_refine.ls_goodness_of_fit_obs                   ? 
_refine.ls_goodness_of_fit_obs_esd               ? 
_refine.ls_hydrogen_treatment                    ? 
_refine.ls_matrix_type                           ? 
_refine.ls_number_constraints                    ? 
_refine.ls_number_parameters                     ? 
_refine.ls_number_reflns_all                     ? 
_refine.ls_number_reflns_obs                     5792 
_refine.ls_number_reflns_R_free                  309 
_refine.ls_number_reflns_R_work                  ? 
_refine.ls_number_restraints                     ? 
_refine.ls_percent_reflns_obs                    91.41 
_refine.ls_percent_reflns_R_free                 5.33 
_refine.ls_R_factor_all                          ? 
_refine.ls_R_factor_obs                          0.2456 
_refine.ls_R_factor_R_free                       0.2594 
_refine.ls_R_factor_R_free_error                 ? 
_refine.ls_R_factor_R_free_error_details         ? 
_refine.ls_R_factor_R_work                       0.2448 
_refine.ls_R_Fsqd_factor_obs                     ? 
_refine.ls_R_I_factor_obs                        ? 
_refine.ls_redundancy_reflns_all                 ? 
_refine.ls_redundancy_reflns_obs                 ? 
_refine.ls_restrained_S_all                      ? 
_refine.ls_restrained_S_obs                      ? 
_refine.ls_shift_over_esd_max                    ? 
_refine.ls_shift_over_esd_mean                   ? 
_refine.ls_structure_factor_coef                 ? 
_refine.ls_weighting_details                     ? 
_refine.ls_weighting_scheme                      ? 
_refine.ls_wR_factor_all                         ? 
_refine.ls_wR_factor_obs                         ? 
_refine.ls_wR_factor_R_free                      ? 
_refine.ls_wR_factor_R_work                      ? 
_refine.occupancy_max                            ? 
_refine.occupancy_min                            ? 
_refine.solvent_model_details                    'FLAT BULK SOLVENT MODEL' 
_refine.solvent_model_param_bsol                 ? 
_refine.solvent_model_param_ksol                 ? 
_refine.pdbx_R_complete                          ? 
_refine.ls_R_factor_gt                           ? 
_refine.ls_goodness_of_fit_gt                    ? 
_refine.ls_goodness_of_fit_ref                   ? 
_refine.ls_shift_over_su_max                     ? 
_refine.ls_shift_over_su_max_lt                  ? 
_refine.ls_shift_over_su_mean                    ? 
_refine.ls_shift_over_su_mean_lt                 ? 
_refine.pdbx_ls_sigma_I                          ? 
_refine.pdbx_ls_sigma_F                          2.00 
_refine.pdbx_ls_sigma_Fsqd                       ? 
_refine.pdbx_data_cutoff_high_absF               ? 
_refine.pdbx_data_cutoff_high_rms_absF           ? 
_refine.pdbx_data_cutoff_low_absF                ? 
_refine.pdbx_isotropic_thermal_model             ? 
_refine.pdbx_ls_cross_valid_method               THROUGHOUT 
_refine.pdbx_method_to_determine_struct          'MOLECULAR REPLACEMENT' 
_refine.pdbx_starting_model                      ? 
_refine.pdbx_stereochemistry_target_values       ML 
_refine.pdbx_R_Free_selection_details            ? 
_refine.pdbx_stereochem_target_val_spec_case     ? 
_refine.pdbx_overall_ESU_R                       ? 
_refine.pdbx_overall_ESU_R_Free                  ? 
_refine.pdbx_solvent_vdw_probe_radii             1.11 
_refine.pdbx_solvent_ion_probe_radii             ? 
_refine.pdbx_solvent_shrinkage_radii             0.90 
_refine.pdbx_real_space_R                        ? 
_refine.pdbx_density_correlation                 ? 
_refine.pdbx_pd_number_of_powder_patterns        ? 
_refine.pdbx_pd_number_of_points                 ? 
_refine.pdbx_pd_meas_number_of_points            ? 
_refine.pdbx_pd_proc_ls_prof_R_factor            ? 
_refine.pdbx_pd_proc_ls_prof_wR_factor           ? 
_refine.pdbx_pd_Marquardt_correlation_coeff      ? 
_refine.pdbx_pd_Fsqrd_R_factor                   ? 
_refine.pdbx_pd_ls_matrix_band_width             ? 
_refine.pdbx_overall_phase_error                 39.14 
_refine.pdbx_overall_SU_R_free_Cruickshank_DPI   ? 
_refine.pdbx_overall_SU_R_free_Blow_DPI          ? 
_refine.pdbx_overall_SU_R_Blow_DPI               ? 
_refine.pdbx_TLS_residual_ADP_flag               ? 
_refine.pdbx_diffrn_id                           1 
_refine.overall_SU_B                             ? 
_refine.overall_SU_ML                            0.23 
_refine.overall_SU_R_Cruickshank_DPI             ? 
_refine.overall_SU_R_free                        ? 
_refine.overall_FOM_free_R_set                   ? 
_refine.overall_FOM_work_R_set                   ? 
_refine.pdbx_average_fsc_overall                 ? 
_refine.pdbx_average_fsc_work                    ? 
_refine.pdbx_average_fsc_free                    ? 
# 
_refine_hist.pdbx_refine_id                   'X-RAY DIFFRACTION' 
_refine_hist.cycle_id                         LAST 
_refine_hist.pdbx_number_atoms_protein        0 
_refine_hist.pdbx_number_atoms_nucleic_acid   855 
_refine_hist.pdbx_number_atoms_ligand         36 
_refine_hist.number_atoms_solvent             3 
_refine_hist.number_atoms_total               894 
_refine_hist.d_res_high                       2.951 
_refine_hist.d_res_low                        34.443 
# 
loop_
_refine_ls_restr.pdbx_refine_id 
_refine_ls_restr.criterion 
_refine_ls_restr.dev_ideal 
_refine_ls_restr.dev_ideal_target 
_refine_ls_restr.number 
_refine_ls_restr.rejects 
_refine_ls_restr.type 
_refine_ls_restr.weight 
_refine_ls_restr.pdbx_restraint_function 
'X-RAY DIFFRACTION' ? 0.005  ? 995  ? f_bond_d           ? ? 
'X-RAY DIFFRACTION' ? 0.856  ? 1523 ? f_angle_d          ? ? 
'X-RAY DIFFRACTION' ? 33.431 ? 416  ? f_dihedral_angle_d ? ? 
'X-RAY DIFFRACTION' ? 0.040  ? 166  ? f_chiral_restr     ? ? 
'X-RAY DIFFRACTION' ? 0.004  ? 45   ? f_plane_restr      ? ? 
# 
loop_
_refine_ls_shell.pdbx_refine_id 
_refine_ls_shell.d_res_high 
_refine_ls_shell.d_res_low 
_refine_ls_shell.number_reflns_all 
_refine_ls_shell.number_reflns_obs 
_refine_ls_shell.number_reflns_R_free 
_refine_ls_shell.number_reflns_R_work 
_refine_ls_shell.percent_reflns_obs 
_refine_ls_shell.percent_reflns_R_free 
_refine_ls_shell.R_factor_all 
_refine_ls_shell.R_factor_obs 
_refine_ls_shell.R_factor_R_free_error 
_refine_ls_shell.R_factor_R_work 
_refine_ls_shell.redundancy_reflns_all 
_refine_ls_shell.redundancy_reflns_obs 
_refine_ls_shell.wR_factor_all 
_refine_ls_shell.wR_factor_obs 
_refine_ls_shell.wR_factor_R_free 
_refine_ls_shell.wR_factor_R_work 
_refine_ls_shell.pdbx_R_complete 
_refine_ls_shell.pdbx_total_number_of_bins_used 
_refine_ls_shell.pdbx_phase_error 
_refine_ls_shell.pdbx_fsc_work 
_refine_ls_shell.pdbx_fsc_free 
_refine_ls_shell.R_factor_R_free 
'X-RAY DIFFRACTION' 2.9512 3.7175 . . 142 2491 83.00  . . . . 0.2858 . . . . . . . . . . . 0.3176 
'X-RAY DIFFRACTION' 3.7175 34.443 . . 167 2992 100.00 . . . . 0.2320 . . . . . . . . . . . 0.2413 
# 
_struct.entry_id                     8TAQ 
_struct.title                        
;Sequence specific (AATT) orientation of Hoechst molecules at a unique minor groove binding site (position2) within a self-assembled 3D DNA lattice (4x6)
;
_struct.pdbx_model_details           ? 
_struct.pdbx_formula_weight          ? 
_struct.pdbx_formula_weight_method   ? 
_struct.pdbx_model_type_details      ? 
_struct.pdbx_CASP_flag               N 
# 
_struct_keywords.entry_id        8TAQ 
_struct_keywords.text            
;Self-Assembly, DNA Nanotechnology, DNA Scaffold, Crystal Lattice, DNA, Minor Groove Binders, Netropsin, DAPI, Hoechst, ImPyPy, polyamide, host-guest
;
_struct_keywords.pdbx_keywords   DNA 
# 
loop_
_struct_asym.id 
_struct_asym.pdbx_blank_PDB_chainid_flag 
_struct_asym.pdbx_modified 
_struct_asym.entity_id 
_struct_asym.details 
A N N 1 ? 
B N N 2 ? 
C N N 3 ? 
D N N 4 ? 
E N N 5 ? 
F N N 6 ? 
G N N 5 ? 
H N N 7 ? 
I N N 7 ? 
J N N 7 ? 
# 
loop_
_struct_conn.id 
_struct_conn.conn_type_id 
_struct_conn.pdbx_leaving_atom_flag 
_struct_conn.pdbx_PDB_id 
_struct_conn.ptnr1_label_asym_id 
_struct_conn.ptnr1_label_comp_id 
_struct_conn.ptnr1_label_seq_id 
_struct_conn.ptnr1_label_atom_id 
_struct_conn.pdbx_ptnr1_label_alt_id 
_struct_conn.pdbx_ptnr1_PDB_ins_code 
_struct_conn.pdbx_ptnr1_standard_comp_id 
_struct_conn.ptnr1_symmetry 
_struct_conn.ptnr2_label_asym_id 
_struct_conn.ptnr2_label_comp_id 
_struct_conn.ptnr2_label_seq_id 
_struct_conn.ptnr2_label_atom_id 
_struct_conn.pdbx_ptnr2_label_alt_id 
_struct_conn.pdbx_ptnr2_PDB_ins_code 
_struct_conn.ptnr1_auth_asym_id 
_struct_conn.ptnr1_auth_comp_id 
_struct_conn.ptnr1_auth_seq_id 
_struct_conn.ptnr2_auth_asym_id 
_struct_conn.ptnr2_auth_comp_id 
_struct_conn.ptnr2_auth_seq_id 
_struct_conn.ptnr2_symmetry 
_struct_conn.pdbx_ptnr3_label_atom_id 
_struct_conn.pdbx_ptnr3_label_seq_id 
_struct_conn.pdbx_ptnr3_label_comp_id 
_struct_conn.pdbx_ptnr3_label_asym_id 
_struct_conn.pdbx_ptnr3_label_alt_id 
_struct_conn.pdbx_ptnr3_PDB_ins_code 
_struct_conn.details 
_struct_conn.pdbx_dist_value 
_struct_conn.pdbx_value_order 
_struct_conn.pdbx_role 
hydrog1  hydrog ? ? A DG 3  N1 ? ? ? 1_555 D DC 7 N3 ? ? A DG 3  D DC 16 1_555 ? ? ? ? ? ? WATSON-CRICK ? ? ? 
hydrog2  hydrog ? ? A DG 3  N2 ? ? ? 1_555 D DC 7 O2 ? ? A DG 3  D DC 16 1_555 ? ? ? ? ? ? WATSON-CRICK ? ? ? 
hydrog3  hydrog ? ? A DG 3  O6 ? ? ? 1_555 D DC 7 N4 ? ? A DG 3  D DC 16 1_555 ? ? ? ? ? ? WATSON-CRICK ? ? ? 
hydrog4  hydrog ? ? A DC 4  N4 ? ? ? 1_555 D DG 6 O6 ? ? A DC 4  D DG 15 1_555 ? ? ? ? ? ? 'DC-DG PAIR' ? ? ? 
hydrog5  hydrog ? ? A DA 5  N1 ? ? ? 1_555 D DT 5 N3 ? ? A DA 5  D DT 14 1_555 ? ? ? ? ? ? WATSON-CRICK ? ? ? 
hydrog6  hydrog ? ? A DA 5  N6 ? ? ? 1_555 D DT 5 O4 ? ? A DA 5  D DT 14 1_555 ? ? ? ? ? ? WATSON-CRICK ? ? ? 
hydrog7  hydrog ? ? A DG 6  N1 ? ? ? 1_555 D DC 4 N3 ? ? A DG 6  D DC 13 1_555 ? ? ? ? ? ? WATSON-CRICK ? ? ? 
hydrog8  hydrog ? ? A DG 6  N2 ? ? ? 1_555 D DC 4 O2 ? ? A DG 6  D DC 13 1_555 ? ? ? ? ? ? WATSON-CRICK ? ? ? 
hydrog9  hydrog ? ? A DG 6  O6 ? ? ? 1_555 D DC 4 N4 ? ? A DG 6  D DC 13 1_555 ? ? ? ? ? ? WATSON-CRICK ? ? ? 
hydrog10 hydrog ? ? A DA 7  N1 ? ? ? 1_555 D DT 3 N3 ? ? A DA 7  D DT 12 1_555 ? ? ? ? ? ? WATSON-CRICK ? ? ? 
hydrog11 hydrog ? ? A DA 7  N6 ? ? ? 1_555 D DT 3 O4 ? ? A DA 7  D DT 12 1_555 ? ? ? ? ? ? WATSON-CRICK ? ? ? 
hydrog12 hydrog ? ? A DC 8  N3 ? ? ? 1_555 D DG 2 N1 ? ? A DC 8  D DG 11 1_555 ? ? ? ? ? ? WATSON-CRICK ? ? ? 
hydrog13 hydrog ? ? A DC 8  N4 ? ? ? 1_555 D DG 2 O6 ? ? A DC 8  D DG 11 1_555 ? ? ? ? ? ? WATSON-CRICK ? ? ? 
hydrog14 hydrog ? ? A DC 8  O2 ? ? ? 1_555 D DG 2 N2 ? ? A DC 8  D DG 11 1_555 ? ? ? ? ? ? WATSON-CRICK ? ? ? 
hydrog15 hydrog ? ? A DC 9  N3 ? ? ? 1_555 D DG 1 N1 ? ? A DC 9  D DG 10 1_555 ? ? ? ? ? ? WATSON-CRICK ? ? ? 
hydrog16 hydrog ? ? A DC 9  N4 ? ? ? 1_555 D DG 1 O6 ? ? A DC 9  D DG 10 1_555 ? ? ? ? ? ? WATSON-CRICK ? ? ? 
hydrog17 hydrog ? ? A DC 9  O2 ? ? ? 1_555 D DG 1 N2 ? ? A DC 9  D DG 10 1_555 ? ? ? ? ? ? WATSON-CRICK ? ? ? 
hydrog18 hydrog ? ? A DT 10 N3 ? ? ? 1_555 B DA 6 N1 ? ? A DT 10 B DA 5  1_555 ? ? ? ? ? ? WATSON-CRICK ? ? ? 
hydrog19 hydrog ? ? A DT 10 O4 ? ? ? 1_555 B DA 6 N6 ? ? A DT 10 B DA 5  1_555 ? ? ? ? ? ? WATSON-CRICK ? ? ? 
hydrog20 hydrog ? ? A DG 11 N1 ? ? ? 1_555 B DC 5 N3 ? ? A DG 11 B DC 4  1_555 ? ? ? ? ? ? WATSON-CRICK ? ? ? 
hydrog21 hydrog ? ? A DG 11 N2 ? ? ? 1_555 B DC 5 O2 ? ? A DG 11 B DC 4  1_555 ? ? ? ? ? ? WATSON-CRICK ? ? ? 
hydrog22 hydrog ? ? A DG 11 O6 ? ? ? 1_555 B DC 5 N4 ? ? A DG 11 B DC 4  1_555 ? ? ? ? ? ? WATSON-CRICK ? ? ? 
hydrog23 hydrog ? ? A DA 12 N1 ? ? ? 1_555 B DT 4 N3 ? ? A DA 12 B DT 3  1_555 ? ? ? ? ? ? WATSON-CRICK ? ? ? 
hydrog24 hydrog ? ? A DA 12 N6 ? ? ? 1_555 B DT 4 O4 ? ? A DA 12 B DT 3  1_555 ? ? ? ? ? ? WATSON-CRICK ? ? ? 
hydrog25 hydrog ? ? A DC 13 N3 ? ? ? 1_555 B DG 3 N1 ? ? A DC 13 B DG 2  1_555 ? ? ? ? ? ? WATSON-CRICK ? ? ? 
hydrog26 hydrog ? ? A DC 13 N4 ? ? ? 1_555 B DG 3 O6 ? ? A DC 13 B DG 2  1_555 ? ? ? ? ? ? WATSON-CRICK ? ? ? 
hydrog27 hydrog ? ? A DC 13 O2 ? ? ? 1_555 B DG 3 N2 ? ? A DC 13 B DG 2  1_555 ? ? ? ? ? ? WATSON-CRICK ? ? ? 
hydrog28 hydrog ? ? A DG 14 N1 ? ? ? 1_555 B DC 2 N3 ? ? A DG 14 B DC 1  1_555 ? ? ? ? ? ? WATSON-CRICK ? ? ? 
hydrog29 hydrog ? ? A DG 14 N2 ? ? ? 1_555 B DC 2 O2 ? ? A DG 14 B DC 1  1_555 ? ? ? ? ? ? WATSON-CRICK ? ? ? 
hydrog30 hydrog ? ? A DG 14 O6 ? ? ? 1_555 B DC 2 N4 ? ? A DG 14 B DC 1  1_555 ? ? ? ? ? ? WATSON-CRICK ? ? ? 
hydrog31 hydrog ? ? A DG 15 N1 ? ? ? 1_555 B DC 1 N3 ? ? A DG 15 B DC 0  1_555 ? ? ? ? ? ? WATSON-CRICK ? ? ? 
hydrog32 hydrog ? ? A DG 15 N2 ? ? ? 1_555 B DC 1 O2 ? ? A DG 15 B DC 0  1_555 ? ? ? ? ? ? WATSON-CRICK ? ? ? 
hydrog33 hydrog ? ? A DG 15 O6 ? ? ? 1_555 B DC 1 N4 ? ? A DG 15 B DC 0  1_555 ? ? ? ? ? ? WATSON-CRICK ? ? ? 
hydrog34 hydrog ? ? A DA 16 N1 ? ? ? 1_555 C DT 8 N3 ? ? A DA 16 C DT 8  1_555 ? ? ? ? ? ? WATSON-CRICK ? ? ? 
hydrog35 hydrog ? ? A DA 16 N6 ? ? ? 1_555 C DT 8 O4 ? ? A DA 16 C DT 8  1_555 ? ? ? ? ? ? WATSON-CRICK ? ? ? 
hydrog36 hydrog ? ? A DA 17 N1 ? ? ? 1_555 C DT 7 N3 ? ? A DA 17 C DT 7  1_555 ? ? ? ? ? ? WATSON-CRICK ? ? ? 
hydrog37 hydrog ? ? A DA 17 N6 ? ? ? 1_555 C DT 7 O4 ? ? A DA 17 C DT 7  1_555 ? ? ? ? ? ? WATSON-CRICK ? ? ? 
hydrog38 hydrog ? ? A DA 18 N1 ? ? ? 1_555 C DT 6 N3 ? ? A DA 18 C DT 6  1_555 ? ? ? ? ? ? WATSON-CRICK ? ? ? 
hydrog39 hydrog ? ? A DA 18 N6 ? ? ? 1_555 C DT 6 O4 ? ? A DA 18 C DT 6  1_555 ? ? ? ? ? ? WATSON-CRICK ? ? ? 
hydrog40 hydrog ? ? A DT 19 N3 ? ? ? 1_555 C DA 5 N1 ? ? A DT 19 C DA 5  1_555 ? ? ? ? ? ? WATSON-CRICK ? ? ? 
hydrog41 hydrog ? ? A DT 19 O4 ? ? ? 1_555 C DA 5 N6 ? ? A DT 19 C DA 5  1_555 ? ? ? ? ? ? WATSON-CRICK ? ? ? 
hydrog42 hydrog ? ? A DT 20 N3 ? ? ? 1_555 C DA 4 N1 ? ? A DT 20 C DA 4  1_555 ? ? ? ? ? ? WATSON-CRICK ? ? ? 
hydrog43 hydrog ? ? A DT 20 O4 ? ? ? 1_555 C DA 4 N6 ? ? A DT 20 C DA 4  1_555 ? ? ? ? ? ? WATSON-CRICK ? ? ? 
hydrog44 hydrog ? ? A DA 21 N1 ? ? ? 1_555 C DT 3 N3 ? ? A DA 21 C DT 3  1_555 ? ? ? ? ? ? WATSON-CRICK ? ? ? 
hydrog45 hydrog ? ? A DA 21 N6 ? ? ? 1_555 C DT 3 O4 ? ? A DA 21 C DT 3  1_555 ? ? ? ? ? ? WATSON-CRICK ? ? ? 
# 
_struct_conn_type.id          hydrog 
_struct_conn_type.criteria    ? 
_struct_conn_type.reference   ? 
# 
_atom_sites.entry_id                    8TAQ 
_atom_sites.Cartn_transf_matrix[1][1]   ? 
_atom_sites.Cartn_transf_matrix[1][2]   ? 
_atom_sites.Cartn_transf_matrix[1][3]   ? 
_atom_sites.Cartn_transf_matrix[2][1]   ? 
_atom_sites.Cartn_transf_matrix[2][2]   ? 
_atom_sites.Cartn_transf_matrix[2][3]   ? 
_atom_sites.Cartn_transf_matrix[3][1]   ? 
_atom_sites.Cartn_transf_matrix[3][2]   ? 
_atom_sites.Cartn_transf_matrix[3][3]   ? 
_atom_sites.Cartn_transf_vector[1]      ? 
_atom_sites.Cartn_transf_vector[2]      ? 
_atom_sites.Cartn_transf_vector[3]      ? 
_atom_sites.fract_transf_matrix[1][1]   0.00444120 
_atom_sites.fract_transf_matrix[1][2]   0.00771736 
_atom_sites.fract_transf_matrix[1][3]   0.01420220 
_atom_sites.fract_transf_matrix[2][1]   -0.00984518 
_atom_sites.fract_transf_matrix[2][2]   0.01190753 
_atom_sites.fract_transf_matrix[2][3]   0.00649984 
_atom_sites.fract_transf_matrix[3][1]   -0.00861484 
_atom_sites.fract_transf_matrix[3][2]   -0.01221708 
_atom_sites.fract_transf_matrix[3][3]   0.00933262 
_atom_sites.fract_transf_vector[1]      -0.046749 
_atom_sites.fract_transf_vector[2]      0.083728 
_atom_sites.fract_transf_vector[3]      -0.160196 
_atom_sites.solution_primary            ? 
_atom_sites.solution_secondary          ? 
_atom_sites.solution_hydrogens          ? 
_atom_sites.special_details             ? 
# 
loop_
_atom_type.symbol 
C  
H  
MG 
N  
O  
P  
# 
loop_
_atom_site.group_PDB 
_atom_site.id 
_atom_site.type_symbol 
_atom_site.label_atom_id 
_atom_site.label_alt_id 
_atom_site.label_comp_id 
_atom_site.label_asym_id 
_atom_site.label_entity_id 
_atom_site.label_seq_id 
_atom_site.pdbx_PDB_ins_code 
_atom_site.Cartn_x 
_atom_site.Cartn_y 
_atom_site.Cartn_z 
_atom_site.occupancy 
_atom_site.B_iso_or_equiv 
_atom_site.pdbx_formal_charge 
_atom_site.auth_seq_id 
_atom_site.auth_comp_id 
_atom_site.auth_asym_id 
_atom_site.auth_atom_id 
_atom_site.pdbx_PDB_model_num 
ATOM   1    O  "O5'"  . DG  A 1 1  ? 1.679   27.274  27.304  1.00 118.22 ? 1   DG  A "O5'"  1 
ATOM   2    C  "C5'"  . DG  A 1 1  ? 0.934   27.107  28.506  1.00 108.61 ? 1   DG  A "C5'"  1 
ATOM   3    C  "C4'"  . DG  A 1 1  ? 0.152   25.804  28.490  1.00 103.62 ? 1   DG  A "C4'"  1 
ATOM   4    O  "O4'"  . DG  A 1 1  ? -1.207  26.057  28.025  1.00 98.31  ? 1   DG  A "O4'"  1 
ATOM   5    C  "C3'"  . DG  A 1 1  ? 0.708   24.727  27.559  1.00 97.27  ? 1   DG  A "C3'"  1 
ATOM   6    O  "O3'"  . DG  A 1 1  ? 0.510   23.426  28.118  1.00 101.00 ? 1   DG  A "O3'"  1 
ATOM   7    C  "C2'"  . DG  A 1 1  ? -0.105  24.941  26.294  1.00 93.72  ? 1   DG  A "C2'"  1 
ATOM   8    C  "C1'"  . DG  A 1 1  ? -1.469  25.275  26.874  1.00 88.27  ? 1   DG  A "C1'"  1 
ATOM   9    N  N9     . DG  A 1 1  ? -2.351  26.026  25.983  1.00 76.36  ? 1   DG  A N9     1 
ATOM   10   C  C8     . DG  A 1 1  ? -1.991  26.966  25.047  1.00 76.27  ? 1   DG  A C8     1 
ATOM   11   N  N7     . DG  A 1 1  ? -3.007  27.475  24.405  1.00 76.51  ? 1   DG  A N7     1 
ATOM   12   C  C5     . DG  A 1 1  ? -4.111  26.829  24.949  1.00 72.07  ? 1   DG  A C5     1 
ATOM   13   C  C6     . DG  A 1 1  ? -5.489  26.965  24.649  1.00 77.92  ? 1   DG  A C6     1 
ATOM   14   O  O6     . DG  A 1 1  ? -6.023  27.708  23.816  1.00 80.10  ? 1   DG  A O6     1 
ATOM   15   N  N1     . DG  A 1 1  ? -6.271  26.120  25.435  1.00 75.07  ? 1   DG  A N1     1 
ATOM   16   C  C2     . DG  A 1 1  ? -5.787  25.257  26.385  1.00 73.26  ? 1   DG  A C2     1 
ATOM   17   N  N2     . DG  A 1 1  ? -6.694  24.523  27.043  1.00 68.92  ? 1   DG  A N2     1 
ATOM   18   N  N3     . DG  A 1 1  ? -4.498  25.122  26.676  1.00 70.20  ? 1   DG  A N3     1 
ATOM   19   C  C4     . DG  A 1 1  ? -3.723  25.937  25.922  1.00 71.78  ? 1   DG  A C4     1 
ATOM   20   H  "H5'"  . DG  A 1 1  ? 0.316   27.848  28.603  1.00 130.33 ? 1   DG  A "H5'"  1 
ATOM   21   H  "H5''" . DG  A 1 1  ? 1.545   27.102  29.260  1.00 130.33 ? 1   DG  A "H5''" 1 
ATOM   22   H  "H4'"  . DG  A 1 1  ? 0.115   25.449  29.392  1.00 124.35 ? 1   DG  A "H4'"  1 
ATOM   23   H  "H3'"  . DG  A 1 1  ? 1.649   24.884  27.386  1.00 116.72 ? 1   DG  A "H3'"  1 
ATOM   24   H  "H2'"  . DG  A 1 1  ? 0.245   25.685  25.778  1.00 112.47 ? 1   DG  A "H2'"  1 
ATOM   25   H  "H2''" . DG  A 1 1  ? -0.142  24.131  25.762  1.00 112.47 ? 1   DG  A "H2''" 1 
ATOM   26   H  "H1'"  . DG  A 1 1  ? -1.911  24.454  27.142  1.00 105.92 ? 1   DG  A "H1'"  1 
ATOM   27   H  H8     . DG  A 1 1  ? -1.111  27.221  24.892  1.00 91.53  ? 1   DG  A H8     1 
ATOM   28   H  H1     . DG  A 1 1  ? -7.122  26.140  25.313  1.00 90.09  ? 1   DG  A H1     1 
ATOM   29   H  H21    . DG  A 1 1  ? -6.436  23.930  27.612  1.00 82.71  ? 1   DG  A H21    1 
ATOM   30   H  H22    . DG  A 1 1  ? -7.532  24.643  26.896  1.00 82.71  ? 1   DG  A H22    1 
ATOM   31   H  "HO5'" . DG  A 1 1  ? 2.342   27.790  27.289  1.00 141.87 ? 1   DG  A "HO5'" 1 
ATOM   32   P  P      . DA  A 1 2  ? 1.402   22.182  27.631  1.00 111.83 ? 2   DA  A P      1 
ATOM   33   O  OP1    . DA  A 1 2  ? 2.598   22.113  28.502  1.00 84.86  ? 2   DA  A OP1    1 
ATOM   34   O  OP2    . DA  A 1 2  ? 1.558   22.299  26.165  1.00 119.40 ? 2   DA  A OP2    1 
ATOM   35   O  "O5'"  . DA  A 1 2  ? 0.473   20.906  27.914  1.00 102.32 ? 2   DA  A "O5'"  1 
ATOM   36   C  "C5'"  . DA  A 1 2  ? 0.014   20.629  29.233  1.00 93.43  ? 2   DA  A "C5'"  1 
ATOM   37   C  "C4'"  . DA  A 1 2  ? -1.280  19.836  29.202  1.00 107.10 ? 2   DA  A "C4'"  1 
ATOM   38   O  "O4'"  . DA  A 1 2  ? -2.311  20.625  28.549  1.00 104.94 ? 2   DA  A "O4'"  1 
ATOM   39   C  "C3'"  . DA  A 1 2  ? -1.217  18.522  28.432  1.00 117.89 ? 2   DA  A "C3'"  1 
ATOM   40   O  "O3'"  . DA  A 1 2  ? -2.060  17.541  29.038  1.00 127.96 ? 2   DA  A "O3'"  1 
ATOM   41   C  "C2'"  . DA  A 1 2  ? -1.685  18.916  27.037  1.00 110.17 ? 2   DA  A "C2'"  1 
ATOM   42   C  "C1'"  . DA  A 1 2  ? -2.678  20.041  27.311  1.00 102.11 ? 2   DA  A "C1'"  1 
ATOM   43   N  N9     . DA  A 1 2  ? -2.682  21.086  26.290  1.00 94.47  ? 2   DA  A N9     1 
ATOM   44   C  C8     . DA  A 1 2  ? -1.610  21.803  25.840  1.00 92.21  ? 2   DA  A C8     1 
ATOM   45   N  N7     . DA  A 1 2  ? -1.914  22.683  24.916  1.00 88.05  ? 2   DA  A N7     1 
ATOM   46   C  C5     . DA  A 1 2  ? -3.280  22.541  24.757  1.00 78.49  ? 2   DA  A C5     1 
ATOM   47   C  C6     . DA  A 1 2  ? -4.211  23.193  23.925  1.00 81.41  ? 2   DA  A C6     1 
ATOM   48   N  N6     . DA  A 1 2  ? -3.878  24.159  23.062  1.00 81.31  ? 2   DA  A N6     1 
ATOM   49   N  N1     . DA  A 1 2  ? -5.502  22.809  24.011  1.00 80.69  ? 2   DA  A N1     1 
ATOM   50   C  C2     . DA  A 1 2  ? -5.830  21.840  24.874  1.00 81.72  ? 2   DA  A C2     1 
ATOM   51   N  N3     . DA  A 1 2  ? -5.045  21.158  25.706  1.00 80.96  ? 2   DA  A N3     1 
ATOM   52   C  C4     . DA  A 1 2  ? -3.771  21.560  25.597  1.00 82.78  ? 2   DA  A C4     1 
ATOM   53   H  "H5'"  . DA  A 1 2  ? -0.135  21.466  29.701  1.00 112.12 ? 2   DA  A "H5'"  1 
ATOM   54   H  "H5''" . DA  A 1 2  ? 0.690   20.118  29.705  1.00 112.12 ? 2   DA  A "H5''" 1 
ATOM   55   H  "H4'"  . DA  A 1 2  ? -1.557  19.651  30.114  1.00 128.52 ? 2   DA  A "H4'"  1 
ATOM   56   H  "H3'"  . DA  A 1 2  ? -0.302  18.202  28.398  1.00 141.47 ? 2   DA  A "H3'"  1 
ATOM   57   H  "H2'"  . DA  A 1 2  ? -0.941  19.238  26.504  1.00 132.21 ? 2   DA  A "H2'"  1 
ATOM   58   H  "H2''" . DA  A 1 2  ? -2.125  18.169  26.600  1.00 132.21 ? 2   DA  A "H2''" 1 
ATOM   59   H  "H1'"  . DA  A 1 2  ? -3.569  19.666  27.387  1.00 122.54 ? 2   DA  A "H1'"  1 
ATOM   60   H  H8     . DA  A 1 2  ? -0.744  21.674  26.154  1.00 110.65 ? 2   DA  A H8     1 
ATOM   61   H  H61    . DA  A 1 2  ? -4.484  24.533  22.581  1.00 97.57  ? 2   DA  A H61    1 
ATOM   62   H  H62    . DA  A 1 2  ? -3.057  24.406  22.989  1.00 97.57  ? 2   DA  A H62    1 
ATOM   63   H  H2     . DA  A 1 2  ? -6.732  21.611  24.896  1.00 98.06  ? 2   DA  A H2     1 
ATOM   64   P  P      . DG  A 1 3  ? -2.121  16.045  28.455  1.00 124.82 ? 3   DG  A P      1 
ATOM   65   O  OP1    . DG  A 1 3  ? -2.458  15.144  29.580  1.00 128.37 ? 3   DG  A OP1    1 
ATOM   66   O  OP2    . DG  A 1 3  ? -0.892  15.808  27.666  1.00 138.95 ? 3   DG  A OP2    1 
ATOM   67   O  "O5'"  . DG  A 1 3  ? -3.365  16.077  27.453  1.00 120.29 ? 3   DG  A "O5'"  1 
ATOM   68   C  "C5'"  . DG  A 1 3  ? -4.665  16.344  27.959  1.00 124.26 ? 3   DG  A "C5'"  1 
ATOM   69   C  "C4'"  . DG  A 1 3  ? -5.677  16.464  26.837  1.00 123.24 ? 3   DG  A "C4'"  1 
ATOM   70   O  "O4'"  . DG  A 1 3  ? -5.425  17.684  26.073  1.00 117.84 ? 3   DG  A "O4'"  1 
ATOM   71   C  "C3'"  . DG  A 1 3  ? -5.647  15.328  25.810  1.00 117.68 ? 3   DG  A "C3'"  1 
ATOM   72   O  "O3'"  . DG  A 1 3  ? -6.971  14.984  25.417  1.00 123.04 ? 3   DG  A "O3'"  1 
ATOM   73   C  "C2'"  . DG  A 1 3  ? -4.857  15.943  24.668  1.00 111.18 ? 3   DG  A "C2'"  1 
ATOM   74   C  "C1'"  . DG  A 1 3  ? -5.401  17.354  24.701  1.00 102.61 ? 3   DG  A "C1'"  1 
ATOM   75   N  N9     . DG  A 1 3  ? -4.618  18.347  23.966  1.00 94.35  ? 3   DG  A N9     1 
ATOM   76   C  C8     . DG  A 1 3  ? -3.277  18.623  24.090  1.00 94.60  ? 3   DG  A C8     1 
ATOM   77   N  N7     . DG  A 1 3  ? -2.869  19.576  23.293  1.00 90.56  ? 3   DG  A N7     1 
ATOM   78   C  C5     . DG  A 1 3  ? -4.015  19.955  22.601  1.00 84.65  ? 3   DG  A C5     1 
ATOM   79   C  C6     . DG  A 1 3  ? -4.197  20.942  21.602  1.00 80.65  ? 3   DG  A C6     1 
ATOM   80   O  O6     . DG  A 1 3  ? -3.354  21.707  21.113  1.00 81.70  ? 3   DG  A O6     1 
ATOM   81   N  N1     . DG  A 1 3  ? -5.523  20.999  21.170  1.00 71.79  ? 3   DG  A N1     1 
ATOM   82   C  C2     . DG  A 1 3  ? -6.540  20.203  21.644  1.00 74.79  ? 3   DG  A C2     1 
ATOM   83   N  N2     . DG  A 1 3  ? -7.757  20.395  21.112  1.00 84.33  ? 3   DG  A N2     1 
ATOM   84   N  N3     . DG  A 1 3  ? -6.378  19.278  22.577  1.00 75.03  ? 3   DG  A N3     1 
ATOM   85   C  C4     . DG  A 1 3  ? -5.097  19.209  23.008  1.00 83.89  ? 3   DG  A C4     1 
ATOM   86   H  "H5'"  . DG  A 1 3  ? -4.646  17.174  28.460  1.00 149.11 ? 3   DG  A "H5'"  1 
ATOM   87   H  "H5''" . DG  A 1 3  ? -4.930  15.623  28.551  1.00 149.11 ? 3   DG  A "H5''" 1 
ATOM   88   H  "H4'"  . DG  A 1 3  ? -6.566  16.514  27.222  1.00 147.89 ? 3   DG  A "H4'"  1 
ATOM   89   H  "H3'"  . DG  A 1 3  ? -5.183  14.555  26.170  1.00 141.22 ? 3   DG  A "H3'"  1 
ATOM   90   H  "H2'"  . DG  A 1 3  ? -3.905  15.930  24.854  1.00 133.42 ? 3   DG  A "H2'"  1 
ATOM   91   H  "H2''" . DG  A 1 3  ? -5.060  15.508  23.826  1.00 133.42 ? 3   DG  A "H2''" 1 
ATOM   92   H  "H1'"  . DG  A 1 3  ? -6.309  17.351  24.360  1.00 123.13 ? 3   DG  A "H1'"  1 
ATOM   93   H  H8     . DG  A 1 3  ? -2.715  18.176  24.681  1.00 113.52 ? 3   DG  A H8     1 
ATOM   94   H  H1     . DG  A 1 3  ? -5.719  21.575  20.562  1.00 86.15  ? 3   DG  A H1     1 
ATOM   95   H  H21    . DG  A 1 3  ? -8.421  19.917  21.375  1.00 101.19 ? 3   DG  A H21    1 
ATOM   96   H  H22    . DG  A 1 3  ? -7.872  20.996  20.508  1.00 101.19 ? 3   DG  A H22    1 
ATOM   97   P  P      . DC  A 1 4  ? -7.452  13.453  25.389  1.00 130.77 ? 4   DC  A P      1 
ATOM   98   O  OP1    . DC  A 1 4  ? -7.053  12.836  26.675  1.00 127.30 ? 4   DC  A OP1    1 
ATOM   99   O  OP2    . DC  A 1 4  ? -6.980  12.861  24.117  1.00 131.15 ? 4   DC  A OP2    1 
ATOM   100  O  "O5'"  . DC  A 1 4  ? -9.052  13.566  25.332  1.00 123.71 ? 4   DC  A "O5'"  1 
ATOM   101  C  "C5'"  . DC  A 1 4  ? -9.790  12.854  24.340  1.00 127.68 ? 4   DC  A "C5'"  1 
ATOM   102  C  "C4'"  . DC  A 1 4  ? -10.322 13.793  23.269  1.00 123.71 ? 4   DC  A "C4'"  1 
ATOM   103  O  "O4'"  . DC  A 1 4  ? -9.347  14.846  23.003  1.00 115.12 ? 4   DC  A "O4'"  1 
ATOM   104  C  "C3'"  . DC  A 1 4  ? -10.601 13.127  21.910  1.00 130.86 ? 4   DC  A "C3'"  1 
ATOM   105  O  "O3'"  . DC  A 1 4  ? -11.946 13.354  21.495  1.00 139.56 ? 4   DC  A "O3'"  1 
ATOM   106  C  "C2'"  . DC  A 1 4  ? -9.591  13.781  20.968  1.00 122.66 ? 4   DC  A "C2'"  1 
ATOM   107  C  "C1'"  . DC  A 1 4  ? -9.372  15.126  21.625  1.00 113.61 ? 4   DC  A "C1'"  1 
ATOM   108  N  N1     . DC  A 1 4  ? -8.101  15.807  21.212  1.00 102.65 ? 4   DC  A N1     1 
ATOM   109  C  C2     . DC  A 1 4  ? -8.153  16.871  20.300  1.00 92.62  ? 4   DC  A C2     1 
ATOM   110  O  O2     . DC  A 1 4  ? -9.252  17.239  19.863  1.00 88.79  ? 4   DC  A O2     1 
ATOM   111  N  N3     . DC  A 1 4  ? -6.996  17.474  19.926  1.00 77.75  ? 4   DC  A N3     1 
ATOM   112  C  C4     . DC  A 1 4  ? -5.832  17.049  20.420  1.00 83.11  ? 4   DC  A C4     1 
ATOM   113  N  N4     . DC  A 1 4  ? -4.717  17.673  20.021  1.00 81.11  ? 4   DC  A N4     1 
ATOM   114  C  C5     . DC  A 1 4  ? -5.758  15.964  21.341  1.00 91.04  ? 4   DC  A C5     1 
ATOM   115  C  C6     . DC  A 1 4  ? -6.905  15.377  21.706  1.00 97.70  ? 4   DC  A C6     1 
ATOM   116  H  "H5'"  . DC  A 1 4  ? -10.537 12.401  24.764  1.00 153.22 ? 4   DC  A "H5'"  1 
ATOM   117  H  "H5''" . DC  A 1 4  ? -9.212  12.194  23.926  1.00 153.22 ? 4   DC  A "H5''" 1 
ATOM   118  H  "H4'"  . DC  A 1 4  ? -11.140 14.201  23.590  1.00 148.45 ? 4   DC  A "H4'"  1 
ATOM   119  H  "H3'"  . DC  A 1 4  ? -10.429 12.174  21.969  1.00 157.03 ? 4   DC  A "H3'"  1 
ATOM   120  H  "H2'"  . DC  A 1 4  ? -8.766  13.272  20.941  1.00 147.19 ? 4   DC  A "H2'"  1 
ATOM   121  H  "H2''" . DC  A 1 4  ? -9.966  13.887  20.080  1.00 147.19 ? 4   DC  A "H2''" 1 
ATOM   122  H  "H1'"  . DC  A 1 4  ? -10.125 15.705  21.428  1.00 136.33 ? 4   DC  A "H1'"  1 
ATOM   123  H  H41    . DC  A 1 4  ? -3.954  17.436  20.338  1.00 97.33  ? 4   DC  A H41    1 
ATOM   124  H  H42    . DC  A 1 4  ? -4.763  18.313  19.447  1.00 97.33  ? 4   DC  A H42    1 
ATOM   125  H  H5     . DC  A 1 4  ? -4.941  15.676  21.679  1.00 109.24 ? 4   DC  A H5     1 
ATOM   126  H  H6     . DC  A 1 4  ? -6.886  14.666  22.306  1.00 117.24 ? 4   DC  A H6     1 
ATOM   127  P  P      . DA  A 1 5  ? -12.494 12.675  20.145  1.00 134.00 ? 5   DA  A P      1 
ATOM   128  O  OP1    . DA  A 1 5  ? -13.974 12.719  20.176  1.00 137.95 ? 5   DA  A OP1    1 
ATOM   129  O  OP2    . DA  A 1 5  ? -11.789 11.383  19.986  1.00 127.18 ? 5   DA  A OP2    1 
ATOM   130  O  "O5'"  . DA  A 1 5  ? -11.977 13.646  18.983  1.00 121.63 ? 5   DA  A "O5'"  1 
ATOM   131  C  "C5'"  . DA  A 1 5  ? -12.406 15.001  18.948  1.00 123.44 ? 5   DA  A "C5'"  1 
ATOM   132  C  "C4'"  . DA  A 1 5  ? -12.399 15.538  17.527  1.00 113.81 ? 5   DA  A "C4'"  1 
ATOM   133  O  "O4'"  . DA  A 1 5  ? -11.147 16.236  17.280  1.00 106.70 ? 5   DA  A "O4'"  1 
ATOM   134  C  "C3'"  . DA  A 1 5  ? -12.519 14.475  16.440  1.00 119.14 ? 5   DA  A "C3'"  1 
ATOM   135  O  "O3'"  . DA  A 1 5  ? -13.363 14.930  15.385  1.00 124.38 ? 5   DA  A "O3'"  1 
ATOM   136  C  "C2'"  . DA  A 1 5  ? -11.074 14.254  15.993  1.00 106.63 ? 5   DA  A "C2'"  1 
ATOM   137  C  "C1'"  . DA  A 1 5  ? -10.413 15.604  16.249  1.00 96.41  ? 5   DA  A "C1'"  1 
ATOM   138  N  N9     . DA  A 1 5  ? -9.020  15.505  16.678  1.00 88.19  ? 5   DA  A N9     1 
ATOM   139  C  C8     . DA  A 1 5  ? -8.525  14.713  17.676  1.00 91.02  ? 5   DA  A C8     1 
ATOM   140  N  N7     . DA  A 1 5  ? -7.231  14.832  17.853  1.00 80.68  ? 5   DA  A N7     1 
ATOM   141  C  C5     . DA  A 1 5  ? -6.850  15.773  16.911  1.00 79.22  ? 5   DA  A C5     1 
ATOM   142  C  C6     . DA  A 1 5  ? -5.601  16.341  16.589  1.00 76.61  ? 5   DA  A C6     1 
ATOM   143  N  N6     . DA  A 1 5  ? -4.468  16.017  17.215  1.00 84.38  ? 5   DA  A N6     1 
ATOM   144  N  N1     . DA  A 1 5  ? -5.561  17.253  15.597  1.00 76.54  ? 5   DA  A N1     1 
ATOM   145  C  C2     . DA  A 1 5  ? -6.702  17.575  14.970  1.00 85.55  ? 5   DA  A C2     1 
ATOM   146  N  N3     . DA  A 1 5  ? -7.937  17.109  15.185  1.00 86.36  ? 5   DA  A N3     1 
ATOM   147  C  C4     . DA  A 1 5  ? -7.941  16.203  16.179  1.00 86.88  ? 5   DA  A C4     1 
ATOM   148  H  "H5'"  . DA  A 1 5  ? -11.810 15.539  19.494  1.00 148.13 ? 5   DA  A "H5'"  1 
ATOM   149  H  "H5''" . DA  A 1 5  ? -13.305 15.061  19.306  1.00 148.13 ? 5   DA  A "H5''" 1 
ATOM   150  H  "H4'"  . DA  A 1 5  ? -13.131 16.167  17.429  1.00 136.57 ? 5   DA  A "H4'"  1 
ATOM   151  H  "H3'"  . DA  A 1 5  ? -12.875 13.656  16.818  1.00 142.97 ? 5   DA  A "H3'"  1 
ATOM   152  H  "H2'"  . DA  A 1 5  ? -10.654 13.561  16.525  1.00 127.96 ? 5   DA  A "H2'"  1 
ATOM   153  H  "H2''" . DA  A 1 5  ? -11.040 14.031  15.049  1.00 127.96 ? 5   DA  A "H2''" 1 
ATOM   154  H  "H1'"  . DA  A 1 5  ? -10.463 16.142  15.445  1.00 115.69 ? 5   DA  A "H1'"  1 
ATOM   155  H  H8     . DA  A 1 5  ? -9.056  14.138  18.179  1.00 109.23 ? 5   DA  A H8     1 
ATOM   156  H  H61    . DA  A 1 5  ? -3.728  16.390  16.985  1.00 101.26 ? 5   DA  A H61    1 
ATOM   157  H  H62    . DA  A 1 5  ? -4.477  15.433  17.848  1.00 101.26 ? 5   DA  A H62    1 
ATOM   158  H  H2     . DA  A 1 5  ? -6.624  18.207  14.293  1.00 102.66 ? 5   DA  A H2     1 
ATOM   159  P  P      . DG  A 1 6  ? -13.549 14.051  14.053  1.00 108.98 ? 6   DG  A P      1 
ATOM   160  O  OP1    . DG  A 1 6  ? -14.887 14.344  13.490  1.00 102.18 ? 6   DG  A OP1    1 
ATOM   161  O  OP2    . DG  A 1 6  ? -13.171 12.658  14.379  1.00 132.24 ? 6   DG  A OP2    1 
ATOM   162  O  "O5'"  . DG  A 1 6  ? -12.433 14.635  13.073  1.00 112.08 ? 6   DG  A "O5'"  1 
ATOM   163  C  "C5'"  . DG  A 1 6  ? -12.249 16.039  12.979  1.00 104.45 ? 6   DG  A "C5'"  1 
ATOM   164  C  "C4'"  . DG  A 1 6  ? -11.138 16.379  12.003  1.00 108.70 ? 6   DG  A "C4'"  1 
ATOM   165  O  "O4'"  . DG  A 1 6  ? -9.852  16.289  12.675  1.00 100.77 ? 6   DG  A "O4'"  1 
ATOM   166  C  "C3'"  . DG  A 1 6  ? -11.048 15.457  10.784  1.00 112.98 ? 6   DG  A "C3'"  1 
ATOM   167  O  "O3'"  . DG  A 1 6  ? -10.971 16.233  9.594   1.00 116.24 ? 6   DG  A "O3'"  1 
ATOM   168  C  "C2'"  . DG  A 1 6  ? -9.782  14.634  11.042  1.00 104.67 ? 6   DG  A "C2'"  1 
ATOM   169  C  "C1'"  . DG  A 1 6  ? -8.939  15.596  11.854  1.00 97.95  ? 6   DG  A "C1'"  1 
ATOM   170  N  N9     . DG  A 1 6  ? -7.931  14.972  12.710  1.00 86.12  ? 6   DG  A N9     1 
ATOM   171  C  C8     . DG  A 1 6  ? -8.138  14.043  13.701  1.00 90.12  ? 6   DG  A C8     1 
ATOM   172  N  N7     . DG  A 1 6  ? -7.041  13.691  14.320  1.00 90.23  ? 6   DG  A N7     1 
ATOM   173  C  C5     . DG  A 1 6  ? -6.047  14.443  13.704  1.00 87.62  ? 6   DG  A C5     1 
ATOM   174  C  C6     . DG  A 1 6  ? -4.651  14.490  13.947  1.00 87.09  ? 6   DG  A C6     1 
ATOM   175  O  O6     . DG  A 1 6  ? -3.994  13.855  14.783  1.00 81.66  ? 6   DG  A O6     1 
ATOM   176  N  N1     . DG  A 1 6  ? -4.008  15.389  13.096  1.00 85.76  ? 6   DG  A N1     1 
ATOM   177  C  C2     . DG  A 1 6  ? -4.639  16.145  12.134  1.00 91.13  ? 6   DG  A C2     1 
ATOM   178  N  N2     . DG  A 1 6  ? -3.861  16.960  11.403  1.00 92.04  ? 6   DG  A N2     1 
ATOM   179  N  N3     . DG  A 1 6  ? -5.943  16.108  11.898  1.00 87.68  ? 6   DG  A N3     1 
ATOM   180  C  C4     . DG  A 1 6  ? -6.581  15.239  12.716  1.00 87.46  ? 6   DG  A C4     1 
ATOM   181  H  "H5'"  . DG  A 1 6  ? -12.021 16.390  13.854  1.00 125.34 ? 6   DG  A "H5'"  1 
ATOM   182  H  "H5''" . DG  A 1 6  ? -13.074 16.448  12.676  1.00 125.34 ? 6   DG  A "H5''" 1 
ATOM   183  H  "H4'"  . DG  A 1 6  ? -11.265 17.290  11.695  1.00 130.44 ? 6   DG  A "H4'"  1 
ATOM   184  H  "H3'"  . DG  A 1 6  ? -11.822 14.874  10.751  1.00 135.58 ? 6   DG  A "H3'"  1 
ATOM   185  H  "H2'"  . DG  A 1 6  ? -9.987  13.837  11.555  1.00 125.61 ? 6   DG  A "H2'"  1 
ATOM   186  H  "H2''" . DG  A 1 6  ? -9.341  14.408  10.208  1.00 125.61 ? 6   DG  A "H2''" 1 
ATOM   187  H  "H1'"  . DG  A 1 6  ? -8.506  16.226  11.255  1.00 117.54 ? 6   DG  A "H1'"  1 
ATOM   188  H  H8     . DG  A 1 6  ? -8.975  13.695  13.909  1.00 108.15 ? 6   DG  A H8     1 
ATOM   189  H  H1     . DG  A 1 6  ? -3.157  15.478  13.178  1.00 102.91 ? 6   DG  A H1     1 
ATOM   190  H  H21    . DG  A 1 6  ? -4.209  17.450  10.790  1.00 110.45 ? 6   DG  A H21    1 
ATOM   191  H  H22    . DG  A 1 6  ? -3.014  16.991  11.550  1.00 110.45 ? 6   DG  A H22    1 
ATOM   192  P  P      . DA  A 1 7  ? -10.985 15.531  8.152   1.00 119.89 ? 7   DA  A P      1 
ATOM   193  O  OP1    . DA  A 1 7  ? -11.840 16.351  7.262   1.00 105.21 ? 7   DA  A OP1    1 
ATOM   194  O  OP2    . DA  A 1 7  ? -11.285 14.095  8.345   1.00 115.79 ? 7   DA  A OP2    1 
ATOM   195  O  "O5'"  . DA  A 1 7  ? -9.468  15.657  7.670   1.00 109.03 ? 7   DA  A "O5'"  1 
ATOM   196  C  "C5'"  . DA  A 1 7  ? -8.775  16.889  7.840   1.00 110.13 ? 7   DA  A "C5'"  1 
ATOM   197  C  "C4'"  . DA  A 1 7  ? -7.411  16.838  7.180   1.00 119.10 ? 7   DA  A "C4'"  1 
ATOM   198  O  "O4'"  . DA  A 1 7  ? -6.417  16.425  8.158   1.00 117.84 ? 7   DA  A "O4'"  1 
ATOM   199  C  "C3'"  . DA  A 1 7  ? -7.311  15.859  6.014   1.00 122.05 ? 7   DA  A "C3'"  1 
ATOM   200  O  "O3'"  . DA  A 1 7  ? -6.642  16.452  4.907   1.00 133.63 ? 7   DA  A "O3'"  1 
ATOM   201  C  "C2'"  . DA  A 1 7  ? -6.551  14.668  6.591   1.00 119.15 ? 7   DA  A "C2'"  1 
ATOM   202  C  "C1'"  . DA  A 1 7  ? -5.722  15.279  7.714   1.00 108.02 ? 7   DA  A "C1'"  1 
ATOM   203  N  N9     . DA  A 1 7  ? -5.529  14.384  8.859   1.00 97.01  ? 7   DA  A N9     1 
ATOM   204  C  C8     . DA  A 1 7  ? -6.495  13.672  9.514   1.00 96.11  ? 7   DA  A C8     1 
ATOM   205  N  N7     . DA  A 1 7  ? -6.039  12.954  10.512  1.00 93.88  ? 7   DA  A N7     1 
ATOM   206  C  C5     . DA  A 1 7  ? -4.679  13.214  10.519  1.00 93.70  ? 7   DA  A C5     1 
ATOM   207  C  C6     . DA  A 1 7  ? -3.629  12.755  11.340  1.00 90.69  ? 7   DA  A C6     1 
ATOM   208  N  N6     . DA  A 1 7  ? -3.807  11.903  12.355  1.00 85.20  ? 7   DA  A N6     1 
ATOM   209  N  N1     . DA  A 1 7  ? -2.386  13.208  11.079  1.00 90.36  ? 7   DA  A N1     1 
ATOM   210  C  C2     . DA  A 1 7  ? -2.211  14.063  10.063  1.00 95.47  ? 7   DA  A C2     1 
ATOM   211  N  N3     . DA  A 1 7  ? -3.119  14.566  9.221   1.00 92.41  ? 7   DA  A N3     1 
ATOM   212  C  C4     . DA  A 1 7  ? -4.345  14.096  9.506   1.00 93.15  ? 7   DA  A C4     1 
ATOM   213  H  "H5'"  . DA  A 1 7  ? -8.664  17.064  8.787   1.00 132.15 ? 7   DA  A "H5'"  1 
ATOM   214  H  "H5''" . DA  A 1 7  ? -9.295  17.604  7.442   1.00 132.15 ? 7   DA  A "H5''" 1 
ATOM   215  H  "H4'"  . DA  A 1 7  ? -7.185  17.727  6.862   1.00 142.92 ? 7   DA  A "H4'"  1 
ATOM   216  H  "H3'"  . DA  A 1 7  ? -8.200  15.579  5.746   1.00 146.46 ? 7   DA  A "H3'"  1 
ATOM   217  H  "H2'"  . DA  A 1 7  ? -7.168  14.008  6.944   1.00 142.98 ? 7   DA  A "H2'"  1 
ATOM   218  H  "H2''" . DA  A 1 7  ? -5.973  14.273  5.918   1.00 142.98 ? 7   DA  A "H2''" 1 
ATOM   219  H  "H1'"  . DA  A 1 7  ? -4.856  15.544  7.365   1.00 129.62 ? 7   DA  A "H1'"  1 
ATOM   220  H  H8     . DA  A 1 7  ? -7.393  13.692  9.272   1.00 115.33 ? 7   DA  A H8     1 
ATOM   221  H  H61    . DA  A 1 7  ? -3.136  11.654  12.830  1.00 102.24 ? 7   DA  A H61    1 
ATOM   222  H  H62    . DA  A 1 7  ? -4.594  11.604  12.532  1.00 102.24 ? 7   DA  A H62    1 
ATOM   223  H  H2     . DA  A 1 7  ? -1.336  14.346  9.922   1.00 114.56 ? 7   DA  A H2     1 
ATOM   224  P  P      . DC  A 1 8  ? -6.401  15.601  3.564   1.00 141.19 ? 8   DC  A P      1 
ATOM   225  O  OP1    . DC  A 1 8  ? -6.557  16.510  2.407   1.00 143.39 ? 8   DC  A OP1    1 
ATOM   226  O  OP2    . DC  A 1 8  ? -7.249  14.391  3.654   1.00 137.02 ? 8   DC  A OP2    1 
ATOM   227  O  "O5'"  . DC  A 1 8  ? -4.872  15.148  3.681   1.00 122.63 ? 8   DC  A "O5'"  1 
ATOM   228  C  "C5'"  . DC  A 1 8  ? -3.884  16.102  4.056   1.00 120.43 ? 8   DC  A "C5'"  1 
ATOM   229  C  "C4'"  . DC  A 1 8  ? -2.575  15.426  4.421   1.00 123.76 ? 8   DC  A "C4'"  1 
ATOM   230  O  "O4'"  . DC  A 1 8  ? -2.721  14.721  5.689   1.00 124.03 ? 8   DC  A "O4'"  1 
ATOM   231  C  "C3'"  . DC  A 1 8  ? -2.086  14.383  3.411   1.00 119.53 ? 8   DC  A "C3'"  1 
ATOM   232  O  "O3'"  . DC  A 1 8  ? -0.704  14.596  3.109   1.00 123.59 ? 8   DC  A "O3'"  1 
ATOM   233  C  "C2'"  . DC  A 1 8  ? -2.346  13.055  4.124   1.00 112.17 ? 8   DC  A "C2'"  1 
ATOM   234  C  "C1'"  . DC  A 1 8  ? -2.148  13.437  5.574   1.00 106.36 ? 8   DC  A "C1'"  1 
ATOM   235  N  N1     . DC  A 1 8  ? -2.808  12.512  6.549   1.00 97.85  ? 8   DC  A N1     1 
ATOM   236  C  C2     . DC  A 1 8  ? -2.034  11.832  7.503   1.00 91.12  ? 8   DC  A C2     1 
ATOM   237  O  O2     . DC  A 1 8  ? -0.810  12.009  7.523   1.00 91.47  ? 8   DC  A O2     1 
ATOM   238  N  N3     . DC  A 1 8  ? -2.653  10.996  8.374   1.00 84.70  ? 8   DC  A N3     1 
ATOM   239  C  C4     . DC  A 1 8  ? -3.975  10.831  8.316   1.00 90.03  ? 8   DC  A C4     1 
ATOM   240  N  N4     . DC  A 1 8  ? -4.550  10.000  9.193   1.00 87.44  ? 8   DC  A N4     1 
ATOM   241  C  C5     . DC  A 1 8  ? -4.777  11.515  7.354   1.00 99.70  ? 8   DC  A C5     1 
ATOM   242  C  C6     . DC  A 1 8  ? -4.157  12.334  6.501   1.00 102.27 ? 8   DC  A C6     1 
ATOM   243  H  "H5'"  . DC  A 1 8  ? -4.204  16.607  4.820   1.00 144.52 ? 8   DC  A "H5'"  1 
ATOM   244  H  "H5''" . DC  A 1 8  ? -3.732  16.710  3.315   1.00 144.52 ? 8   DC  A "H5''" 1 
ATOM   245  H  "H4'"  . DC  A 1 8  ? -1.891  16.106  4.520   1.00 148.52 ? 8   DC  A "H4'"  1 
ATOM   246  H  "H3'"  . DC  A 1 8  ? -2.615  14.433  2.599   1.00 143.44 ? 8   DC  A "H3'"  1 
ATOM   247  H  "H2'"  . DC  A 1 8  ? -3.253  12.750  3.966   1.00 134.61 ? 8   DC  A "H2'"  1 
ATOM   248  H  "H2''" . DC  A 1 8  ? -1.700  12.384  3.852   1.00 134.61 ? 8   DC  A "H2''" 1 
ATOM   249  H  "H1'"  . DC  A 1 8  ? -1.199  13.490  5.768   1.00 127.63 ? 8   DC  A "H1'"  1 
ATOM   250  H  H41    . DC  A 1 8  ? -5.401  9.879   9.179   1.00 104.93 ? 8   DC  A H41    1 
ATOM   251  H  H42    . DC  A 1 8  ? -4.067  9.586   9.773   1.00 104.93 ? 8   DC  A H42    1 
ATOM   252  H  H5     . DC  A 1 8  ? -5.699  11.396  7.324   1.00 119.63 ? 8   DC  A H5     1 
ATOM   253  H  H6     . DC  A 1 8  ? -4.656  12.794  5.866   1.00 122.72 ? 8   DC  A H6     1 
ATOM   254  P  P      . DC  A 1 9  ? 0.138   13.494  2.300   1.00 130.04 ? 9   DC  A P      1 
ATOM   255  O  OP1    . DC  A 1 9  ? 1.411   14.109  1.860   1.00 123.27 ? 9   DC  A OP1    1 
ATOM   256  O  OP2    . DC  A 1 9  ? -0.774  12.878  1.309   1.00 131.16 ? 9   DC  A OP2    1 
ATOM   257  O  "O5'"  . DC  A 1 9  ? 0.472   12.399  3.409   1.00 113.81 ? 9   DC  A "O5'"  1 
ATOM   258  C  "C5'"  . DC  A 1 9  ? 1.342   11.340  3.111   1.00 98.92  ? 9   DC  A "C5'"  1 
ATOM   259  C  "C4'"  . DC  A 1 9  ? 2.469   11.282  4.114   1.00 102.02 ? 9   DC  A "C4'"  1 
ATOM   260  O  "O4'"  . DC  A 1 9  ? 1.922   11.056  5.440   1.00 93.75  ? 9   DC  A "O4'"  1 
ATOM   261  C  "C3'"  . DC  A 1 9  ? 3.452   10.154  3.895   1.00 98.99  ? 9   DC  A "C3'"  1 
ATOM   262  O  "O3'"  . DC  A 1 9  ? 4.730   10.494  4.411   1.00 102.95 ? 9   DC  A "O3'"  1 
ATOM   263  C  "C2'"  . DC  A 1 9  ? 2.794   9.007   4.648   1.00 91.38  ? 9   DC  A "C2'"  1 
ATOM   264  C  "C1'"  . DC  A 1 9  ? 2.167   9.718   5.845   1.00 86.39  ? 9   DC  A "C1'"  1 
ATOM   265  N  N1     . DC  A 1 9  ? 0.880   9.116   6.308   1.00 75.34  ? 9   DC  A N1     1 
ATOM   266  C  C2     . DC  A 1 9  ? 0.894   8.127   7.300   1.00 64.96  ? 9   DC  A C2     1 
ATOM   267  O  O2     . DC  A 1 9  ? 1.978   7.766   7.769   1.00 64.25  ? 9   DC  A O2     1 
ATOM   268  N  N3     . DC  A 1 9  ? -0.284  7.596   7.714   1.00 55.82  ? 9   DC  A N3     1 
ATOM   269  C  C4     . DC  A 1 9  ? -1.433  8.016   7.179   1.00 69.02  ? 9   DC  A C4     1 
ATOM   270  N  N4     . DC  A 1 9  ? -2.569  7.465   7.614   1.00 66.49  ? 9   DC  A N4     1 
ATOM   271  C  C5     . DC  A 1 9  ? -1.466  9.020   6.167   1.00 81.03  ? 9   DC  A C5     1 
ATOM   272  C  C6     . DC  A 1 9  ? -0.301  9.540   5.770   1.00 80.74  ? 9   DC  A C6     1 
ATOM   273  H  "H5'"  . DC  A 1 9  ? 1.710   11.469  2.223   1.00 118.71 ? 9   DC  A "H5'"  1 
ATOM   274  H  "H5''" . DC  A 1 9  ? 0.850   10.505  3.135   1.00 118.71 ? 9   DC  A "H5''" 1 
ATOM   275  H  "H4'"  . DC  A 1 9  ? 2.947   12.127  4.106   1.00 122.42 ? 9   DC  A "H4'"  1 
ATOM   276  H  "H3'"  . DC  A 1 9  ? 3.514   9.943   2.950   1.00 118.78 ? 9   DC  A "H3'"  1 
ATOM   277  H  "H2'"  . DC  A 1 9  ? 2.112   8.583   4.103   1.00 109.65 ? 9   DC  A "H2'"  1 
ATOM   278  H  "H2''" . DC  A 1 9  ? 3.456   8.361   4.940   1.00 109.65 ? 9   DC  A "H2''" 1 
ATOM   279  H  "H1'"  . DC  A 1 9  ? 2.800   9.719   6.580   1.00 103.67 ? 9   DC  A "H1'"  1 
ATOM   280  H  H41    . DC  A 1 9  ? -3.323  7.717   7.285   1.00 79.79  ? 9   DC  A H41    1 
ATOM   281  H  H42    . DC  A 1 9  ? -2.547  6.858   8.223   1.00 79.79  ? 9   DC  A H42    1 
ATOM   282  H  H5     . DC  A 1 9  ? -2.271  9.308   5.801   1.00 97.24  ? 9   DC  A H5     1 
ATOM   283  H  H6     . DC  A 1 9  ? -0.293  10.198  5.113   1.00 96.89  ? 9   DC  A H6     1 
ATOM   284  P  P      . DT  A 1 10 ? 6.015   9.628   3.998   1.00 105.01 ? 10  DT  A P      1 
ATOM   285  O  OP1    . DT  A 1 10 ? 7.209   10.229  4.635   1.00 128.74 ? 10  DT  A OP1    1 
ATOM   286  O  OP2    . DT  A 1 10 ? 5.970   9.447   2.530   1.00 110.91 ? 10  DT  A OP2    1 
ATOM   287  O  "O5'"  . DT  A 1 10 ? 5.737   8.212   4.679   1.00 96.72  ? 10  DT  A "O5'"  1 
ATOM   288  C  "C5'"  . DT  A 1 10 ? 5.848   8.062   6.094   1.00 94.28  ? 10  DT  A "C5'"  1 
ATOM   289  C  "C4'"  . DT  A 1 10 ? 6.270   6.648   6.441   1.00 91.57  ? 10  DT  A "C4'"  1 
ATOM   290  O  "O4'"  . DT  A 1 10 ? 5.144   5.914   7.012   1.00 89.13  ? 10  DT  A "O4'"  1 
ATOM   291  C  "C3'"  . DT  A 1 10 ? 6.720   5.823   5.247   1.00 91.27  ? 10  DT  A "C3'"  1 
ATOM   292  O  "O3'"  . DT  A 1 10 ? 7.732   4.922   5.625   1.00 90.41  ? 10  DT  A "O3'"  1 
ATOM   293  C  "C2'"  . DT  A 1 10 ? 5.440   5.120   4.838   1.00 82.79  ? 10  DT  A "C2'"  1 
ATOM   294  C  "C1'"  . DT  A 1 10 ? 4.847   4.787   6.197   1.00 79.17  ? 10  DT  A "C1'"  1 
ATOM   295  N  N1     . DT  A 1 10 ? 3.355   4.558   6.226   1.00 65.47  ? 10  DT  A N1     1 
ATOM   296  C  C2     . DT  A 1 10 ? 2.846   3.575   7.052   1.00 64.85  ? 10  DT  A C2     1 
ATOM   297  O  O2     . DT  A 1 10 ? 3.544   2.854   7.744   1.00 71.91  ? 10  DT  A O2     1 
ATOM   298  N  N3     . DT  A 1 10 ? 1.478   3.459   7.032   1.00 50.79  ? 10  DT  A N3     1 
ATOM   299  C  C4     . DT  A 1 10 ? 0.589   4.215   6.291   1.00 61.63  ? 10  DT  A C4     1 
ATOM   300  O  O4     . DT  A 1 10 ? -0.626  4.032   6.338   1.00 57.58  ? 10  DT  A O4     1 
ATOM   301  C  C5     . DT  A 1 10 ? 1.184   5.231   5.454   1.00 69.09  ? 10  DT  A C5     1 
ATOM   302  C  C7     . DT  A 1 10 ? 0.312   6.112   4.605   1.00 66.65  ? 10  DT  A C7     1 
ATOM   303  C  C6     . DT  A 1 10 ? 2.524   5.359   5.466   1.00 61.65  ? 10  DT  A C6     1 
ATOM   304  H  "H5'"  . DT  A 1 10 ? 4.990   8.251   6.504   1.00 113.14 ? 10  DT  A "H5'"  1 
ATOM   305  H  "H5''" . DT  A 1 10 ? 6.510   8.687   6.431   1.00 113.14 ? 10  DT  A "H5''" 1 
ATOM   306  H  "H4'"  . DT  A 1 10 ? 6.989   6.683   7.092   1.00 109.89 ? 10  DT  A "H4'"  1 
ATOM   307  H  "H3'"  . DT  A 1 10 ? 7.032   6.402   4.534   1.00 109.52 ? 10  DT  A "H3'"  1 
ATOM   308  H  "H2'"  . DT  A 1 10 ? 4.859   5.716   4.340   1.00 99.35  ? 10  DT  A "H2'"  1 
ATOM   309  H  "H2''" . DT  A 1 10 ? 5.631   4.313   4.334   1.00 99.35  ? 10  DT  A "H2''" 1 
ATOM   310  H  "H1'"  . DT  A 1 10 ? 5.295   4.006   6.558   1.00 95.01  ? 10  DT  A "H1'"  1 
ATOM   311  H  H3     . DT  A 1 10 ? 1.138   2.850   7.535   1.00 60.95  ? 10  DT  A H3     1 
ATOM   312  H  H71    . DT  A 1 10 ? 0.462   7.040   4.841   1.00 79.98  ? 10  DT  A H71    1 
ATOM   313  H  H72    . DT  A 1 10 ? 0.530   5.976   3.669   1.00 79.98  ? 10  DT  A H72    1 
ATOM   314  H  H73    . DT  A 1 10 ? -0.620  5.885   4.755   1.00 79.98  ? 10  DT  A H73    1 
ATOM   315  H  H6     . DT  A 1 10 ? 2.910   6.011   4.928   1.00 73.98  ? 10  DT  A H6     1 
ATOM   316  P  P      . DG  A 1 11 ? 8.804   4.421   4.544   1.00 89.74  ? 11  DG  A P      1 
ATOM   317  O  OP1    . DG  A 1 11 ? 9.839   5.475   4.437   1.00 90.21  ? 11  DG  A OP1    1 
ATOM   318  O  OP2    . DG  A 1 11 ? 8.050   4.001   3.341   1.00 86.11  ? 11  DG  A OP2    1 
ATOM   319  O  "O5'"  . DG  A 1 11 ? 9.454   3.116   5.211   1.00 92.09  ? 11  DG  A "O5'"  1 
ATOM   320  C  "C5'"  . DG  A 1 11 ? 8.881   2.527   6.390   1.00 84.10  ? 11  DG  A "C5'"  1 
ATOM   321  C  "C4'"  . DG  A 1 11 ? 8.150   1.231   6.070   1.00 86.51  ? 11  DG  A "C4'"  1 
ATOM   322  O  "O4'"  . DG  A 1 11 ? 6.712   1.464   6.005   1.00 80.45  ? 11  DG  A "O4'"  1 
ATOM   323  C  "C3'"  . DG  A 1 11 ? 8.521   0.571   4.731   1.00 83.66  ? 11  DG  A "C3'"  1 
ATOM   324  O  "O3'"  . DG  A 1 11 ? 8.841   -0.784  4.940   1.00 79.72  ? 11  DG  A "O3'"  1 
ATOM   325  C  "C2'"  . DG  A 1 11 ? 7.256   0.736   3.893   1.00 68.03  ? 11  DG  A "C2'"  1 
ATOM   326  C  "C1'"  . DG  A 1 11 ? 6.197   0.663   4.968   1.00 71.36  ? 11  DG  A "C1'"  1 
ATOM   327  N  N9     . DG  A 1 11 ? 4.875   1.145   4.577   1.00 69.24  ? 11  DG  A N9     1 
ATOM   328  C  C8     . DG  A 1 11 ? 4.576   2.161   3.703   1.00 66.67  ? 11  DG  A C8     1 
ATOM   329  N  N7     . DG  A 1 11 ? 3.294   2.361   3.557   1.00 55.44  ? 11  DG  A N7     1 
ATOM   330  C  C5     . DG  A 1 11 ? 2.708   1.406   4.377   1.00 53.79  ? 11  DG  A C5     1 
ATOM   331  C  C6     . DG  A 1 11 ? 1.343   1.131   4.628   1.00 60.52  ? 11  DG  A C6     1 
ATOM   332  O  O6     . DG  A 1 11 ? 0.343   1.697   4.160   1.00 61.67  ? 11  DG  A O6     1 
ATOM   333  N  N1     . DG  A 1 11 ? 1.190   0.077   5.526   1.00 50.59  ? 11  DG  A N1     1 
ATOM   334  C  C2     . DG  A 1 11 ? 2.222   -0.620  6.104   1.00 59.32  ? 11  DG  A C2     1 
ATOM   335  N  N2     . DG  A 1 11 ? 1.887   -1.603  6.948   1.00 60.83  ? 11  DG  A N2     1 
ATOM   336  N  N3     . DG  A 1 11 ? 3.501   -0.369  5.876   1.00 69.91  ? 11  DG  A N3     1 
ATOM   337  C  C4     . DG  A 1 11 ? 3.668   0.651   5.008   1.00 62.60  ? 11  DG  A C4     1 
ATOM   338  H  "H5'"  . DG  A 1 11 ? 8.256   3.155   6.785   1.00 100.92 ? 11  DG  A "H5'"  1 
ATOM   339  H  "H5''" . DG  A 1 11 ? 9.589   2.343   7.027   1.00 100.92 ? 11  DG  A "H5''" 1 
ATOM   340  H  "H4'"  . DG  A 1 11 ? 8.326   0.597   6.783   1.00 103.81 ? 11  DG  A "H4'"  1 
ATOM   341  H  "H3'"  . DG  A 1 11 ? 9.264   1.037   4.318   1.00 100.39 ? 11  DG  A "H3'"  1 
ATOM   342  H  "H2'"  . DG  A 1 11 ? 7.243   1.597   3.448   1.00 81.64  ? 11  DG  A "H2'"  1 
ATOM   343  H  "H2''" . DG  A 1 11 ? 7.160   0.008   3.259   1.00 81.64  ? 11  DG  A "H2''" 1 
ATOM   344  H  "H1'"  . DG  A 1 11 ? 6.123   -0.252  5.281   1.00 85.63  ? 11  DG  A "H1'"  1 
ATOM   345  H  H8     . DG  A 1 11 ? 5.223   2.671   3.273   1.00 80.01  ? 11  DG  A H8     1 
ATOM   346  H  H1     . DG  A 1 11 ? 0.388   -0.156  5.732   1.00 60.70  ? 11  DG  A H1     1 
ATOM   347  H  H21    . DG  A 1 11 ? 2.501   -2.066  7.335   1.00 73.00  ? 11  DG  A H21    1 
ATOM   348  H  H22    . DG  A 1 11 ? 1.058   -1.773  7.102   1.00 73.00  ? 11  DG  A H22    1 
ATOM   349  P  P      . DA  A 1 12 ? 9.648   -1.619  3.835   1.00 89.92  ? 12  DA  A P      1 
ATOM   350  O  OP1    . DA  A 1 12 ? 11.082  -1.298  4.000   1.00 96.59  ? 12  DA  A OP1    1 
ATOM   351  O  OP2    . DA  A 1 12 ? 8.989   -1.406  2.528   1.00 91.34  ? 12  DA  A OP2    1 
ATOM   352  O  "O5'"  . DA  A 1 12 ? 9.401   -3.135  4.276   1.00 83.22  ? 12  DA  A "O5'"  1 
ATOM   353  C  "C5'"  . DA  A 1 12 ? 9.423   -3.479  5.658   1.00 78.55  ? 12  DA  A "C5'"  1 
ATOM   354  C  "C4'"  . DA  A 1 12 ? 8.267   -4.400  6.010   1.00 78.00  ? 12  DA  A "C4'"  1 
ATOM   355  O  "O4'"  . DA  A 1 12 ? 7.002   -3.692  5.838   1.00 72.71  ? 12  DA  A "O4'"  1 
ATOM   356  C  "C3'"  . DA  A 1 12 ? 8.154   -5.646  5.140   1.00 78.41  ? 12  DA  A "C3'"  1 
ATOM   357  O  "O3'"  . DA  A 1 12 ? 7.679   -6.746  5.915   1.00 74.37  ? 12  DA  A "O3'"  1 
ATOM   358  C  "C2'"  . DA  A 1 12 ? 7.163   -5.207  4.071   1.00 69.46  ? 12  DA  A "C2'"  1 
ATOM   359  C  "C1'"  . DA  A 1 12 ? 6.195   -4.378  4.892   1.00 64.96  ? 12  DA  A "C1'"  1 
ATOM   360  N  N9     . DA  A 1 12 ? 5.431   -3.389  4.132   1.00 66.54  ? 12  DA  A N9     1 
ATOM   361  C  C8     . DA  A 1 12 ? 5.933   -2.309  3.468   1.00 72.08  ? 12  DA  A C8     1 
ATOM   362  N  N7     . DA  A 1 12 ? 5.016   -1.571  2.887   1.00 68.18  ? 12  DA  A N7     1 
ATOM   363  C  C5     . DA  A 1 12 ? 3.826   -2.207  3.198   1.00 57.05  ? 12  DA  A C5     1 
ATOM   364  C  C6     . DA  A 1 12 ? 2.484   -1.915  2.876   1.00 63.99  ? 12  DA  A C6     1 
ATOM   365  N  N6     . DA  A 1 12 ? 2.119   -0.862  2.138   1.00 57.93  ? 12  DA  A N6     1 
ATOM   366  N  N1     . DA  A 1 12 ? 1.529   -2.748  3.341   1.00 56.46  ? 12  DA  A N1     1 
ATOM   367  C  C2     . DA  A 1 12 ? 1.902   -3.804  4.083   1.00 56.97  ? 12  DA  A C2     1 
ATOM   368  N  N3     . DA  A 1 12 ? 3.133   -4.180  4.451   1.00 50.75  ? 12  DA  A N3     1 
ATOM   369  C  C4     . DA  A 1 12 ? 4.058   -3.329  3.972   1.00 54.64  ? 12  DA  A C4     1 
ATOM   370  H  "H5'"  . DA  A 1 12 ? 9.358   -2.670  6.189   1.00 94.26  ? 12  DA  A "H5'"  1 
ATOM   371  H  "H5''" . DA  A 1 12 ? 10.259  -3.927  5.862   1.00 94.26  ? 12  DA  A "H5''" 1 
ATOM   372  H  "H4'"  . DA  A 1 12 ? 8.353   -4.671  6.937   1.00 93.60  ? 12  DA  A "H4'"  1 
ATOM   373  H  "H3'"  . DA  A 1 12 ? 9.012   -5.857  4.740   1.00 94.09  ? 12  DA  A "H3'"  1 
ATOM   374  H  "H2'"  . DA  A 1 12 ? 7.599   -4.665  3.395   1.00 83.36  ? 12  DA  A "H2'"  1 
ATOM   375  H  "H2''" . DA  A 1 12 ? 6.717   -5.971  3.675   1.00 83.36  ? 12  DA  A "H2''" 1 
ATOM   376  H  "H1'"  . DA  A 1 12 ? 5.584   -4.968  5.360   1.00 77.95  ? 12  DA  A "H1'"  1 
ATOM   377  H  H8     . DA  A 1 12 ? 6.841   -2.116  3.428   1.00 86.50  ? 12  DA  A H8     1 
ATOM   378  H  H61    . DA  A 1 12 ? 1.288   -0.725  1.966   1.00 69.52  ? 12  DA  A H61    1 
ATOM   379  H  H62    . DA  A 1 12 ? 2.716   -0.322  1.835   1.00 69.52  ? 12  DA  A H62    1 
ATOM   380  H  H2     . DA  A 1 12 ? 1.210   -4.349  4.380   1.00 68.36  ? 12  DA  A H2     1 
ATOM   381  P  P      . DC  A 1 13 ? 7.608   -8.222  5.287   1.00 91.74  ? 13  DC  A P      1 
ATOM   382  O  OP1    . DC  A 1 13 ? 8.419   -9.113  6.146   1.00 98.82  ? 13  DC  A OP1    1 
ATOM   383  O  OP2    . DC  A 1 13 ? 7.913   -8.110  3.842   1.00 95.38  ? 13  DC  A OP2    1 
ATOM   384  O  "O5'"  . DC  A 1 13 ? 6.070   -8.630  5.453   1.00 74.92  ? 13  DC  A "O5'"  1 
ATOM   385  C  "C5'"  . DC  A 1 13 ? 5.044   -7.740  5.031   1.00 65.02  ? 13  DC  A "C5'"  1 
ATOM   386  C  "C4'"  . DC  A 1 13 ? 3.743   -8.479  4.814   1.00 67.35  ? 13  DC  A "C4'"  1 
ATOM   387  O  "O4'"  . DC  A 1 13 ? 2.750   -7.554  4.294   1.00 78.72  ? 13  DC  A "O4'"  1 
ATOM   388  C  "C3'"  . DC  A 1 13 ? 3.832   -9.615  3.810   1.00 65.81  ? 13  DC  A "C3'"  1 
ATOM   389  O  "O3'"  . DC  A 1 13 ? 3.009   -10.712 4.196   1.00 77.42  ? 13  DC  A "O3'"  1 
ATOM   390  C  "C2'"  . DC  A 1 13 ? 3.378   -8.975  2.503   1.00 67.53  ? 13  DC  A "C2'"  1 
ATOM   391  C  "C1'"  . DC  A 1 13 ? 2.431   -7.860  2.949   1.00 54.39  ? 13  DC  A "C1'"  1 
ATOM   392  N  N1     . DC  A 1 13 ? 2.541   -6.598  2.124   1.00 45.21  ? 13  DC  A N1     1 
ATOM   393  C  C2     . DC  A 1 13 ? 1.382   -5.997  1.606   1.00 54.34  ? 13  DC  A C2     1 
ATOM   394  O  O2     . DC  A 1 13 ? 0.281   -6.507  1.838   1.00 55.63  ? 13  DC  A O2     1 
ATOM   395  N  N3     . DC  A 1 13 ? 1.507   -4.867  0.863   1.00 52.61  ? 13  DC  A N3     1 
ATOM   396  C  C4     . DC  A 1 13 ? 2.710   -4.344  0.636   1.00 52.57  ? 13  DC  A C4     1 
ATOM   397  N  N4     . DC  A 1 13 ? 2.784   -3.229  -0.103  1.00 55.00  ? 13  DC  A N4     1 
ATOM   398  C  C5     . DC  A 1 13 ? 3.897   -4.940  1.150   1.00 53.08  ? 13  DC  A C5     1 
ATOM   399  C  C6     . DC  A 1 13 ? 3.767   -6.052  1.883   1.00 52.12  ? 13  DC  A C6     1 
ATOM   400  H  "H5'"  . DC  A 1 13 ? 5.313   -7.315  4.202   1.00 78.02  ? 13  DC  A "H5'"  1 
ATOM   401  H  "H5''" . DC  A 1 13 ? 4.915   -7.058  5.709   1.00 78.02  ? 13  DC  A "H5''" 1 
ATOM   402  H  "H4'"  . DC  A 1 13 ? 3.434   -8.831  5.663   1.00 80.82  ? 13  DC  A "H4'"  1 
ATOM   403  H  "H3'"  . DC  A 1 13 ? 4.752   -9.908  3.728   1.00 78.97  ? 13  DC  A "H3'"  1 
ATOM   404  H  "H2'"  . DC  A 1 13 ? 4.136   -8.606  2.025   1.00 81.03  ? 13  DC  A "H2'"  1 
ATOM   405  H  "H2''" . DC  A 1 13 ? 2.907   -9.621  1.954   1.00 81.03  ? 13  DC  A "H2''" 1 
ATOM   406  H  "H1'"  . DC  A 1 13 ? 1.518   -8.186  2.907   1.00 65.27  ? 13  DC  A "H1'"  1 
ATOM   407  H  H41    . DC  A 1 13 ? 3.548   -2.871  -0.266  1.00 66.00  ? 13  DC  A H41    1 
ATOM   408  H  H42    . DC  A 1 13 ? 2.067   -2.873  -0.416  1.00 66.00  ? 13  DC  A H42    1 
ATOM   409  H  H5     . DC  A 1 13 ? 4.733   -4.566  0.986   1.00 63.69  ? 13  DC  A H5     1 
ATOM   410  H  H6     . DC  A 1 13 ? 4.527   -6.462  2.229   1.00 62.54  ? 13  DC  A H6     1 
ATOM   411  P  P      . DG  A 1 14 ? 3.033   -12.072 3.337   1.00 98.30  ? 14  DG  A P      1 
ATOM   412  O  OP1    . DG  A 1 14 ? 2.928   -13.214 4.272   1.00 103.85 ? 14  DG  A OP1    1 
ATOM   413  O  OP2    . DG  A 1 14 ? 4.179   -12.000 2.404   1.00 85.34  ? 14  DG  A OP2    1 
ATOM   414  O  "O5'"  . DG  A 1 14 ? 1.696   -11.991 2.466   1.00 70.19  ? 14  DG  A "O5'"  1 
ATOM   415  C  "C5'"  . DG  A 1 14 ? 0.443   -11.923 3.115   1.00 65.91  ? 14  DG  A "C5'"  1 
ATOM   416  C  "C4'"  . DG  A 1 14 ? -0.638  -11.465 2.157   1.00 75.76  ? 14  DG  A "C4'"  1 
ATOM   417  O  "O4'"  . DG  A 1 14 ? -0.296  -10.153 1.643   1.00 77.27  ? 14  DG  A "O4'"  1 
ATOM   418  C  "C3'"  . DG  A 1 14 ? -0.842  -12.367 0.937   1.00 87.22  ? 14  DG  A "C3'"  1 
ATOM   419  O  "O3'"  . DG  A 1 14 ? -2.195  -12.816 0.869   1.00 100.38 ? 14  DG  A "O3'"  1 
ATOM   420  C  "C2'"  . DG  A 1 14 ? -0.460  -11.488 -0.256  1.00 84.57  ? 14  DG  A "C2'"  1 
ATOM   421  C  "C1'"  . DG  A 1 14 ? -0.641  -10.081 0.282   1.00 64.39  ? 14  DG  A "C1'"  1 
ATOM   422  N  N9     . DG  A 1 14 ? 0.201   -9.067  -0.354  1.00 53.13  ? 14  DG  A N9     1 
ATOM   423  C  C8     . DG  A 1 14 ? 1.568   -8.957  -0.276  1.00 50.12  ? 14  DG  A C8     1 
ATOM   424  N  N7     . DG  A 1 14 ? 2.047   -7.938  -0.935  1.00 51.82  ? 14  DG  A N7     1 
ATOM   425  C  C5     . DG  A 1 14 ? 0.924   -7.328  -1.480  1.00 49.35  ? 14  DG  A C5     1 
ATOM   426  C  C6     . DG  A 1 14 ? 0.817   -6.175  -2.293  1.00 53.76  ? 14  DG  A C6     1 
ATOM   427  O  O6     . DG  A 1 14 ? 1.723   -5.442  -2.710  1.00 61.10  ? 14  DG  A O6     1 
ATOM   428  N  N1     . DG  A 1 14 ? -0.506  -5.898  -2.624  1.00 51.96  ? 14  DG  A N1     1 
ATOM   429  C  C2     . DG  A 1 14 ? -1.589  -6.640  -2.219  1.00 56.20  ? 14  DG  A C2     1 
ATOM   430  N  N2     . DG  A 1 14 ? -2.792  -6.224  -2.637  1.00 50.81  ? 14  DG  A N2     1 
ATOM   431  N  N3     . DG  A 1 14 ? -1.503  -7.725  -1.457  1.00 51.55  ? 14  DG  A N3     1 
ATOM   432  C  C4     . DG  A 1 14 ? -0.220  -8.006  -1.124  1.00 47.12  ? 14  DG  A C4     1 
ATOM   433  H  "H5'"  . DG  A 1 14 ? 0.500   -11.298 3.853   1.00 79.09  ? 14  DG  A "H5'"  1 
ATOM   434  H  "H5''" . DG  A 1 14 ? 0.214   -12.800 3.457   1.00 79.09  ? 14  DG  A "H5''" 1 
ATOM   435  H  "H4'"  . DG  A 1 14 ? -1.477  -11.401 2.641   1.00 90.91  ? 14  DG  A "H4'"  1 
ATOM   436  H  "H3'"  . DG  A 1 14 ? -0.244  -13.129 0.988   1.00 104.66 ? 14  DG  A "H3'"  1 
ATOM   437  H  "H2'"  . DG  A 1 14 ? 0.463   -11.640 -0.514  1.00 101.48 ? 14  DG  A "H2'"  1 
ATOM   438  H  "H2''" . DG  A 1 14 ? -1.058  -11.647 -1.004  1.00 101.48 ? 14  DG  A "H2''" 1 
ATOM   439  H  "H1'"  . DG  A 1 14 ? -1.572  -9.822  0.202   1.00 77.26  ? 14  DG  A "H1'"  1 
ATOM   440  H  H8     . DG  A 1 14 ? 2.101   -9.553  0.198   1.00 60.15  ? 14  DG  A H8     1 
ATOM   441  H  H1     . DG  A 1 14 ? -0.657  -5.212  -3.120  1.00 62.35  ? 14  DG  A H1     1 
ATOM   442  H  H21    . DG  A 1 14 ? -3.500  -6.657  -2.411  1.00 60.98  ? 14  DG  A H21    1 
ATOM   443  H  H22    . DG  A 1 14 ? -2.857  -5.523  -3.132  1.00 60.98  ? 14  DG  A H22    1 
ATOM   444  P  P      . DG  A 1 15 ? -2.639  -13.897 -0.234  1.00 93.80  ? 15  DG  A P      1 
ATOM   445  O  OP1    . DG  A 1 15 ? -3.657  -14.774 0.386   1.00 91.26  ? 15  DG  A OP1    1 
ATOM   446  O  OP2    . DG  A 1 15 ? -1.406  -14.491 -0.799  1.00 92.52  ? 15  DG  A OP2    1 
ATOM   447  O  "O5'"  . DG  A 1 15 ? -3.348  -13.017 -1.368  1.00 65.46  ? 15  DG  A "O5'"  1 
ATOM   448  C  "C5'"  . DG  A 1 15 ? -4.530  -12.293 -1.057  1.00 76.12  ? 15  DG  A "C5'"  1 
ATOM   449  C  "C4'"  . DG  A 1 15 ? -4.932  -11.376 -2.198  1.00 84.82  ? 15  DG  A "C4'"  1 
ATOM   450  O  "O4'"  . DG  A 1 15 ? -3.901  -10.371 -2.396  1.00 86.09  ? 15  DG  A "O4'"  1 
ATOM   451  C  "C3'"  . DG  A 1 15 ? -5.124  -12.069 -3.551  1.00 77.75  ? 15  DG  A "C3'"  1 
ATOM   452  O  "O3'"  . DG  A 1 15 ? -6.400  -11.739 -4.097  1.00 75.09  ? 15  DG  A "O3'"  1 
ATOM   453  C  "C2'"  . DG  A 1 15 ? -3.963  -11.550 -4.406  1.00 76.63  ? 15  DG  A "C2'"  1 
ATOM   454  C  "C1'"  . DG  A 1 15 ? -3.656  -10.207 -3.772  1.00 69.40  ? 15  DG  A "C1'"  1 
ATOM   455  N  N9     . DG  A 1 15 ? -2.275  -9.759  -3.943  1.00 59.18  ? 15  DG  A N9     1 
ATOM   456  C  C8     . DG  A 1 15 ? -1.157  -10.295 -3.354  1.00 58.10  ? 15  DG  A C8     1 
ATOM   457  N  N7     . DG  A 1 15 ? -0.055  -9.679  -3.676  1.00 57.63  ? 15  DG  A N7     1 
ATOM   458  C  C5     . DG  A 1 15 ? -0.469  -8.664  -4.527  1.00 51.30  ? 15  DG  A C5     1 
ATOM   459  C  C6     . DG  A 1 15 ? 0.286   -7.673  -5.192  1.00 49.33  ? 15  DG  A C6     1 
ATOM   460  O  O6     . DG  A 1 15 ? 1.510   -7.494  -5.155  1.00 59.20  ? 15  DG  A O6     1 
ATOM   461  N  N1     . DG  A 1 15 ? -0.519  -6.838  -5.960  1.00 46.82  ? 15  DG  A N1     1 
ATOM   462  C  C2     . DG  A 1 15 ? -1.888  -6.946  -6.070  1.00 53.81  ? 15  DG  A C2     1 
ATOM   463  N  N2     . DG  A 1 15 ? -2.499  -6.050  -6.857  1.00 53.58  ? 15  DG  A N2     1 
ATOM   464  N  N3     . DG  A 1 15 ? -2.607  -7.874  -5.450  1.00 53.71  ? 15  DG  A N3     1 
ATOM   465  C  C4     . DG  A 1 15 ? -1.834  -8.696  -4.700  1.00 50.12  ? 15  DG  A C4     1 
ATOM   466  H  "H5'"  . DG  A 1 15 ? -4.376  -11.760 -0.260  1.00 91.35  ? 15  DG  A "H5'"  1 
ATOM   467  H  "H5''" . DG  A 1 15 ? -5.250  -12.919 -0.885  1.00 91.35  ? 15  DG  A "H5''" 1 
ATOM   468  H  "H4'"  . DG  A 1 15 ? -5.759  -10.929 -1.960  1.00 101.78 ? 15  DG  A "H4'"  1 
ATOM   469  H  "H3'"  . DG  A 1 15 ? -5.049  -13.030 -3.442  1.00 93.30  ? 15  DG  A "H3'"  1 
ATOM   470  H  "H2'"  . DG  A 1 15 ? -3.198  -12.143 -4.342  1.00 91.96  ? 15  DG  A "H2'"  1 
ATOM   471  H  "H2''" . DG  A 1 15 ? -4.239  -11.439 -5.329  1.00 91.96  ? 15  DG  A "H2''" 1 
ATOM   472  H  "H1'"  . DG  A 1 15 ? -4.259  -9.536  -4.129  1.00 83.29  ? 15  DG  A "H1'"  1 
ATOM   473  H  H8     . DG  A 1 15 ? -1.184  -11.028 -2.785  1.00 69.72  ? 15  DG  A H8     1 
ATOM   474  H  H1     . DG  A 1 15 ? -0.134  -6.206  -6.396  1.00 56.18  ? 15  DG  A H1     1 
ATOM   475  H  H21    . DG  A 1 15 ? -3.351  -6.079  -6.959  1.00 64.30  ? 15  DG  A H21    1 
ATOM   476  H  H22    . DG  A 1 15 ? -2.037  -5.447  -7.260  1.00 64.30  ? 15  DG  A H22    1 
ATOM   477  P  P      . DA  A 1 16 ? -6.826  -12.263 -5.554  1.00 104.83 ? 16  DA  A P      1 
ATOM   478  O  OP1    . DA  A 1 16 ? -8.306  -12.264 -5.620  1.00 104.26 ? 16  DA  A OP1    1 
ATOM   479  O  OP2    . DA  A 1 16 ? -6.065  -13.506 -5.820  1.00 90.89  ? 16  DA  A OP2    1 
ATOM   480  O  "O5'"  . DA  A 1 16 ? -6.277  -11.127 -6.535  1.00 88.94  ? 16  DA  A "O5'"  1 
ATOM   481  C  "C5'"  . DA  A 1 16 ? -6.561  -9.760  -6.260  1.00 75.59  ? 16  DA  A "C5'"  1 
ATOM   482  C  "C4'"  . DA  A 1 16 ? -6.984  -9.028  -7.517  1.00 77.39  ? 16  DA  A "C4'"  1 
ATOM   483  O  "O4'"  . DA  A 1 16 ? -5.869  -8.265  -8.033  1.00 80.46  ? 16  DA  A "O4'"  1 
ATOM   484  C  "C3'"  . DA  A 1 16 ? -7.400  -9.921  -8.668  1.00 82.18  ? 16  DA  A "C3'"  1 
ATOM   485  O  "O3'"  . DA  A 1 16 ? -8.297  -9.238  -9.528  1.00 83.02  ? 16  DA  A "O3'"  1 
ATOM   486  C  "C2'"  . DA  A 1 16 ? -6.068  -10.241 -9.338  1.00 77.33  ? 16  DA  A "C2'"  1 
ATOM   487  C  "C1'"  . DA  A 1 16 ? -5.241  -8.978  -9.088  1.00 72.98  ? 16  DA  A "C1'"  1 
ATOM   488  N  N9     . DA  A 1 16 ? -3.859  -9.239  -8.698  1.00 62.26  ? 16  DA  A N9     1 
ATOM   489  C  C8     . DA  A 1 16 ? -3.415  -10.175 -7.806  1.00 64.11  ? 16  DA  A C8     1 
ATOM   490  N  N7     . DA  A 1 16 ? -2.112  -10.169 -7.640  1.00 62.10  ? 16  DA  A N7     1 
ATOM   491  C  C5     . DA  A 1 16 ? -1.677  -9.155  -8.475  1.00 57.62  ? 16  DA  A C5     1 
ATOM   492  C  C6     . DA  A 1 16 ? -0.397  -8.640  -8.756  1.00 62.93  ? 16  DA  A C6     1 
ATOM   493  N  N6     . DA  A 1 16 ? 0.725   -9.111  -8.196  1.00 64.64  ? 16  DA  A N6     1 
ATOM   494  N  N1     . DA  A 1 16 ? -0.311  -7.623  -9.638  1.00 59.33  ? 16  DA  A N1     1 
ATOM   495  C  C2     . DA  A 1 16 ? -1.435  -7.157  -10.197 1.00 63.50  ? 16  DA  A C2     1 
ATOM   496  N  N3     . DA  A 1 16 ? -2.690  -7.558  -10.011 1.00 70.25  ? 16  DA  A N3     1 
ATOM   497  C  C4     . DA  A 1 16 ? -2.742  -8.568  -9.130  1.00 63.17  ? 16  DA  A C4     1 
ATOM   498  H  "H5'"  . DA  A 1 16 ? -5.767  -9.337  -5.897  1.00 90.70  ? 16  DA  A "H5'"  1 
ATOM   499  H  "H5''" . DA  A 1 16 ? -7.275  -9.710  -5.605  1.00 90.70  ? 16  DA  A "H5''" 1 
ATOM   500  H  "H4'"  . DA  A 1 16 ? -7.713  -8.424  -7.304  1.00 92.86  ? 16  DA  A "H4'"  1 
ATOM   501  H  "H3'"  . DA  A 1 16 ? -7.810  -10.733 -8.330  1.00 98.62  ? 16  DA  A "H3'"  1 
ATOM   502  H  "H2'"  . DA  A 1 16 ? -5.651  -11.011 -8.921  1.00 92.79  ? 16  DA  A "H2'"  1 
ATOM   503  H  "H2''" . DA  A 1 16 ? -6.189  -10.388 -10.289 1.00 92.79  ? 16  DA  A "H2''" 1 
ATOM   504  H  "H1'"  . DA  A 1 16 ? -5.246  -8.431  -9.889  1.00 87.57  ? 16  DA  A "H1'"  1 
ATOM   505  H  H8     . DA  A 1 16 ? -3.981  -10.765 -7.363  1.00 76.93  ? 16  DA  A H8     1 
ATOM   506  H  H61    . DA  A 1 16 ? 1.485   -8.761  -8.397  1.00 77.57  ? 16  DA  A H61    1 
ATOM   507  H  H62    . DA  A 1 16 ? 0.685   -9.763  -7.636  1.00 77.57  ? 16  DA  A H62    1 
ATOM   508  H  H2     . DA  A 1 16 ? -1.323  -6.457  -10.797 1.00 76.21  ? 16  DA  A H2     1 
ATOM   509  P  P      . DA  A 1 17 ? -8.759  -9.910  -10.909 1.00 98.10  ? 17  DA  A P      1 
ATOM   510  O  OP1    . DA  A 1 17 ? -10.057 -9.304  -11.286 1.00 99.82  ? 17  DA  A OP1    1 
ATOM   511  O  OP2    . DA  A 1 17 ? -8.641  -11.377 -10.748 1.00 95.95  ? 17  DA  A OP2    1 
ATOM   512  O  "O5'"  . DA  A 1 17 ? -7.641  -9.439  -11.949 1.00 89.48  ? 17  DA  A "O5'"  1 
ATOM   513  C  "C5'"  . DA  A 1 17 ? -7.331  -8.059  -12.071 1.00 85.14  ? 17  DA  A "C5'"  1 
ATOM   514  C  "C4'"  . DA  A 1 17 ? -6.213  -7.835  -13.073 1.00 88.80  ? 17  DA  A "C4'"  1 
ATOM   515  O  "O4'"  . DA  A 1 17 ? -4.933  -8.121  -12.443 1.00 88.09  ? 17  DA  A "O4'"  1 
ATOM   516  C  "C3'"  . DA  A 1 17 ? -6.272  -8.720  -14.326 1.00 84.06  ? 17  DA  A "C3'"  1 
ATOM   517  O  "O3'"  . DA  A 1 17 ? -6.034  -7.937  -15.491 1.00 83.26  ? 17  DA  A "O3'"  1 
ATOM   518  C  "C2'"  . DA  A 1 17 ? -5.171  -9.748  -14.082 1.00 71.81  ? 17  DA  A "C2'"  1 
ATOM   519  C  "C1'"  . DA  A 1 17 ? -4.166  -8.930  -13.307 1.00 80.29  ? 17  DA  A "C1'"  1 
ATOM   520  N  N9     . DA  A 1 17 ? -3.231  -9.713  -12.513 1.00 72.26  ? 17  DA  A N9     1 
ATOM   521  C  C8     . DA  A 1 17 ? -3.523  -10.729 -11.645 1.00 75.99  ? 17  DA  A C8     1 
ATOM   522  N  N7     . DA  A 1 17 ? -2.467  -11.240 -11.058 1.00 69.76  ? 17  DA  A N7     1 
ATOM   523  C  C5     . DA  A 1 17 ? -1.412  -10.505 -11.574 1.00 71.45  ? 17  DA  A C5     1 
ATOM   524  C  C6     . DA  A 1 17 ? -0.021  -10.553 -11.354 1.00 72.33  ? 17  DA  A C6     1 
ATOM   525  N  N6     . DA  A 1 17 ? 0.561   -11.413 -10.515 1.00 69.90  ? 17  DA  A N6     1 
ATOM   526  N  N1     . DA  A 1 17 ? 0.749   -9.674  -12.030 1.00 66.26  ? 17  DA  A N1     1 
ATOM   527  C  C2     . DA  A 1 17 ? 0.162   -8.810  -12.866 1.00 74.30  ? 17  DA  A C2     1 
ATOM   528  N  N3     . DA  A 1 17 ? -1.130  -8.673  -13.156 1.00 72.23  ? 17  DA  A N3     1 
ATOM   529  C  C4     . DA  A 1 17 ? -1.868  -9.558  -12.470 1.00 69.26  ? 17  DA  A C4     1 
ATOM   530  H  "H5'"  . DA  A 1 17 ? -7.056  -7.717  -11.206 1.00 102.17 ? 17  DA  A "H5'"  1 
ATOM   531  H  "H5''" . DA  A 1 17 ? -8.122  -7.582  -12.365 1.00 102.17 ? 17  DA  A "H5''" 1 
ATOM   532  H  "H4'"  . DA  A 1 17 ? -6.224  -6.905  -13.347 1.00 106.56 ? 17  DA  A "H4'"  1 
ATOM   533  H  "H3'"  . DA  A 1 17 ? -7.134  -9.160  -14.385 1.00 100.88 ? 17  DA  A "H3'"  1 
ATOM   534  H  "H2'"  . DA  A 1 17 ? -5.501  -10.489 -13.549 1.00 86.17  ? 17  DA  A "H2'"  1 
ATOM   535  H  "H2''" . DA  A 1 17 ? -4.794  -10.058 -14.920 1.00 86.17  ? 17  DA  A "H2''" 1 
ATOM   536  H  "H1'"  . DA  A 1 17 ? -3.671  -8.364  -13.920 1.00 96.35  ? 17  DA  A "H1'"  1 
ATOM   537  H  H8     . DA  A 1 17 ? -4.388  -11.030 -11.488 1.00 91.18  ? 17  DA  A H8     1 
ATOM   538  H  H61    . DA  A 1 17 ? 1.414   -11.396 -10.404 1.00 83.88  ? 17  DA  A H61    1 
ATOM   539  H  H62    . DA  A 1 17 ? 0.083   -11.986 -10.088 1.00 83.88  ? 17  DA  A H62    1 
ATOM   540  H  H2     . DA  A 1 17 ? 0.736   -8.229  -13.309 1.00 89.16  ? 17  DA  A H2     1 
ATOM   541  P  P      . DA  A 1 18 ? -6.064  -8.603  -16.952 1.00 95.43  ? 18  DA  A P      1 
ATOM   542  O  OP1    . DA  A 1 18 ? -7.159  -7.946  -17.699 1.00 88.74  ? 18  DA  A OP1    1 
ATOM   543  O  OP2    . DA  A 1 18 ? -6.065  -10.076 -16.802 1.00 92.66  ? 18  DA  A OP2    1 
ATOM   544  O  "O5'"  . DA  A 1 18 ? -4.666  -8.160  -17.597 1.00 80.06  ? 18  DA  A "O5'"  1 
ATOM   545  C  "C5'"  . DA  A 1 18 ? -4.412  -6.781  -17.864 1.00 68.33  ? 18  DA  A "C5'"  1 
ATOM   546  C  "C4'"  . DA  A 1 18 ? -2.945  -6.549  -18.174 1.00 76.25  ? 18  DA  A "C4'"  1 
ATOM   547  O  "O4'"  . DA  A 1 18 ? -2.133  -7.141  -17.126 1.00 81.79  ? 18  DA  A "O4'"  1 
ATOM   548  C  "C3'"  . DA  A 1 18 ? -2.466  -7.165  -19.487 1.00 87.89  ? 18  DA  A "C3'"  1 
ATOM   549  O  "O3'"  . DA  A 1 18 ? -1.634  -6.255  -20.193 1.00 89.74  ? 18  DA  A "O3'"  1 
ATOM   550  C  "C2'"  . DA  A 1 18 ? -1.719  -8.422  -19.054 1.00 77.92  ? 18  DA  A "C2'"  1 
ATOM   551  C  "C1'"  . DA  A 1 18 ? -1.206  -8.057  -17.673 1.00 81.97  ? 18  DA  A "C1'"  1 
ATOM   552  N  N9     . DA  A 1 18 ? -1.100  -9.194  -16.764 1.00 80.37  ? 18  DA  A N9     1 
ATOM   553  C  C8     . DA  A 1 18 ? -2.123  -9.970  -16.297 1.00 85.34  ? 18  DA  A C8     1 
ATOM   554  N  N7     . DA  A 1 18 ? -1.736  -10.921 -15.481 1.00 78.57  ? 18  DA  A N7     1 
ATOM   555  C  C5     . DA  A 1 18 ? -0.364  -10.750 -15.400 1.00 62.47  ? 18  DA  A C5     1 
ATOM   556  C  C6     . DA  A 1 18 ? 0.638   -11.440 -14.690 1.00 69.58  ? 18  DA  A C6     1 
ATOM   557  N  N6     . DA  A 1 18 ? 0.391   -12.483 -13.892 1.00 71.92  ? 18  DA  A N6     1 
ATOM   558  N  N1     . DA  A 1 18 ? 1.911   -11.013 -14.827 1.00 66.20  ? 18  DA  A N1     1 
ATOM   559  C  C2     . DA  A 1 18 ? 2.155   -9.964  -15.623 1.00 74.27  ? 18  DA  A C2     1 
ATOM   560  N  N3     . DA  A 1 18 ? 1.299   -9.239  -16.342 1.00 74.12  ? 18  DA  A N3     1 
ATOM   561  C  C4     . DA  A 1 18 ? 0.044   -9.687  -16.182 1.00 65.95  ? 18  DA  A C4     1 
ATOM   562  H  "H5'"  . DA  A 1 18 ? -4.659  -6.255  -17.087 1.00 82.00  ? 18  DA  A "H5'"  1 
ATOM   563  H  "H5''" . DA  A 1 18 ? -4.947  -6.500  -18.622 1.00 82.00  ? 18  DA  A "H5''" 1 
ATOM   564  H  "H4'"  . DA  A 1 18 ? -2.778  -5.594  -18.198 1.00 91.50  ? 18  DA  A "H4'"  1 
ATOM   565  H  "H3'"  . DA  A 1 18 ? -3.229  -7.407  -20.035 1.00 105.47 ? 18  DA  A "H3'"  1 
ATOM   566  H  "H2'"  . DA  A 1 18 ? -2.322  -9.179  -19.007 1.00 93.51  ? 18  DA  A "H2'"  1 
ATOM   567  H  "H2''" . DA  A 1 18 ? -0.980  -8.606  -19.656 1.00 93.51  ? 18  DA  A "H2''" 1 
ATOM   568  H  "H1'"  . DA  A 1 18 ? -0.340  -7.629  -17.753 1.00 98.36  ? 18  DA  A "H1'"  1 
ATOM   569  H  H8     . DA  A 1 18 ? -3.012  -9.843  -16.543 1.00 102.41 ? 18  DA  A H8     1 
ATOM   570  H  H61    . DA  A 1 18 ? 1.036   -12.871 -13.477 1.00 86.30  ? 18  DA  A H61    1 
ATOM   571  H  H62    . DA  A 1 18 ? -0.416  -12.766 -13.793 1.00 86.30  ? 18  DA  A H62    1 
ATOM   572  H  H2     . DA  A 1 18 ? 3.048   -9.709  -15.687 1.00 89.13  ? 18  DA  A H2     1 
ATOM   573  P  P      . DT  A 1 19 ? -1.071  -6.643  -21.645 1.00 100.78 ? 19  DT  A P      1 
ATOM   574  O  OP1    . DT  A 1 19 ? -0.767  -5.387  -22.370 1.00 101.79 ? 19  DT  A OP1    1 
ATOM   575  O  OP2    . DT  A 1 19 ? -2.002  -7.631  -22.234 1.00 100.96 ? 19  DT  A OP2    1 
ATOM   576  O  "O5'"  . DT  A 1 19 ? 0.312   -7.364  -21.314 1.00 80.83  ? 19  DT  A "O5'"  1 
ATOM   577  C  "C5'"  . DT  A 1 19 ? 1.252   -6.672  -20.526 1.00 64.44  ? 19  DT  A "C5'"  1 
ATOM   578  C  "C4'"  . DT  A 1 19 ? 2.466   -7.526  -20.211 1.00 75.97  ? 19  DT  A "C4'"  1 
ATOM   579  O  "O4'"  . DT  A 1 19 ? 2.118   -8.568  -19.276 1.00 72.64  ? 19  DT  A "O4'"  1 
ATOM   580  C  "C3'"  . DT  A 1 19 ? 3.104   -8.228  -21.411 1.00 82.47  ? 19  DT  A "C3'"  1 
ATOM   581  O  "O3'"  . DT  A 1 19 ? 4.411   -7.711  -21.607 1.00 68.80  ? 19  DT  A "O3'"  1 
ATOM   582  C  "C2'"  . DT  A 1 19 ? 3.096   -9.721  -21.029 1.00 83.99  ? 19  DT  A "C2'"  1 
ATOM   583  C  "C1'"  . DT  A 1 19 ? 2.954   -9.670  -19.520 1.00 73.49  ? 19  DT  A "C1'"  1 
ATOM   584  N  N1     . DT  A 1 19 ? 2.332   -10.867 -18.872 1.00 70.44  ? 19  DT  A N1     1 
ATOM   585  C  C2     . DT  A 1 19 ? 3.109   -11.706 -18.096 1.00 73.55  ? 19  DT  A C2     1 
ATOM   586  O  O2     . DT  A 1 19 ? 4.306   -11.554 -17.933 1.00 76.84  ? 19  DT  A O2     1 
ATOM   587  N  N3     . DT  A 1 19 ? 2.422   -12.742 -17.517 1.00 63.40  ? 19  DT  A N3     1 
ATOM   588  C  C4     . DT  A 1 19 ? 1.074   -13.015 -17.625 1.00 70.36  ? 19  DT  A C4     1 
ATOM   589  O  O4     . DT  A 1 19 ? 0.551   -13.974 -17.069 1.00 69.45  ? 19  DT  A O4     1 
ATOM   590  C  C5     . DT  A 1 19 ? 0.318   -12.091 -18.440 1.00 77.06  ? 19  DT  A C5     1 
ATOM   591  C  C7     . DT  A 1 19 ? -1.157  -12.290 -18.634 1.00 85.31  ? 19  DT  A C7     1 
ATOM   592  C  C6     . DT  A 1 19 ? 0.975   -11.071 -19.011 1.00 76.09  ? 19  DT  A C6     1 
ATOM   593  H  "H5'"  . DT  A 1 19 ? 0.831   -6.405  -19.694 1.00 77.32  ? 19  DT  A "H5'"  1 
ATOM   594  H  "H5''" . DT  A 1 19 ? 1.541   -5.878  -21.003 1.00 77.32  ? 19  DT  A "H5''" 1 
ATOM   595  H  "H4'"  . DT  A 1 19 ? 3.137   -6.958  -19.800 1.00 91.16  ? 19  DT  A "H4'"  1 
ATOM   596  H  "H3'"  . DT  A 1 19 ? 2.566   -8.085  -22.205 1.00 98.97  ? 19  DT  A "H3'"  1 
ATOM   597  H  "H2'"  . DT  A 1 19 ? 2.339   -10.175 -21.431 1.00 100.78 ? 19  DT  A "H2'"  1 
ATOM   598  H  "H2''" . DT  A 1 19 ? 3.930   -10.146 -21.282 1.00 100.78 ? 19  DT  A "H2''" 1 
ATOM   599  H  "H1'"  . DT  A 1 19 ? 3.824   -9.506  -19.122 1.00 88.18  ? 19  DT  A "H1'"  1 
ATOM   600  H  H3     . DT  A 1 19 ? 2.882   -13.284 -17.034 1.00 76.08  ? 19  DT  A H3     1 
ATOM   601  H  H71    . DT  A 1 19 ? -1.631  -11.491 -18.353 1.00 102.38 ? 19  DT  A H71    1 
ATOM   602  H  H72    . DT  A 1 19 ? -1.340  -12.461 -19.571 1.00 102.38 ? 19  DT  A H72    1 
ATOM   603  H  H73    . DT  A 1 19 ? -1.454  -13.045 -18.104 1.00 102.38 ? 19  DT  A H73    1 
ATOM   604  H  H6     . DT  A 1 19 ? 0.493   -10.474 -19.537 1.00 91.30  ? 19  DT  A H6     1 
ATOM   605  P  P      . DT  A 1 20 ? 5.337   -8.217  -22.813 1.00 95.99  ? 20  DT  A P      1 
ATOM   606  O  OP1    . DT  A 1 20 ? 6.364   -7.171  -23.031 1.00 78.85  ? 20  DT  A OP1    1 
ATOM   607  O  OP2    . DT  A 1 20 ? 4.458   -8.636  -23.926 1.00 109.03 ? 20  DT  A OP2    1 
ATOM   608  O  "O5'"  . DT  A 1 20 ? 6.051   -9.515  -22.214 1.00 89.08  ? 20  DT  A "O5'"  1 
ATOM   609  C  "C5'"  . DT  A 1 20 ? 6.722   -9.429  -20.965 1.00 84.96  ? 20  DT  A "C5'"  1 
ATOM   610  C  "C4'"  . DT  A 1 20 ? 7.517   -10.690 -20.683 1.00 87.03  ? 20  DT  A "C4'"  1 
ATOM   611  O  "O4'"  . DT  A 1 20 ? 6.677   -11.667 -20.001 1.00 86.21  ? 20  DT  A "O4'"  1 
ATOM   612  C  "C3'"  . DT  A 1 20 ? 8.052   -11.405 -21.918 1.00 94.94  ? 20  DT  A "C3'"  1 
ATOM   613  O  "O3'"  . DT  A 1 20 ? 9.331   -11.935 -21.650 1.00 93.56  ? 20  DT  A "O3'"  1 
ATOM   614  C  "C2'"  . DT  A 1 20 ? 7.012   -12.491 -22.155 1.00 90.54  ? 20  DT  A "C2'"  1 
ATOM   615  C  "C1'"  . DT  A 1 20 ? 6.675   -12.882 -20.729 1.00 85.82  ? 20  DT  A "C1'"  1 
ATOM   616  N  N1     . DT  A 1 20 ? 5.350   -13.545 -20.539 1.00 74.12  ? 20  DT  A N1     1 
ATOM   617  C  C2     . DT  A 1 20 ? 5.265   -14.616 -19.681 1.00 76.88  ? 20  DT  A C2     1 
ATOM   618  O  O2     . DT  A 1 20 ? 6.226   -15.071 -19.083 1.00 78.83  ? 20  DT  A O2     1 
ATOM   619  N  N3     . DT  A 1 20 ? 4.015   -15.146 -19.550 1.00 66.78  ? 20  DT  A N3     1 
ATOM   620  C  C4     . DT  A 1 20 ? 2.857   -14.723 -20.169 1.00 66.43  ? 20  DT  A C4     1 
ATOM   621  O  O4     . DT  A 1 20 ? 1.777   -15.271 -19.980 1.00 68.27  ? 20  DT  A O4     1 
ATOM   622  C  C5     . DT  A 1 20 ? 3.008   -13.587 -21.048 1.00 68.98  ? 20  DT  A C5     1 
ATOM   623  C  C7     . DT  A 1 20 ? 1.816   -13.041 -21.778 1.00 75.10  ? 20  DT  A C7     1 
ATOM   624  C  C6     . DT  A 1 20 ? 4.233   -13.055 -21.187 1.00 64.73  ? 20  DT  A C6     1 
ATOM   625  H  "H5'"  . DT  A 1 20 ? 6.067   -9.301  -20.262 1.00 101.95 ? 20  DT  A "H5'"  1 
ATOM   626  H  "H5''" . DT  A 1 20 ? 7.324   -8.669  -20.980 1.00 101.95 ? 20  DT  A "H5''" 1 
ATOM   627  H  "H4'"  . DT  A 1 20 ? 8.264   -10.464 -20.106 1.00 104.43 ? 20  DT  A "H4'"  1 
ATOM   628  H  "H3'"  . DT  A 1 20 ? 8.085   -10.796 -22.673 1.00 113.93 ? 20  DT  A "H3'"  1 
ATOM   629  H  "H2'"  . DT  A 1 20 ? 6.234   -12.135 -22.612 1.00 108.65 ? 20  DT  A "H2'"  1 
ATOM   630  H  "H2''" . DT  A 1 20 ? 7.394   -13.239 -22.641 1.00 108.65 ? 20  DT  A "H2''" 1 
ATOM   631  H  "H1'"  . DT  A 1 20 ? 7.372   -13.461 -20.384 1.00 102.99 ? 20  DT  A "H1'"  1 
ATOM   632  H  H3     . DT  A 1 20 ? 3.940   -15.820 -19.021 1.00 80.14  ? 20  DT  A H3     1 
ATOM   633  H  H71    . DT  A 1 20 ? 1.162   -13.747 -21.902 1.00 90.12  ? 20  DT  A H71    1 
ATOM   634  H  H72    . DT  A 1 20 ? 1.421   -12.322 -21.260 1.00 90.12  ? 20  DT  A H72    1 
ATOM   635  H  H73    . DT  A 1 20 ? 2.093   -12.702 -22.643 1.00 90.12  ? 20  DT  A H73    1 
ATOM   636  H  H6     . DT  A 1 20 ? 4.336   -12.327 -21.755 1.00 77.68  ? 20  DT  A H6     1 
ATOM   637  P  P      . DA  A 1 21 ? 10.389  -12.149 -22.835 1.00 97.51  ? 21  DA  A P      1 
ATOM   638  O  OP1    . DA  A 1 21 ? 11.435  -11.112 -22.701 1.00 88.68  ? 21  DA  A OP1    1 
ATOM   639  O  OP2    . DA  A 1 21 ? 9.620   -12.273 -24.095 1.00 95.74  ? 21  DA  A OP2    1 
ATOM   640  O  "O5'"  . DA  A 1 21 ? 11.033  -13.573 -22.505 1.00 92.14  ? 21  DA  A "O5'"  1 
ATOM   641  C  "C5'"  . DA  A 1 21 ? 11.276  -13.959 -21.151 1.00 90.68  ? 21  DA  A "C5'"  1 
ATOM   642  C  "C4'"  . DA  A 1 21 ? 10.955  -15.428 -20.943 1.00 92.34  ? 21  DA  A "C4'"  1 
ATOM   643  O  "O4'"  . DA  A 1 21 ? 9.563   -15.580 -20.617 1.00 84.84  ? 21  DA  A "O4'"  1 
ATOM   644  C  "C3'"  . DA  A 1 21 ? 11.158  -16.308 -22.165 1.00 87.52  ? 21  DA  A "C3'"  1 
ATOM   645  O  "O3'"  . DA  A 1 21 ? 12.492  -16.810 -22.217 1.00 89.94  ? 21  DA  A "O3'"  1 
ATOM   646  C  "C2'"  . DA  A 1 21 ? 10.125  -17.424 -21.985 1.00 85.03  ? 21  DA  A "C2'"  1 
ATOM   647  C  "C1'"  . DA  A 1 21 ? 9.168   -16.902 -20.915 1.00 78.15  ? 21  DA  A "C1'"  1 
ATOM   648  N  N9     . DA  A 1 21 ? 7.774   -16.887 -21.335 1.00 72.39  ? 21  DA  A N9     1 
ATOM   649  C  C8     . DA  A 1 21 ? 7.170   -15.987 -22.170 1.00 75.69  ? 21  DA  A C8     1 
ATOM   650  N  N7     . DA  A 1 21 ? 5.897   -16.215 -22.366 1.00 70.26  ? 21  DA  A N7     1 
ATOM   651  C  C5     . DA  A 1 21 ? 5.640   -17.345 -21.606 1.00 70.04  ? 21  DA  A C5     1 
ATOM   652  C  C6     . DA  A 1 21 ? 4.470   -18.092 -21.389 1.00 71.98  ? 21  DA  A C6     1 
ATOM   653  N  N6     . DA  A 1 21 ? 3.295   -17.787 -21.949 1.00 74.56  ? 21  DA  A N6     1 
ATOM   654  N  N1     . DA  A 1 21 ? 4.548   -19.167 -20.573 1.00 66.29  ? 21  DA  A N1     1 
ATOM   655  C  C2     . DA  A 1 21 ? 5.732   -19.466 -20.020 1.00 69.69  ? 21  DA  A C2     1 
ATOM   656  N  N3     . DA  A 1 21 ? 6.902   -18.834 -20.148 1.00 77.58  ? 21  DA  A N3     1 
ATOM   657  C  C4     . DA  A 1 21 ? 6.785   -17.774 -20.964 1.00 72.39  ? 21  DA  A C4     1 
ATOM   658  H  "H5'"  . DA  A 1 21 ? 10.719  -13.424 -20.562 1.00 108.82 ? 21  DA  A "H5'"  1 
ATOM   659  H  "H5''" . DA  A 1 21 ? 12.209  -13.802 -20.936 1.00 108.82 ? 21  DA  A "H5''" 1 
ATOM   660  H  "H4'"  . DA  A 1 21 ? 11.493  -15.771 -20.211 1.00 110.81 ? 21  DA  A "H4'"  1 
ATOM   661  H  "H3'"  . DA  A 1 21 ? 10.962  -15.804 -22.970 1.00 105.02 ? 21  DA  A "H3'"  1 
ATOM   662  H  "HO3'" . DA  A 1 21 ? 12.632  -17.637 -22.175 1.00 107.93 ? 21  DA  A "HO3'" 1 
ATOM   663  H  "H2'"  . DA  A 1 21 ? 9.648   -17.580 -22.816 1.00 102.04 ? 21  DA  A "H2'"  1 
ATOM   664  H  "H2''" . DA  A 1 21 ? 10.556  -18.239 -21.683 1.00 102.04 ? 21  DA  A "H2''" 1 
ATOM   665  H  "H1'"  . DA  A 1 21 ? 9.254   -17.448 -20.117 1.00 93.79  ? 21  DA  A "H1'"  1 
ATOM   666  H  H8     . DA  A 1 21 ? 7.624   -15.277 -22.563 1.00 90.83  ? 21  DA  A H8     1 
ATOM   667  H  H61    . DA  A 1 21 ? 2.603   -18.275 -21.791 1.00 89.47  ? 21  DA  A H61    1 
ATOM   668  H  H62    . DA  A 1 21 ? 3.229   -17.103 -22.466 1.00 89.47  ? 21  DA  A H62    1 
ATOM   669  H  H2     . DA  A 1 21 ? 5.738   -20.212 -19.466 1.00 83.63  ? 21  DA  A H2     1 
ATOM   670  P  P      . DC  B 2 1  ? 2.666   2.678   -10.329 1.00 97.87  ? 0   DC  B P      1 
ATOM   671  O  OP1    . DC  B 2 1  ? 3.960   3.347   -10.075 1.00 67.13  ? 0   DC  B OP1    1 
ATOM   672  O  OP2    . DC  B 2 1  ? 2.563   1.610   -11.348 1.00 77.53  ? 0   DC  B OP2    1 
ATOM   673  O  "O5'"  . DC  B 2 1  ? 2.162   2.045   -8.953  1.00 76.92  ? 0   DC  B "O5'"  1 
ATOM   674  C  "C5'"  . DC  B 2 1  ? 1.894   0.656   -8.883  1.00 78.25  ? 0   DC  B "C5'"  1 
ATOM   675  C  "C4'"  . DC  B 2 1  ? 0.631   0.307   -9.659  1.00 68.43  ? 0   DC  B "C4'"  1 
ATOM   676  O  "O4'"  . DC  B 2 1  ? 0.788   -0.990  -10.282 1.00 56.14  ? 0   DC  B "O4'"  1 
ATOM   677  C  "C3'"  . DC  B 2 1  ? -0.639  0.246   -8.814  1.00 67.92  ? 0   DC  B "C3'"  1 
ATOM   678  O  "O3'"  . DC  B 2 1  ? -1.530  1.282   -9.198  1.00 64.57  ? 0   DC  B "O3'"  1 
ATOM   679  C  "C2'"  . DC  B 2 1  ? -1.226  -1.145  -9.067  1.00 56.22  ? 0   DC  B "C2'"  1 
ATOM   680  C  "C1'"  . DC  B 2 1  ? -0.087  -1.928  -9.703  1.00 56.86  ? 0   DC  B "C1'"  1 
ATOM   681  N  N1     . DC  B 2 1  ? 0.695   -2.781  -8.749  1.00 53.48  ? 0   DC  B N1     1 
ATOM   682  C  C2     . DC  B 2 1  ? 0.076   -3.862  -8.107  1.00 57.56  ? 0   DC  B C2     1 
ATOM   683  O  O2     . DC  B 2 1  ? -1.124  -4.083  -8.312  1.00 59.25  ? 0   DC  B O2     1 
ATOM   684  N  N3     . DC  B 2 1  ? 0.814   -4.633  -7.266  1.00 53.14  ? 0   DC  B N3     1 
ATOM   685  C  C4     . DC  B 2 1  ? 2.104   -4.363  -7.070  1.00 48.73  ? 0   DC  B C4     1 
ATOM   686  N  N4     . DC  B 2 1  ? 2.794   -5.149  -6.231  1.00 53.99  ? 0   DC  B N4     1 
ATOM   687  C  C5     . DC  B 2 1  ? 2.753   -3.276  -7.720  1.00 49.88  ? 0   DC  B C5     1 
ATOM   688  C  C6     . DC  B 2 1  ? 2.019   -2.522  -8.547  1.00 51.44  ? 0   DC  B C6     1 
ATOM   689  H  "H5'"  . DC  B 2 1  ? 1.778   0.400   -7.955  1.00 93.90  ? 0   DC  B "H5'"  1 
ATOM   690  H  "H5''" . DC  B 2 1  ? 2.643   0.166   -9.258  1.00 93.90  ? 0   DC  B "H5''" 1 
ATOM   691  H  "H4'"  . DC  B 2 1  ? 0.505   0.970   -10.356 1.00 82.11  ? 0   DC  B "H4'"  1 
ATOM   692  H  "H3'"  . DC  B 2 1  ? -0.413  0.339   -7.875  1.00 81.50  ? 0   DC  B "H3'"  1 
ATOM   693  H  "H2'"  . DC  B 2 1  ? -1.496  -1.557  -8.232  1.00 67.46  ? 0   DC  B "H2'"  1 
ATOM   694  H  "H2''" . DC  B 2 1  ? -1.979  -1.088  -9.678  1.00 67.46  ? 0   DC  B "H2''" 1 
ATOM   695  H  "H1'"  . DC  B 2 1  ? -0.449  -2.494  -10.403 1.00 68.23  ? 0   DC  B "H1'"  1 
ATOM   696  H  H41    . DC  B 2 1  ? 3.630   -5.003  -6.094  1.00 64.79  ? 0   DC  B H41    1 
ATOM   697  H  H42    . DC  B 2 1  ? 2.400   -5.800  -5.830  1.00 64.79  ? 0   DC  B H42    1 
ATOM   698  H  H5     . DC  B 2 1  ? 3.653   -3.095  -7.575  1.00 59.86  ? 0   DC  B H5     1 
ATOM   699  H  H6     . DC  B 2 1  ? 2.417   -1.804  -8.985  1.00 61.73  ? 0   DC  B H6     1 
ATOM   700  P  P      . DC  B 2 2  ? -1.961  2.408   -8.139  1.00 85.65  ? 1   DC  B P      1 
ATOM   701  O  OP1    . DC  B 2 2  ? -2.512  3.558   -8.891  1.00 73.20  ? 1   DC  B OP1    1 
ATOM   702  O  OP2    . DC  B 2 2  ? -0.825  2.606   -7.211  1.00 67.79  ? 1   DC  B OP2    1 
ATOM   703  O  "O5'"  . DC  B 2 2  ? -3.134  1.712   -7.311  1.00 64.26  ? 1   DC  B "O5'"  1 
ATOM   704  C  "C5'"  . DC  B 2 2  ? -4.172  1.028   -7.995  1.00 68.81  ? 1   DC  B "C5'"  1 
ATOM   705  C  "C4'"  . DC  B 2 2  ? -4.720  -0.096  -7.143  1.00 68.34  ? 1   DC  B "C4'"  1 
ATOM   706  O  "O4'"  . DC  B 2 2  ? -3.764  -1.175  -7.093  1.00 62.10  ? 1   DC  B "O4'"  1 
ATOM   707  C  "C3'"  . DC  B 2 2  ? -4.961  0.274   -5.696  1.00 71.73  ? 1   DC  B "C3'"  1 
ATOM   708  O  "O3'"  . DC  B 2 2  ? -6.251  0.829   -5.534  1.00 67.53  ? 1   DC  B "O3'"  1 
ATOM   709  C  "C2'"  . DC  B 2 2  ? -4.799  -1.050  -4.957  1.00 75.84  ? 1   DC  B "C2'"  1 
ATOM   710  C  "C1'"  . DC  B 2 2  ? -3.890  -1.873  -5.865  1.00 63.48  ? 1   DC  B "C1'"  1 
ATOM   711  N  N1     . DC  B 2 2  ? -2.516  -2.106  -5.322  1.00 55.78  ? 1   DC  B N1     1 
ATOM   712  C  C2     . DC  B 2 2  ? -2.254  -3.246  -4.551  1.00 56.53  ? 1   DC  B C2     1 
ATOM   713  O  O2     . DC  B 2 2  ? -3.177  -4.031  -4.304  1.00 61.56  ? 1   DC  B O2     1 
ATOM   714  N  N3     . DC  B 2 2  ? -0.992  -3.450  -4.090  1.00 53.09  ? 1   DC  B N3     1 
ATOM   715  C  C4     . DC  B 2 2  ? -0.026  -2.577  -4.383  1.00 58.29  ? 1   DC  B C4     1 
ATOM   716  N  N4     . DC  B 2 2  ? 1.202   -2.818  -3.908  1.00 54.85  ? 1   DC  B N4     1 
ATOM   717  C  C5     . DC  B 2 2  ? -0.274  -1.417  -5.172  1.00 53.79  ? 1   DC  B C5     1 
ATOM   718  C  C6     . DC  B 2 2  ? -1.520  -1.224  -5.618  1.00 53.66  ? 1   DC  B C6     1 
ATOM   719  H  "H5'"  . DC  B 2 2  ? -3.824  0.662   -8.822  1.00 82.57  ? 1   DC  B "H5'"  1 
ATOM   720  H  "H5''" . DC  B 2 2  ? -4.888  1.652   -8.197  1.00 82.57  ? 1   DC  B "H5''" 1 
ATOM   721  H  "H4'"  . DC  B 2 2  ? -5.546  -0.419  -7.532  1.00 82.00  ? 1   DC  B "H4'"  1 
ATOM   722  H  "H3'"  . DC  B 2 2  ? -4.287  0.905   -5.398  1.00 86.08  ? 1   DC  B "H3'"  1 
ATOM   723  H  "H2'"  . DC  B 2 2  ? -4.380  -0.908  -4.094  1.00 91.00  ? 1   DC  B "H2'"  1 
ATOM   724  H  "H2''" . DC  B 2 2  ? -5.659  -1.486  -4.850  1.00 91.00  ? 1   DC  B "H2''" 1 
ATOM   725  H  "H1'"  . DC  B 2 2  ? -4.310  -2.732  -6.034  1.00 76.18  ? 1   DC  B "H1'"  1 
ATOM   726  H  H41    . DC  B 2 2  ? 1.844   -2.272  -4.079  1.00 65.82  ? 1   DC  B H41    1 
ATOM   727  H  H42    . DC  B 2 2  ? 1.350   -3.518  -3.431  1.00 65.82  ? 1   DC  B H42    1 
ATOM   728  H  H5     . DC  B 2 2  ? 0.406   -0.814  -5.370  1.00 64.55  ? 1   DC  B H5     1 
ATOM   729  H  H6     . DC  B 2 2  ? -1.709  -0.477  -6.139  1.00 64.39  ? 1   DC  B H6     1 
ATOM   730  P  P      . DG  B 2 3  ? -6.512  1.938   -4.405  1.00 91.58  ? 2   DG  B P      1 
ATOM   731  O  OP1    . DG  B 2 3  ? -7.748  2.665   -4.771  1.00 98.72  ? 2   DG  B OP1    1 
ATOM   732  O  OP2    . DG  B 2 3  ? -5.248  2.685   -4.212  1.00 87.00  ? 2   DG  B OP2    1 
ATOM   733  O  "O5'"  . DG  B 2 3  ? -6.773  1.074   -3.084  1.00 74.20  ? 2   DG  B "O5'"  1 
ATOM   734  C  "C5'"  . DG  B 2 3  ? -7.831  0.124   -3.058  1.00 75.51  ? 2   DG  B "C5'"  1 
ATOM   735  C  "C4'"  . DG  B 2 3  ? -7.485  -1.039  -2.149  1.00 61.75  ? 2   DG  B "C4'"  1 
ATOM   736  O  "O4'"  . DG  B 2 3  ? -6.126  -1.435  -2.401  1.00 67.04  ? 2   DG  B "O4'"  1 
ATOM   737  C  "C3'"  . DG  B 2 3  ? -7.562  -0.733  -0.658  1.00 71.45  ? 2   DG  B "C3'"  1 
ATOM   738  O  "O3'"  . DG  B 2 3  ? -8.799  -1.204  -0.121  1.00 71.14  ? 2   DG  B "O3'"  1 
ATOM   739  C  "C2'"  . DG  B 2 3  ? -6.345  -1.447  -0.044  1.00 78.11  ? 2   DG  B "C2'"  1 
ATOM   740  C  "C1'"  . DG  B 2 3  ? -5.569  -2.001  -1.240  1.00 68.40  ? 2   DG  B "C1'"  1 
ATOM   741  N  N9     . DG  B 2 3  ? -4.145  -1.684  -1.225  1.00 60.34  ? 2   DG  B N9     1 
ATOM   742  C  C8     . DG  B 2 3  ? -3.540  -0.575  -1.766  1.00 62.54  ? 2   DG  B C8     1 
ATOM   743  N  N7     . DG  B 2 3  ? -2.247  -0.562  -1.618  1.00 59.43  ? 2   DG  B N7     1 
ATOM   744  C  C5     . DG  B 2 3  ? -1.974  -1.736  -0.934  1.00 49.08  ? 2   DG  B C5     1 
ATOM   745  C  C6     . DG  B 2 3  ? -0.742  -2.262  -0.495  1.00 58.53  ? 2   DG  B C6     1 
ATOM   746  O  O6     . DG  B 2 3  ? 0.386   -1.773  -0.627  1.00 65.75  ? 2   DG  B O6     1 
ATOM   747  N  N1     . DG  B 2 3  ? -0.904  -3.479  0.160   1.00 59.19  ? 2   DG  B N1     1 
ATOM   748  C  C2     . DG  B 2 3  ? -2.109  -4.110  0.360   1.00 62.08  ? 2   DG  B C2     1 
ATOM   749  N  N2     . DG  B 2 3  ? -2.071  -5.278  1.013   1.00 61.53  ? 2   DG  B N2     1 
ATOM   750  N  N3     . DG  B 2 3  ? -3.276  -3.625  -0.047  1.00 56.61  ? 2   DG  B N3     1 
ATOM   751  C  C4     . DG  B 2 3  ? -3.132  -2.440  -0.686  1.00 54.96  ? 2   DG  B C4     1 
ATOM   752  H  "H5'"  . DG  B 2 3  ? -7.985  -0.208  -3.955  1.00 90.61  ? 2   DG  B "H5'"  1 
ATOM   753  H  "H5''" . DG  B 2 3  ? -8.637  0.554   -2.732  1.00 90.61  ? 2   DG  B "H5''" 1 
ATOM   754  H  "H4'"  . DG  B 2 3  ? -8.074  -1.784  -2.350  1.00 74.11  ? 2   DG  B "H4'"  1 
ATOM   755  H  "H3'"  . DG  B 2 3  ? -7.486  0.224   -0.517  1.00 85.73  ? 2   DG  B "H3'"  1 
ATOM   756  H  "H2'"  . DG  B 2 3  ? -5.798  -0.816  0.449   1.00 93.73  ? 2   DG  B "H2'"  1 
ATOM   757  H  "H2''" . DG  B 2 3  ? -6.635  -2.169  0.534   1.00 93.73  ? 2   DG  B "H2''" 1 
ATOM   758  H  "H1'"  . DG  B 2 3  ? -5.681  -2.964  -1.272  1.00 82.08  ? 2   DG  B "H1'"  1 
ATOM   759  H  H8     . DG  B 2 3  ? -4.010  0.101   -2.200  1.00 75.05  ? 2   DG  B H8     1 
ATOM   760  H  H1     . DG  B 2 3  ? -0.197  -3.866  0.460   1.00 71.03  ? 2   DG  B H1     1 
ATOM   761  H  H21    . DG  B 2 3  ? -2.800  -5.706  1.172   1.00 73.84  ? 2   DG  B H21    1 
ATOM   762  H  H22    . DG  B 2 3  ? -1.318  -5.601  1.273   1.00 73.84  ? 2   DG  B H22    1 
ATOM   763  P  P      . DT  B 2 4  ? -9.063  -1.171  1.464   1.00 93.32  ? 3   DT  B P      1 
ATOM   764  O  OP1    . DT  B 2 4  ? -10.526 -1.208  1.687   1.00 89.57  ? 3   DT  B OP1    1 
ATOM   765  O  OP2    . DT  B 2 4  ? -8.260  -0.064  2.026   1.00 97.13  ? 3   DT  B OP2    1 
ATOM   766  O  "O5'"  . DT  B 2 4  ? -8.431  -2.544  1.982   1.00 73.99  ? 3   DT  B "O5'"  1 
ATOM   767  C  "C5'"  . DT  B 2 4  ? -8.199  -2.739  3.363   1.00 80.90  ? 3   DT  B "C5'"  1 
ATOM   768  C  "C4'"  . DT  B 2 4  ? -7.017  -3.661  3.585   1.00 66.52  ? 3   DT  B "C4'"  1 
ATOM   769  O  "O4'"  . DT  B 2 4  ? -5.868  -3.148  2.877   1.00 74.07  ? 3   DT  B "O4'"  1 
ATOM   770  C  "C3'"  . DT  B 2 4  ? -6.578  -3.797  5.043   1.00 63.96  ? 3   DT  B "C3'"  1 
ATOM   771  O  "O3'"  . DT  B 2 4  ? -6.919  -5.085  5.547   1.00 72.57  ? 3   DT  B "O3'"  1 
ATOM   772  C  "C2'"  . DT  B 2 4  ? -5.059  -3.557  5.025   1.00 67.42  ? 3   DT  B "C2'"  1 
ATOM   773  C  "C1'"  . DT  B 2 4  ? -4.703  -3.553  3.552   1.00 74.13  ? 3   DT  B "C1'"  1 
ATOM   774  N  N1     . DT  B 2 4  ? -3.569  -2.626  3.162   1.00 61.13  ? 3   DT  B N1     1 
ATOM   775  C  C2     . DT  B 2 4  ? -2.266  -3.001  3.412   1.00 57.68  ? 3   DT  B C2     1 
ATOM   776  O  O2     . DT  B 2 4  ? -1.961  -4.035  3.973   1.00 66.92  ? 3   DT  B O2     1 
ATOM   777  N  N3     . DT  B 2 4  ? -1.318  -2.097  2.982   1.00 56.03  ? 3   DT  B N3     1 
ATOM   778  C  C4     . DT  B 2 4  ? -1.549  -0.897  2.338   1.00 60.10  ? 3   DT  B C4     1 
ATOM   779  O  O4     . DT  B 2 4  ? -0.638  -0.152  1.991   1.00 64.28  ? 3   DT  B O4     1 
ATOM   780  C  C5     . DT  B 2 4  ? -2.926  -0.573  2.098   1.00 61.58  ? 3   DT  B C5     1 
ATOM   781  C  C7     . DT  B 2 4  ? -3.283  0.710   1.409   1.00 63.10  ? 3   DT  B C7     1 
ATOM   782  C  C6     . DT  B 2 4  ? -3.868  -1.444  2.511   1.00 66.25  ? 3   DT  B C6     1 
ATOM   783  H  "H5'"  . DT  B 2 4  ? -8.988  -3.131  3.767   1.00 97.09  ? 3   DT  B "H5'"  1 
ATOM   784  H  "H5''" . DT  B 2 4  ? -8.018  -1.882  3.780   1.00 97.09  ? 3   DT  B "H5''" 1 
ATOM   785  H  "H4'"  . DT  B 2 4  ? -7.233  -4.540  3.238   1.00 79.83  ? 3   DT  B "H4'"  1 
ATOM   786  H  "H3'"  . DT  B 2 4  ? -7.010  -3.113  5.577   1.00 76.75  ? 3   DT  B "H3'"  1 
ATOM   787  H  "H2'"  . DT  B 2 4  ? -4.845  -2.702  5.428   1.00 80.90  ? 3   DT  B "H2'"  1 
ATOM   788  H  "H2''" . DT  B 2 4  ? -4.596  -4.276  5.484   1.00 80.90  ? 3   DT  B "H2''" 1 
ATOM   789  H  "H1'"  . DT  B 2 4  ? -4.480  -4.457  3.279   1.00 88.96  ? 3   DT  B "H1'"  1 
ATOM   790  H  H3     . DT  B 2 4  ? -0.497  -2.302  3.130   1.00 67.23  ? 3   DT  B H3     1 
ATOM   791  H  H71    . DT  B 2 4  ? -3.818  0.515   0.622   1.00 75.72  ? 3   DT  B H71    1 
ATOM   792  H  H72    . DT  B 2 4  ? -3.792  1.271   2.014   1.00 75.72  ? 3   DT  B H72    1 
ATOM   793  H  H73    . DT  B 2 4  ? -2.473  1.171   1.142   1.00 75.72  ? 3   DT  B H73    1 
ATOM   794  H  H6     . DT  B 2 4  ? -4.761  -1.236  2.355   1.00 79.50  ? 3   DT  B H6     1 
ATOM   795  P  P      . DC  B 2 5  ? -7.538  -5.232  7.021   1.00 80.85  ? 4   DC  B P      1 
ATOM   796  O  OP1    . DC  B 2 5  ? -7.986  -6.632  7.196   1.00 86.00  ? 4   DC  B OP1    1 
ATOM   797  O  OP2    . DC  B 2 5  ? -8.501  -4.122  7.207   1.00 77.82  ? 4   DC  B OP2    1 
ATOM   798  O  "O5'"  . DC  B 2 5  ? -6.283  -4.985  7.980   1.00 68.62  ? 4   DC  B "O5'"  1 
ATOM   799  C  "C5'"  . DC  B 2 5  ? -5.207  -5.911  7.973   1.00 66.17  ? 4   DC  B "C5'"  1 
ATOM   800  C  "C4'"  . DC  B 2 5  ? -3.974  -5.337  8.654   1.00 71.47  ? 4   DC  B "C4'"  1 
ATOM   801  O  "O4'"  . DC  B 2 5  ? -3.338  -4.365  7.776   1.00 72.54  ? 4   DC  B "O4'"  1 
ATOM   802  C  "C3'"  . DC  B 2 5  ? -4.239  -4.599  9.973   1.00 55.16  ? 4   DC  B "C3'"  1 
ATOM   803  O  "O3'"  . DC  B 2 5  ? -3.328  -5.039  10.980  1.00 54.89  ? 4   DC  B "O3'"  1 
ATOM   804  C  "C2'"  . DC  B 2 5  ? -4.032  -3.128  9.607   1.00 64.96  ? 4   DC  B "C2'"  1 
ATOM   805  C  "C1'"  . DC  B 2 5  ? -2.971  -3.230  8.530   1.00 57.85  ? 4   DC  B "C1'"  1 
ATOM   806  N  N1     . DC  B 2 5  ? -2.850  -2.048  7.594   1.00 52.51  ? 4   DC  B N1     1 
ATOM   807  C  C2     . DC  B 2 5  ? -1.588  -1.709  7.098   1.00 61.29  ? 4   DC  B C2     1 
ATOM   808  O  O2     . DC  B 2 5  ? -0.612  -2.375  7.460   1.00 62.21  ? 4   DC  B O2     1 
ATOM   809  N  N3     . DC  B 2 5  ? -1.472  -0.666  6.241   1.00 52.39  ? 4   DC  B N3     1 
ATOM   810  C  C4     . DC  B 2 5  ? -2.551  0.020   5.873   1.00 56.86  ? 4   DC  B C4     1 
ATOM   811  N  N4     . DC  B 2 5  ? -2.385  1.041   5.022   1.00 63.29  ? 4   DC  B N4     1 
ATOM   812  C  C5     . DC  B 2 5  ? -3.852  -0.310  6.361   1.00 60.63  ? 4   DC  B C5     1 
ATOM   813  C  C6     . DC  B 2 5  ? -3.953  -1.338  7.218   1.00 51.84  ? 4   DC  B C6     1 
ATOM   814  H  "H5'"  . DC  B 2 5  ? -4.988  -6.135  7.055   1.00 79.41  ? 4   DC  B "H5'"  1 
ATOM   815  H  "H5''" . DC  B 2 5  ? -5.480  -6.717  8.439   1.00 79.41  ? 4   DC  B "H5''" 1 
ATOM   816  H  "H4'"  . DC  B 2 5  ? -3.349  -6.059  8.822   1.00 85.77  ? 4   DC  B "H4'"  1 
ATOM   817  H  "H3'"  . DC  B 2 5  ? -5.154  -4.746  10.260  1.00 66.19  ? 4   DC  B "H3'"  1 
ATOM   818  H  "H2'"  . DC  B 2 5  ? -4.848  -2.741  9.253   1.00 77.95  ? 4   DC  B "H2'"  1 
ATOM   819  H  "H2''" . DC  B 2 5  ? -3.707  -2.624  10.369  1.00 77.95  ? 4   DC  B "H2''" 1 
ATOM   820  H  "H1'"  . DC  B 2 5  ? -2.110  -3.393  8.948   1.00 69.42  ? 4   DC  B "H1'"  1 
ATOM   821  H  H41    . DC  B 2 5  ? -3.064  1.504   4.768   1.00 75.95  ? 4   DC  B H41    1 
ATOM   822  H  H42    . DC  B 2 5  ? -1.600  1.234   4.729   1.00 75.95  ? 4   DC  B H42    1 
ATOM   823  H  H5     . DC  B 2 5  ? -4.602  0.175   6.101   1.00 72.75  ? 4   DC  B H5     1 
ATOM   824  H  H6     . DC  B 2 5  ? -4.789  -1.582  7.543   1.00 62.20  ? 4   DC  B H6     1 
ATOM   825  P  P      . DA  B 2 6  ? -3.843  -5.915  12.228  1.00 85.58  ? 5   DA  B P      1 
ATOM   826  O  OP1    . DA  B 2 6  ? -2.744  -6.809  12.658  1.00 61.65  ? 5   DA  B OP1    1 
ATOM   827  O  OP2    . DA  B 2 6  ? -5.158  -6.487  11.864  1.00 74.46  ? 5   DA  B OP2    1 
ATOM   828  O  "O5'"  . DA  B 2 6  ? -4.089  -4.834  13.379  1.00 93.44  ? 5   DA  B "O5'"  1 
ATOM   829  C  "C5'"  . DA  B 2 6  ? -3.437  -3.568  13.323  1.00 86.83  ? 5   DA  B "C5'"  1 
ATOM   830  C  "C4'"  . DA  B 2 6  ? -1.930  -3.722  13.435  1.00 66.54  ? 5   DA  B "C4'"  1 
ATOM   831  O  "O4'"  . DA  B 2 6  ? -1.295  -3.151  12.262  1.00 57.94  ? 5   DA  B "O4'"  1 
ATOM   832  C  "C3'"  . DA  B 2 6  ? -1.295  -3.010  14.616  1.00 67.33  ? 5   DA  B "C3'"  1 
ATOM   833  O  "O3'"  . DA  B 2 6  ? -0.125  -3.698  15.041  1.00 57.95  ? 5   DA  B "O3'"  1 
ATOM   834  C  "C2'"  . DA  B 2 6  ? -0.992  -1.622  14.052  1.00 60.16  ? 5   DA  B "C2'"  1 
ATOM   835  C  "C1'"  . DA  B 2 6  ? -0.707  -1.895  12.577  1.00 54.95  ? 5   DA  B "C1'"  1 
ATOM   836  N  N9     . DA  B 2 6  ? -1.261  -0.887  11.672  1.00 55.48  ? 5   DA  B N9     1 
ATOM   837  C  C8     . DA  B 2 6  ? -2.579  -0.553  11.519  1.00 61.91  ? 5   DA  B C8     1 
ATOM   838  N  N7     . DA  B 2 6  ? -2.789  0.384   10.625  1.00 55.44  ? 5   DA  B N7     1 
ATOM   839  C  C5     . DA  B 2 6  ? -1.522  0.689   10.160  1.00 47.29  ? 5   DA  B C5     1 
ATOM   840  C  C6     . DA  B 2 6  ? -1.065  1.612   9.198   1.00 43.72  ? 5   DA  B C6     1 
ATOM   841  N  N6     . DA  B 2 6  ? -1.878  2.416   8.515   1.00 45.92  ? 5   DA  B N6     1 
ATOM   842  N  N1     . DA  B 2 6  ? 0.264   1.672   8.969   1.00 49.20  ? 5   DA  B N1     1 
ATOM   843  C  C2     . DA  B 2 6  ? 1.075   0.858   9.657   1.00 57.24  ? 5   DA  B C2     1 
ATOM   844  N  N3     . DA  B 2 6  ? 0.761   -0.049  10.586  1.00 55.90  ? 5   DA  B N3     1 
ATOM   845  C  C4     . DA  B 2 6  ? -0.567  -0.082  10.793  1.00 51.38  ? 5   DA  B C4     1 
ATOM   846  H  "H5'"  . DA  B 2 6  ? -3.755  -3.014  14.053  1.00 104.20 ? 5   DA  B "H5'"  1 
ATOM   847  H  "H5''" . DA  B 2 6  ? -3.651  -3.137  12.481  1.00 104.20 ? 5   DA  B "H5''" 1 
ATOM   848  H  "H4'"  . DA  B 2 6  ? -1.712  -4.666  13.483  1.00 79.85  ? 5   DA  B "H4'"  1 
ATOM   849  H  "H3'"  . DA  B 2 6  ? -1.930  -2.943  15.346  1.00 80.80  ? 5   DA  B "H3'"  1 
ATOM   850  H  "HO3'" . DA  B 2 6  ? 0.614   -3.299  15.058  1.00 69.54  ? 5   DA  B "HO3'" 1 
ATOM   851  H  "H2'"  . DA  B 2 6  ? -1.760  -1.039  14.150  1.00 72.19  ? 5   DA  B "H2'"  1 
ATOM   852  H  "H2''" . DA  B 2 6  ? -0.213  -1.240  14.486  1.00 72.19  ? 5   DA  B "H2''" 1 
ATOM   853  H  "H1'"  . DA  B 2 6  ? 0.252   -1.950  12.443  1.00 65.93  ? 5   DA  B "H1'"  1 
ATOM   854  H  H8     . DA  B 2 6  ? -3.264  -0.958  12.001  1.00 74.30  ? 5   DA  B H8     1 
ATOM   855  H  H61    . DA  B 2 6  ? -1.555  2.959   7.931   1.00 55.11  ? 5   DA  B H61    1 
ATOM   856  H  H62    . DA  B 2 6  ? -2.726  2.392   8.656   1.00 55.11  ? 5   DA  B H62    1 
ATOM   857  H  H2     . DA  B 2 6  ? 1.981   0.935   9.462   1.00 68.68  ? 5   DA  B H2     1 
ATOM   858  O  "O5'"  . DT  C 3 1  ? 1.649   -25.042 -29.927 1.00 111.51 ? 1   DT  C "O5'"  1 
ATOM   859  C  "C5'"  . DT  C 3 1  ? 0.663   -24.214 -29.314 1.00 117.18 ? 1   DT  C "C5'"  1 
ATOM   860  C  "C4'"  . DT  C 3 1  ? 0.242   -24.776 -27.966 1.00 118.89 ? 1   DT  C "C4'"  1 
ATOM   861  O  "O4'"  . DT  C 3 1  ? 1.398   -24.881 -27.101 1.00 118.66 ? 1   DT  C "O4'"  1 
ATOM   862  C  "C3'"  . DT  C 3 1  ? -0.720  -23.911 -27.183 1.00 116.49 ? 1   DT  C "C3'"  1 
ATOM   863  O  "O3'"  . DT  C 3 1  ? -1.406  -24.681 -26.199 1.00 117.80 ? 1   DT  C "O3'"  1 
ATOM   864  C  "C2'"  . DT  C 3 1  ? 0.222   -22.888 -26.567 1.00 108.00 ? 1   DT  C "C2'"  1 
ATOM   865  C  "C1'"  . DT  C 3 1  ? 1.475   -23.732 -26.265 1.00 103.89 ? 1   DT  C "C1'"  1 
ATOM   866  N  N1     . DT  C 3 1  ? 2.812   -23.061 -26.526 1.00 94.10  ? 1   DT  C N1     1 
ATOM   867  C  C2     . DT  C 3 1  ? 3.956   -23.717 -26.127 1.00 98.57  ? 1   DT  C C2     1 
ATOM   868  O  O2     . DT  C 3 1  ? 3.939   -24.795 -25.560 1.00 105.83 ? 1   DT  C O2     1 
ATOM   869  N  N3     . DT  C 3 1  ? 5.123   -23.064 -26.406 1.00 93.49  ? 1   DT  C N3     1 
ATOM   870  C  C4     . DT  C 3 1  ? 5.272   -21.846 -27.039 1.00 93.79  ? 1   DT  C C4     1 
ATOM   871  O  O4     . DT  C 3 1  ? 6.372   -21.342 -27.244 1.00 87.03  ? 1   DT  C O4     1 
ATOM   872  C  C5     . DT  C 3 1  ? 4.040   -21.207 -27.444 1.00 99.80  ? 1   DT  C C5     1 
ATOM   873  C  C7     . DT  C 3 1  ? 4.082   -19.877 -28.140 1.00 111.26 ? 1   DT  C C7     1 
ATOM   874  C  C6     . DT  C 3 1  ? 2.884   -21.837 -27.176 1.00 95.95  ? 1   DT  C C6     1 
ATOM   875  H  "H5'"  . DT  C 3 1  ? -0.113  -24.161 -29.893 1.00 140.62 ? 1   DT  C "H5'"  1 
ATOM   876  H  "H5''" . DT  C 3 1  ? 1.028   -23.324 -29.187 1.00 140.62 ? 1   DT  C "H5''" 1 
ATOM   877  H  "H4'"  . DT  C 3 1  ? -0.146  -25.656 -28.092 1.00 142.66 ? 1   DT  C "H4'"  1 
ATOM   878  H  "H3'"  . DT  C 3 1  ? -1.350  -23.477 -27.779 1.00 139.79 ? 1   DT  C "H3'"  1 
ATOM   879  H  "H2'"  . DT  C 3 1  ? 0.426   -22.183 -27.201 1.00 129.60 ? 1   DT  C "H2'"  1 
ATOM   880  H  "H2''" . DT  C 3 1  ? -0.153  -22.523 -25.750 1.00 129.60 ? 1   DT  C "H2''" 1 
ATOM   881  H  "H1'"  . DT  C 3 1  ? 1.444   -24.017 -25.339 1.00 124.67 ? 1   DT  C "H1'"  1 
ATOM   882  H  H3     . DT  C 3 1  ? 5.847   -23.458 -26.160 1.00 112.19 ? 1   DT  C H3     1 
ATOM   883  H  H71    . DT  C 3 1  ? 5.004   -19.595 -28.241 1.00 133.51 ? 1   DT  C H71    1 
ATOM   884  H  H72    . DT  C 3 1  ? 3.671   -19.957 -29.015 1.00 133.51 ? 1   DT  C H72    1 
ATOM   885  H  H73    . DT  C 3 1  ? 3.599   -19.221 -27.614 1.00 133.51 ? 1   DT  C H73    1 
ATOM   886  H  H6     . DT  C 3 1  ? 2.090   -21.428 -27.434 1.00 115.14 ? 1   DT  C H6     1 
ATOM   887  H  "HO5'" . DT  C 3 1  ? 2.126   -25.547 -29.456 1.00 133.81 ? 1   DT  C "HO5'" 1 
ATOM   888  P  P      . DC  C 3 2  ? -2.821  -24.195 -25.617 1.00 120.36 ? 2   DC  C P      1 
ATOM   889  O  OP1    . DC  C 3 2  ? -3.871  -25.089 -26.154 1.00 122.35 ? 2   DC  C OP1    1 
ATOM   890  O  OP2    . DC  C 3 2  ? -2.918  -22.738 -25.854 1.00 119.43 ? 2   DC  C OP2    1 
ATOM   891  O  "O5'"  . DC  C 3 2  ? -2.691  -24.446 -24.041 1.00 119.25 ? 2   DC  C "O5'"  1 
ATOM   892  C  "C5'"  . DC  C 3 2  ? -1.995  -23.509 -23.226 1.00 117.74 ? 2   DC  C "C5'"  1 
ATOM   893  C  "C4'"  . DC  C 3 2  ? -0.900  -24.187 -22.413 1.00 114.51 ? 2   DC  C "C4'"  1 
ATOM   894  O  "O4'"  . DC  C 3 2  ? 0.344   -24.138 -23.154 1.00 113.58 ? 2   DC  C "O4'"  1 
ATOM   895  C  "C3'"  . DC  C 3 2  ? -0.637  -23.548 -21.049 1.00 106.91 ? 2   DC  C "C3'"  1 
ATOM   896  O  "O3'"  . DC  C 3 2  ? -1.054  -24.426 -20.001 1.00 105.54 ? 2   DC  C "O3'"  1 
ATOM   897  C  "C2'"  . DC  C 3 2  ? 0.870   -23.285 -20.997 1.00 103.53 ? 2   DC  C "C2'"  1 
ATOM   898  C  "C1'"  . DC  C 3 2  ? 1.367   -23.492 -22.417 1.00 104.26 ? 2   DC  C "C1'"  1 
ATOM   899  N  N1     . DC  C 3 2  ? 1.728   -22.218 -23.126 1.00 100.31 ? 2   DC  C N1     1 
ATOM   900  C  C2     . DC  C 3 2  ? 3.076   -21.893 -23.331 1.00 90.22  ? 2   DC  C C2     1 
ATOM   901  O  O2     . DC  C 3 2  ? 3.955   -22.653 -22.907 1.00 83.80  ? 2   DC  C O2     1 
ATOM   902  N  N3     . DC  C 3 2  ? 3.380   -20.744 -23.986 1.00 85.50  ? 2   DC  C N3     1 
ATOM   903  C  C4     . DC  C 3 2  ? 2.407   -19.949 -24.429 1.00 91.15  ? 2   DC  C C4     1 
ATOM   904  N  N4     . DC  C 3 2  ? 2.753   -18.828 -25.069 1.00 93.49  ? 2   DC  C N4     1 
ATOM   905  C  C5     . DC  C 3 2  ? 1.029   -20.265 -24.234 1.00 94.87  ? 2   DC  C C5     1 
ATOM   906  C  C6     . DC  C 3 2  ? 0.743   -21.397 -23.583 1.00 100.10 ? 2   DC  C C6     1 
ATOM   907  H  "H5'"  . DC  C 3 2  ? -2.625  -23.086 -22.621 1.00 141.28 ? 2   DC  C "H5'"  1 
ATOM   908  H  "H5''" . DC  C 3 2  ? -1.596  -22.830 -23.793 1.00 141.28 ? 2   DC  C "H5''" 1 
ATOM   909  H  "H4'"  . DC  C 3 2  ? -1.144  -25.115 -22.278 1.00 137.42 ? 2   DC  C "H4'"  1 
ATOM   910  H  "H3'"  . DC  C 3 2  ? -1.119  -22.708 -20.983 1.00 128.29 ? 2   DC  C "H3'"  1 
ATOM   911  H  "H2'"  . DC  C 3 2  ? 1.041   -22.374 -20.711 1.00 124.23 ? 2   DC  C "H2'"  1 
ATOM   912  H  "H2''" . DC  C 3 2  ? 1.299   -23.913 -20.396 1.00 124.23 ? 2   DC  C "H2''" 1 
ATOM   913  H  "H1'"  . DC  C 3 2  ? 2.148   -24.068 -22.394 1.00 125.11 ? 2   DC  C "H1'"  1 
ATOM   914  H  H41    . DC  C 3 2  ? 2.145   -18.292 -25.357 1.00 112.19 ? 2   DC  C H41    1 
ATOM   915  H  H42    . DC  C 3 2  ? 3.583   -18.643 -25.195 1.00 112.19 ? 2   DC  C H42    1 
ATOM   916  H  H5     . DC  C 3 2  ? 0.357   -19.704 -24.547 1.00 113.84 ? 2   DC  C H5     1 
ATOM   917  H  H6     . DC  C 3 2  ? -0.147  -21.630 -23.445 1.00 120.12 ? 2   DC  C H6     1 
ATOM   918  P  P      . DT  C 3 3  ? -2.538  -24.327 -19.391 1.00 108.01 ? 3   DT  C P      1 
ATOM   919  O  OP1    . DT  C 3 3  ? -3.460  -25.015 -20.321 1.00 109.41 ? 3   DT  C OP1    1 
ATOM   920  O  OP2    . DT  C 3 3  ? -2.786  -22.913 -19.040 1.00 110.41 ? 3   DT  C OP2    1 
ATOM   921  O  "O5'"  . DT  C 3 3  ? -2.455  -25.179 -18.038 1.00 97.65  ? 3   DT  C "O5'"  1 
ATOM   922  C  "C5'"  . DT  C 3 3  ? -1.961  -24.581 -16.840 1.00 101.94 ? 3   DT  C "C5'"  1 
ATOM   923  C  "C4'"  . DT  C 3 3  ? -0.471  -24.825 -16.675 1.00 103.54 ? 3   DT  C "C4'"  1 
ATOM   924  O  "O4'"  . DT  C 3 3  ? 0.252   -24.172 -17.759 1.00 100.76 ? 3   DT  C "O4'"  1 
ATOM   925  C  "C3'"  . DT  C 3 3  ? 0.123   -24.265 -15.385 1.00 100.32 ? 3   DT  C "C3'"  1 
ATOM   926  O  "O3'"  . DT  C 3 3  ? 1.138   -25.121 -14.872 1.00 87.87  ? 3   DT  C "O3'"  1 
ATOM   927  C  "C2'"  . DT  C 3 3  ? 0.671   -22.915 -15.816 1.00 99.50  ? 3   DT  C "C2'"  1 
ATOM   928  C  "C1'"  . DT  C 3 3  ? 1.131   -23.186 -17.238 1.00 101.55 ? 3   DT  C "C1'"  1 
ATOM   929  N  N1     . DT  C 3 3  ? 1.093   -21.984 -18.139 1.00 97.37  ? 3   DT  C N1     1 
ATOM   930  C  C2     . DT  C 3 3  ? 2.277   -21.437 -18.591 1.00 87.70  ? 3   DT  C C2     1 
ATOM   931  O  O2     . DT  C 3 3  ? 3.375   -21.874 -18.291 1.00 84.75  ? 3   DT  C O2     1 
ATOM   932  N  N3     . DT  C 3 3  ? 2.128   -20.353 -19.421 1.00 80.25  ? 3   DT  C N3     1 
ATOM   933  C  C4     . DT  C 3 3  ? 0.937   -19.774 -19.830 1.00 90.05  ? 3   DT  C C4     1 
ATOM   934  O  O4     . DT  C 3 3  ? 0.903   -18.800 -20.576 1.00 91.65  ? 3   DT  C O4     1 
ATOM   935  C  C5     . DT  C 3 3  ? -0.263  -20.393 -19.321 1.00 95.11  ? 3   DT  C C5     1 
ATOM   936  C  C7     . DT  C 3 3  ? -1.613  -19.850 -19.701 1.00 95.77  ? 3   DT  C C7     1 
ATOM   937  C  C6     . DT  C 3 3  ? -0.133  -21.458 -18.508 1.00 94.43  ? 3   DT  C C6     1 
ATOM   938  H  "H5'"  . DT  C 3 3  ? -2.430  -24.959 -16.080 1.00 122.33 ? 3   DT  C "H5'"  1 
ATOM   939  H  "H5''" . DT  C 3 3  ? -2.125  -23.626 -16.871 1.00 122.33 ? 3   DT  C "H5''" 1 
ATOM   940  H  "H4'"  . DT  C 3 3  ? -0.300  -25.779 -16.712 1.00 124.24 ? 3   DT  C "H4'"  1 
ATOM   941  H  "H3'"  . DT  C 3 3  ? -0.576  -24.144 -14.724 1.00 120.38 ? 3   DT  C "H3'"  1 
ATOM   942  H  "H2'"  . DT  C 3 3  ? -0.025  -22.240 -15.801 1.00 119.41 ? 3   DT  C "H2'"  1 
ATOM   943  H  "H2''" . DT  C 3 3  ? 1.420   -22.654 -15.256 1.00 119.41 ? 3   DT  C "H2''" 1 
ATOM   944  H  "H1'"  . DT  C 3 3  ? 2.033   -23.542 -17.219 1.00 121.86 ? 3   DT  C "H1'"  1 
ATOM   945  H  H3     . DT  C 3 3  ? 2.851   -19.993 -19.718 1.00 96.30  ? 3   DT  C H3     1 
ATOM   946  H  H71    . DT  C 3 3  ? -1.500  -19.088 -20.291 1.00 114.92 ? 3   DT  C H71    1 
ATOM   947  H  H72    . DT  C 3 3  ? -2.123  -20.538 -20.156 1.00 114.92 ? 3   DT  C H72    1 
ATOM   948  H  H73    . DT  C 3 3  ? -2.086  -19.571 -18.901 1.00 114.92 ? 3   DT  C H73    1 
ATOM   949  H  H6     . DT  C 3 3  ? -0.905  -21.861 -18.181 1.00 113.32 ? 3   DT  C H6     1 
ATOM   950  P  P      . DA  C 3 4  ? 1.736   -24.862 -13.404 1.00 101.11 ? 4   DA  C P      1 
ATOM   951  O  OP1    . DA  C 3 4  ? 2.361   -26.118 -12.932 1.00 109.45 ? 4   DA  C OP1    1 
ATOM   952  O  OP2    . DA  C 3 4  ? 0.664   -24.232 -12.605 1.00 102.33 ? 4   DA  C OP2    1 
ATOM   953  O  "O5'"  . DA  C 3 4  ? 2.887   -23.772 -13.638 1.00 101.94 ? 4   DA  C "O5'"  1 
ATOM   954  C  "C5'"  . DA  C 3 4  ? 3.841   -23.970 -14.673 1.00 96.62  ? 4   DA  C "C5'"  1 
ATOM   955  C  "C4'"  . DA  C 3 4  ? 5.156   -23.262 -14.370 1.00 103.35 ? 4   DA  C "C4'"  1 
ATOM   956  O  "O4'"  . DA  C 3 4  ? 5.269   -22.081 -15.201 1.00 102.38 ? 4   DA  C "O4'"  1 
ATOM   957  C  "C3'"  . DA  C 3 4  ? 5.322   -22.747 -12.949 1.00 94.95  ? 4   DA  C "C3'"  1 
ATOM   958  O  "O3'"  . DA  C 3 4  ? 6.710   -22.655 -12.615 1.00 95.53  ? 4   DA  C "O3'"  1 
ATOM   959  C  "C2'"  . DA  C 3 4  ? 4.642   -21.387 -13.020 1.00 89.41  ? 4   DA  C "C2'"  1 
ATOM   960  C  "C1'"  . DA  C 3 4  ? 4.990   -20.918 -14.435 1.00 87.33  ? 4   DA  C "C1'"  1 
ATOM   961  N  N9     . DA  C 3 4  ? 3.927   -20.186 -15.104 1.00 75.44  ? 4   DA  C N9     1 
ATOM   962  C  C8     . DA  C 3 4  ? 2.578   -20.338 -14.946 1.00 81.53  ? 4   DA  C C8     1 
ATOM   963  N  N7     . DA  C 3 4  ? 1.861   -19.547 -15.703 1.00 77.55  ? 4   DA  C N7     1 
ATOM   964  C  C5     . DA  C 3 4  ? 2.806   -18.829 -16.415 1.00 71.45  ? 4   DA  C C5     1 
ATOM   965  C  C6     . DA  C 3 4  ? 2.696   -17.824 -17.391 1.00 68.39  ? 4   DA  C C6     1 
ATOM   966  N  N6     . DA  C 3 4  ? 1.524   -17.349 -17.832 1.00 72.64  ? 4   DA  C N6     1 
ATOM   967  N  N1     . DA  C 3 4  ? 3.838   -17.319 -17.898 1.00 63.92  ? 4   DA  C N1     1 
ATOM   968  C  C2     . DA  C 3 4  ? 5.007   -17.791 -17.452 1.00 69.05  ? 4   DA  C C2     1 
ATOM   969  N  N3     . DA  C 3 4  ? 5.237   -18.734 -16.544 1.00 70.19  ? 4   DA  C N3     1 
ATOM   970  C  C4     . DA  C 3 4  ? 4.083   -19.215 -16.061 1.00 72.17  ? 4   DA  C C4     1 
ATOM   971  H  "H5'"  . DA  C 3 4  ? 3.482   -23.626 -15.505 1.00 115.94 ? 4   DA  C "H5'"  1 
ATOM   972  H  "H5''" . DA  C 3 4  ? 4.010   -24.921 -14.770 1.00 115.94 ? 4   DA  C "H5''" 1 
ATOM   973  H  "H4'"  . DA  C 3 4  ? 5.891   -23.862 -14.575 1.00 124.02 ? 4   DA  C "H4'"  1 
ATOM   974  H  "H3'"  . DA  C 3 4  ? 4.858   -23.326 -12.324 1.00 113.94 ? 4   DA  C "H3'"  1 
ATOM   975  H  "H2'"  . DA  C 3 4  ? 3.683   -21.477 -12.913 1.00 107.30 ? 4   DA  C "H2'"  1 
ATOM   976  H  "H2''" . DA  C 3 4  ? 5.011   -20.784 -12.356 1.00 107.30 ? 4   DA  C "H2''" 1 
ATOM   977  H  "H1'"  . DA  C 3 4  ? 5.786   -20.363 -14.399 1.00 104.79 ? 4   DA  C "H1'"  1 
ATOM   978  H  H8     . DA  C 3 4  ? 2.202   -20.945 -14.350 1.00 97.84  ? 4   DA  C H8     1 
ATOM   979  H  H61    . DA  C 3 4  ? 1.507   -16.736 -18.434 1.00 87.17  ? 4   DA  C H61    1 
ATOM   980  H  H62    . DA  C 3 4  ? 0.788   -17.659 -17.512 1.00 87.17  ? 4   DA  C H62    1 
ATOM   981  H  H2     . DA  C 3 4  ? 5.765   -17.414 -17.837 1.00 82.86  ? 4   DA  C H2     1 
ATOM   982  P  P      . DA  C 3 5  ? 7.192   -21.869 -11.297 1.00 112.43 ? 5   DA  C P      1 
ATOM   983  O  OP1    . DA  C 3 5  ? 8.387   -22.574 -10.779 1.00 119.17 ? 5   DA  C OP1    1 
ATOM   984  O  OP2    . DA  C 3 5  ? 6.010   -21.681 -10.426 1.00 118.84 ? 5   DA  C OP2    1 
ATOM   985  O  "O5'"  . DA  C 3 5  ? 7.649   -20.436 -11.849 1.00 99.09  ? 5   DA  C "O5'"  1 
ATOM   986  C  "C5'"  . DA  C 3 5  ? 8.856   -20.320 -12.604 1.00 98.82  ? 5   DA  C "C5'"  1 
ATOM   987  C  "C4'"  . DA  C 3 5  ? 9.067   -18.898 -13.099 1.00 94.50  ? 5   DA  C "C4'"  1 
ATOM   988  O  "O4'"  . DA  C 3 5  ? 7.882   -18.457 -13.815 1.00 84.27  ? 5   DA  C "O4'"  1 
ATOM   989  C  "C3'"  . DA  C 3 5  ? 9.319   -17.852 -12.005 1.00 83.81  ? 5   DA  C "C3'"  1 
ATOM   990  O  "O3'"  . DA  C 3 5  ? 10.469  -17.066 -12.326 1.00 80.76  ? 5   DA  C "O3'"  1 
ATOM   991  C  "C2'"  . DA  C 3 5  ? 8.033   -17.027 -11.987 1.00 75.24  ? 5   DA  C "C2'"  1 
ATOM   992  C  "C1'"  . DA  C 3 5  ? 7.559   -17.147 -13.420 1.00 75.49  ? 5   DA  C "C1'"  1 
ATOM   993  N  N9     . DA  C 3 5  ? 6.129   -16.953 -13.602 1.00 74.39  ? 5   DA  C N9     1 
ATOM   994  C  C8     . DA  C 3 5  ? 5.118   -17.576 -12.925 1.00 75.81  ? 5   DA  C C8     1 
ATOM   995  N  N7     . DA  C 3 5  ? 3.920   -17.208 -13.313 1.00 66.61  ? 5   DA  C N7     1 
ATOM   996  C  C5     . DA  C 3 5  ? 4.166   -16.286 -14.319 1.00 64.69  ? 5   DA  C C5     1 
ATOM   997  C  C6     . DA  C 3 5  ? 3.313   -15.525 -15.141 1.00 71.34  ? 5   DA  C C6     1 
ATOM   998  N  N6     . DA  C 3 5  ? 1.979   -15.579 -15.069 1.00 69.85  ? 5   DA  C N6     1 
ATOM   999  N  N1     . DA  C 3 5  ? 3.885   -14.699 -16.045 1.00 69.60  ? 5   DA  C N1     1 
ATOM   1000 C  C2     . DA  C 3 5  ? 5.220   -14.647 -16.113 1.00 73.08  ? 5   DA  C C2     1 
ATOM   1001 N  N3     . DA  C 3 5  ? 6.123   -15.313 -15.396 1.00 71.49  ? 5   DA  C N3     1 
ATOM   1002 C  C4     . DA  C 3 5  ? 5.524   -16.123 -14.509 1.00 69.33  ? 5   DA  C C4     1 
ATOM   1003 H  "H5'"  . DA  C 3 5  ? 8.812   -20.919 -13.366 1.00 118.58 ? 5   DA  C "H5'"  1 
ATOM   1004 H  "H5''" . DA  C 3 5  ? 9.606   -20.575 -12.043 1.00 118.58 ? 5   DA  C "H5''" 1 
ATOM   1005 H  "H4'"  . DA  C 3 5  ? 9.819   -18.893 -13.711 1.00 113.41 ? 5   DA  C "H4'"  1 
ATOM   1006 H  "H3'"  . DA  C 3 5  ? 9.442   -18.291 -11.149 1.00 100.57 ? 5   DA  C "H3'"  1 
ATOM   1007 H  "H2'"  . DA  C 3 5  ? 7.385   -17.412 -11.376 1.00 90.29  ? 5   DA  C "H2'"  1 
ATOM   1008 H  "H2''" . DA  C 3 5  ? 8.219   -16.103 -11.761 1.00 90.29  ? 5   DA  C "H2''" 1 
ATOM   1009 H  "H1'"  . DA  C 3 5  ? 8.043   -16.514 -13.973 1.00 90.59  ? 5   DA  C "H1'"  1 
ATOM   1010 H  H8     . DA  C 3 5  ? 5.266   -18.197 -12.247 1.00 90.98  ? 5   DA  C H8     1 
ATOM   1011 H  H61    . DA  C 3 5  ? 1.501   -15.091 -15.592 1.00 83.82  ? 5   DA  C H61    1 
ATOM   1012 H  H62    . DA  C 3 5  ? 1.599   -16.100 -14.501 1.00 83.82  ? 5   DA  C H62    1 
ATOM   1013 H  H2     . DA  C 3 5  ? 5.566   -14.064 -16.751 1.00 87.69  ? 5   DA  C H2     1 
ATOM   1014 P  P      . DT  C 3 6  ? 10.902  -15.830 -11.395 1.00 90.77  ? 6   DT  C P      1 
ATOM   1015 O  OP1    . DT  C 3 6  ? 12.368  -15.667 -11.520 1.00 86.03  ? 6   DT  C OP1    1 
ATOM   1016 O  OP2    . DT  C 3 6  ? 10.290  -16.031 -10.061 1.00 76.58  ? 6   DT  C OP2    1 
ATOM   1017 O  "O5'"  . DT  C 3 6  ? 10.202  -14.570 -12.087 1.00 82.45  ? 6   DT  C "O5'"  1 
ATOM   1018 C  "C5'"  . DT  C 3 6  ? 10.621  -14.160 -13.381 1.00 78.86  ? 6   DT  C "C5'"  1 
ATOM   1019 C  "C4'"  . DT  C 3 6  ? 9.942   -12.867 -13.797 1.00 82.52  ? 6   DT  C "C4'"  1 
ATOM   1020 O  "O4'"  . DT  C 3 6  ? 8.526   -13.103 -13.970 1.00 82.51  ? 6   DT  C "O4'"  1 
ATOM   1021 C  "C3'"  . DT  C 3 6  ? 10.064  -11.717 -12.788 1.00 77.12  ? 6   DT  C "C3'"  1 
ATOM   1022 O  "O3'"  . DT  C 3 6  ? 10.791  -10.633 -13.356 1.00 73.86  ? 6   DT  C "O3'"  1 
ATOM   1023 C  "C2'"  . DT  C 3 6  ? 8.615   -11.333 -12.457 1.00 68.08  ? 6   DT  C "C2'"  1 
ATOM   1024 C  "C1'"  . DT  C 3 6  ? 7.820   -11.948 -13.598 1.00 73.59  ? 6   DT  C "C1'"  1 
ATOM   1025 N  N1     . DT  C 3 6  ? 6.424   -12.343 -13.241 1.00 64.07  ? 6   DT  C N1     1 
ATOM   1026 C  C2     . DT  C 3 6  ? 5.375   -11.813 -13.955 1.00 68.01  ? 6   DT  C C2     1 
ATOM   1027 O  O2     . DT  C 3 6  ? 5.518   -11.017 -14.863 1.00 76.61  ? 6   DT  C O2     1 
ATOM   1028 N  N3     . DT  C 3 6  ? 4.136   -12.249 -13.561 1.00 64.54  ? 6   DT  C N3     1 
ATOM   1029 C  C4     . DT  C 3 6  ? 3.854   -13.143 -12.551 1.00 61.28  ? 6   DT  C C4     1 
ATOM   1030 O  O4     . DT  C 3 6  ? 2.705   -13.473 -12.270 1.00 60.21  ? 6   DT  C O4     1 
ATOM   1031 C  C5     . DT  C 3 6  ? 4.996   -13.666 -11.846 1.00 59.98  ? 6   DT  C C5     1 
ATOM   1032 C  C7     . DT  C 3 6  ? 4.807   -14.645 -10.729 1.00 61.68  ? 6   DT  C C7     1 
ATOM   1033 C  C6     . DT  C 3 6  ? 6.218   -13.250 -12.222 1.00 65.28  ? 6   DT  C C6     1 
ATOM   1034 H  "H5'"  . DT  C 3 6  ? 10.400  -14.854 -14.021 1.00 94.63  ? 6   DT  C "H5'"  1 
ATOM   1035 H  "H5''" . DT  C 3 6  ? 11.582  -14.027 -13.377 1.00 94.63  ? 6   DT  C "H5''" 1 
ATOM   1036 H  "H4'"  . DT  C 3 6  ? 10.315  -12.578 -14.644 1.00 99.02  ? 6   DT  C "H4'"  1 
ATOM   1037 H  "H3'"  . DT  C 3 6  ? 10.511  -12.029 -11.987 1.00 92.54  ? 6   DT  C "H3'"  1 
ATOM   1038 H  "H2'"  . DT  C 3 6  ? 8.345   -11.715 -11.608 1.00 81.69  ? 6   DT  C "H2'"  1 
ATOM   1039 H  "H2''" . DT  C 3 6  ? 8.510   -10.368 -12.449 1.00 81.69  ? 6   DT  C "H2''" 1 
ATOM   1040 H  "H1'"  . DT  C 3 6  ? 7.799   -11.330 -14.345 1.00 88.31  ? 6   DT  C "H1'"  1 
ATOM   1041 H  H3     . DT  C 3 6  ? 3.462   -11.929 -13.989 1.00 77.45  ? 6   DT  C H3     1 
ATOM   1042 H  H71    . DT  C 3 6  ? 5.254   -15.478 -10.949 1.00 74.02  ? 6   DT  C H71    1 
ATOM   1043 H  H72    . DT  C 3 6  ? 5.186   -14.282 -9.913  1.00 74.02  ? 6   DT  C H72    1 
ATOM   1044 H  H73    . DT  C 3 6  ? 3.860   -14.810 -10.601 1.00 74.02  ? 6   DT  C H73    1 
ATOM   1045 H  H6     . DT  C 3 6  ? 6.958   -13.584 -11.770 1.00 78.34  ? 6   DT  C H6     1 
ATOM   1046 P  P      . DT  C 3 7  ? 11.134  -9.338  -12.472 1.00 72.71  ? 7   DT  C P      1 
ATOM   1047 O  OP1    . DT  C 3 7  ? 12.370  -8.728  -13.013 1.00 87.23  ? 7   DT  C OP1    1 
ATOM   1048 O  OP2    . DT  C 3 7  ? 11.084  -9.756  -11.054 1.00 84.23  ? 7   DT  C OP2    1 
ATOM   1049 O  "O5'"  . DT  C 3 7  ? 9.906   -8.352  -12.749 1.00 70.88  ? 7   DT  C "O5'"  1 
ATOM   1050 C  "C5'"  . DT  C 3 7  ? 9.691   -7.858  -14.061 1.00 72.81  ? 7   DT  C "C5'"  1 
ATOM   1051 C  "C4'"  . DT  C 3 7  ? 8.293   -7.281  -14.223 1.00 69.39  ? 7   DT  C "C4'"  1 
ATOM   1052 O  "O4'"  . DT  C 3 7  ? 7.311   -8.196  -13.682 1.00 69.83  ? 7   DT  C "O4'"  1 
ATOM   1053 C  "C3'"  . DT  C 3 7  ? 8.044   -5.937  -13.525 1.00 57.38  ? 7   DT  C "C3'"  1 
ATOM   1054 O  "O3'"  . DT  C 3 7  ? 7.757   -4.940  -14.503 1.00 59.13  ? 7   DT  C "O3'"  1 
ATOM   1055 C  "C2'"  . DT  C 3 7  ? 6.852   -6.209  -12.592 1.00 62.36  ? 7   DT  C "C2'"  1 
ATOM   1056 C  "C1'"  . DT  C 3 7  ? 6.223   -7.444  -13.211 1.00 60.39  ? 7   DT  C "C1'"  1 
ATOM   1057 N  N1     . DT  C 3 7  ? 5.418   -8.304  -12.278 1.00 48.44  ? 7   DT  C N1     1 
ATOM   1058 C  C2     . DT  C 3 7  ? 4.043   -8.361  -12.413 1.00 64.19  ? 7   DT  C C2     1 
ATOM   1059 O  O2     . DT  C 3 7  ? 3.418   -7.717  -13.238 1.00 64.20  ? 7   DT  C O2     1 
ATOM   1060 N  N3     . DT  C 3 7  ? 3.417   -9.199  -11.529 1.00 58.18  ? 7   DT  C N3     1 
ATOM   1061 C  C4     . DT  C 3 7  ? 4.007   -9.977  -10.557 1.00 59.00  ? 7   DT  C C4     1 
ATOM   1062 O  O4     . DT  C 3 7  ? 3.355   -10.701 -9.810  1.00 62.99  ? 7   DT  C O4     1 
ATOM   1063 C  C5     . DT  C 3 7  ? 5.445   -9.882  -10.476 1.00 55.31  ? 7   DT  C C5     1 
ATOM   1064 C  C7     . DT  C 3 7  ? 6.195   -10.679 -9.452  1.00 62.87  ? 7   DT  C C7     1 
ATOM   1065 C  C6     . DT  C 3 7  ? 6.073   -9.062  -11.335 1.00 50.33  ? 7   DT  C C6     1 
ATOM   1066 H  "H5'"  . DT  C 3 7  ? 9.809   -8.583  -14.695 1.00 87.37  ? 7   DT  C "H5'"  1 
ATOM   1067 H  "H5''" . DT  C 3 7  ? 10.344  -7.165  -14.248 1.00 87.37  ? 7   DT  C "H5''" 1 
ATOM   1068 H  "H4'"  . DT  C 3 7  ? 8.119   -7.169  -15.171 1.00 83.27  ? 7   DT  C "H4'"  1 
ATOM   1069 H  "H3'"  . DT  C 3 7  ? 8.823   -5.682  -13.006 1.00 68.85  ? 7   DT  C "H3'"  1 
ATOM   1070 H  "H2'"  . DT  C 3 7  ? 7.155   -6.393  -11.690 1.00 74.83  ? 7   DT  C "H2'"  1 
ATOM   1071 H  "H2''" . DT  C 3 7  ? 6.229   -5.464  -12.604 1.00 74.83  ? 7   DT  C "H2''" 1 
ATOM   1072 H  "H1'"  . DT  C 3 7  ? 5.669   -7.179  -13.961 1.00 72.46  ? 7   DT  C "H1'"  1 
ATOM   1073 H  H3     . DT  C 3 7  ? 2.560   -9.247  -11.590 1.00 69.82  ? 7   DT  C H3     1 
ATOM   1074 H  H71    . DT  C 3 7  ? 5.617   -10.857 -8.693  1.00 75.45  ? 7   DT  C H71    1 
ATOM   1075 H  H72    . DT  C 3 7  ? 6.484   -11.519 -9.843  1.00 75.45  ? 7   DT  C H72    1 
ATOM   1076 H  H73    . DT  C 3 7  ? 6.971   -10.177 -9.155  1.00 75.45  ? 7   DT  C H73    1 
ATOM   1077 H  H6     . DT  C 3 7  ? 7.000   -8.999  -11.284 1.00 60.39  ? 7   DT  C H6     1 
ATOM   1078 P  P      . DT  C 3 8  ? 7.929   -3.378  -14.173 1.00 77.88  ? 8   DT  C P      1 
ATOM   1079 O  OP1    . DT  C 3 8  ? 8.281   -2.697  -15.441 1.00 65.58  ? 8   DT  C OP1    1 
ATOM   1080 O  OP2    . DT  C 3 8  ? 8.798   -3.247  -12.984 1.00 70.66  ? 8   DT  C OP2    1 
ATOM   1081 O  "O5'"  . DT  C 3 8  ? 6.460   -2.916  -13.749 1.00 65.88  ? 8   DT  C "O5'"  1 
ATOM   1082 C  "C5'"  . DT  C 3 8  ? 5.514   -2.575  -14.744 1.00 62.97  ? 8   DT  C "C5'"  1 
ATOM   1083 C  "C4'"  . DT  C 3 8  ? 4.122   -2.479  -14.150 1.00 62.99  ? 8   DT  C "C4'"  1 
ATOM   1084 O  "O4'"  . DT  C 3 8  ? 3.838   -3.682  -13.393 1.00 57.48  ? 8   DT  C "O4'"  1 
ATOM   1085 C  "C3'"  . DT  C 3 8  ? 3.912   -1.312  -13.173 1.00 62.05  ? 8   DT  C "C3'"  1 
ATOM   1086 O  "O3'"  . DT  C 3 8  ? 2.895   -0.442  -13.649 1.00 55.56  ? 8   DT  C "O3'"  1 
ATOM   1087 C  "C2'"  . DT  C 3 8  ? 3.522   -1.989  -11.854 1.00 65.01  ? 8   DT  C "C2'"  1 
ATOM   1088 C  "C1'"  . DT  C 3 8  ? 3.006   -3.333  -12.321 1.00 57.72  ? 8   DT  C "C1'"  1 
ATOM   1089 N  N1     . DT  C 3 8  ? 3.042   -4.418  -11.291 1.00 53.64  ? 8   DT  C N1     1 
ATOM   1090 C  C2     . DT  C 3 8  ? 1.870   -5.054  -10.962 1.00 58.25  ? 8   DT  C C2     1 
ATOM   1091 O  O2     . DT  C 3 8  ? 0.796   -4.776  -11.464 1.00 61.60  ? 8   DT  C O2     1 
ATOM   1092 N  N3     . DT  C 3 8  ? 1.993   -6.035  -10.017 1.00 53.57  ? 8   DT  C N3     1 
ATOM   1093 C  C4     . DT  C 3 8  ? 3.150   -6.436  -9.381  1.00 51.81  ? 8   DT  C C4     1 
ATOM   1094 O  O4     . DT  C 3 8  ? 3.156   -7.332  -8.540  1.00 54.23  ? 8   DT  C O4     1 
ATOM   1095 C  C5     . DT  C 3 8  ? 4.346   -5.733  -9.768  1.00 51.77  ? 8   DT  C C5     1 
ATOM   1096 C  C7     . DT  C 3 8  ? 5.657   -6.086  -9.135  1.00 49.88  ? 8   DT  C C7     1 
ATOM   1097 C  C6     . DT  C 3 8  ? 4.241   -4.766  -10.698 1.00 51.87  ? 8   DT  C C6     1 
ATOM   1098 H  "H5'"  . DT  C 3 8  ? 5.519   -3.256  -15.435 1.00 75.57  ? 8   DT  C "H5'"  1 
ATOM   1099 H  "H5''" . DT  C 3 8  ? 5.754   -1.721  -15.136 1.00 75.57  ? 8   DT  C "H5''" 1 
ATOM   1100 H  "H4'"  . DT  C 3 8  ? 3.479   -2.403  -14.871 1.00 75.59  ? 8   DT  C "H4'"  1 
ATOM   1101 H  "H3'"  . DT  C 3 8  ? 4.741   -0.822  -13.061 1.00 74.46  ? 8   DT  C "H3'"  1 
ATOM   1102 H  "HO3'" . DT  C 3 8  ? 2.211   -0.300  -13.182 1.00 66.68  ? 8   DT  C "HO3'" 1 
ATOM   1103 H  "H2'"  . DT  C 3 8  ? 4.298   -2.097  -11.280 1.00 78.02  ? 8   DT  C "H2'"  1 
ATOM   1104 H  "H2''" . DT  C 3 8  ? 2.823   -1.489  -11.403 1.00 78.02  ? 8   DT  C "H2''" 1 
ATOM   1105 H  "H1'"  . DT  C 3 8  ? 2.098   -3.231  -12.644 1.00 69.26  ? 8   DT  C "H1'"  1 
ATOM   1106 H  H3     . DT  C 3 8  ? 1.272   -6.445  -9.796  1.00 64.28  ? 8   DT  C H3     1 
ATOM   1107 H  H71    . DT  C 3 8  ? 5.519   -6.781  -8.472  1.00 59.85  ? 8   DT  C H71    1 
ATOM   1108 H  H72    . DT  C 3 8  ? 6.270   -6.406  -9.815  1.00 59.85  ? 8   DT  C H72    1 
ATOM   1109 H  H73    . DT  C 3 8  ? 6.031   -5.301  -8.706  1.00 59.85  ? 8   DT  C H73    1 
ATOM   1110 H  H6     . DT  C 3 8  ? 5.010   -4.309  -10.951 1.00 62.24  ? 8   DT  C H6     1 
ATOM   1111 P  P      . DG  D 4 1  ? -2.333  3.023   17.007  1.00 86.86  ? 10  DG  D P      1 
ATOM   1112 O  OP1    . DG  D 4 1  ? -2.089  2.477   18.362  1.00 66.55  ? 10  DG  D OP1    1 
ATOM   1113 O  OP2    . DG  D 4 1  ? -3.718  3.229   16.526  1.00 78.40  ? 10  DG  D OP2    1 
ATOM   1114 O  "O5'"  . DG  D 4 1  ? -1.593  2.115   15.918  1.00 64.52  ? 10  DG  D "O5'"  1 
ATOM   1115 C  "C5'"  . DG  D 4 1  ? -0.566  1.219   16.317  1.00 70.78  ? 10  DG  D "C5'"  1 
ATOM   1116 C  "C4'"  . DG  D 4 1  ? 0.704   1.462   15.525  1.00 64.76  ? 10  DG  D "C4'"  1 
ATOM   1117 O  "O4'"  . DG  D 4 1  ? 0.454   1.170   14.127  1.00 62.87  ? 10  DG  D "O4'"  1 
ATOM   1118 C  "C3'"  . DG  D 4 1  ? 1.224   2.893   15.570  1.00 73.84  ? 10  DG  D "C3'"  1 
ATOM   1119 O  "O3'"  . DG  D 4 1  ? 2.179   3.045   16.617  1.00 71.81  ? 10  DG  D "O3'"  1 
ATOM   1120 C  "C2'"  . DG  D 4 1  ? 1.843   3.090   14.192  1.00 62.77  ? 10  DG  D "C2'"  1 
ATOM   1121 C  "C1'"  . DG  D 4 1  ? 1.025   2.165   13.298  1.00 55.05  ? 10  DG  D "C1'"  1 
ATOM   1122 N  N9     . DG  D 4 1  ? -0.049  2.838   12.575  1.00 51.45  ? 10  DG  D N9     1 
ATOM   1123 C  C8     . DG  D 4 1  ? -1.400  2.645   12.730  1.00 56.56  ? 10  DG  D C8     1 
ATOM   1124 N  N7     . DG  D 4 1  ? -2.124  3.384   11.933  1.00 56.47  ? 10  DG  D N7     1 
ATOM   1125 C  C5     . DG  D 4 1  ? -1.192  4.112   11.205  1.00 50.06  ? 10  DG  D C5     1 
ATOM   1126 C  C6     . DG  D 4 1  ? -1.381  5.076   10.188  1.00 52.42  ? 10  DG  D C6     1 
ATOM   1127 O  O6     . DG  D 4 1  ? -2.447  5.496   9.715   1.00 48.24  ? 10  DG  D O6     1 
ATOM   1128 N  N1     . DG  D 4 1  ? -0.166  5.567   9.713   1.00 46.20  ? 10  DG  D N1     1 
ATOM   1129 C  C2     . DG  D 4 1  ? 1.073   5.172   10.166  1.00 60.74  ? 10  DG  D C2     1 
ATOM   1130 N  N2     . DG  D 4 1  ? 2.136   5.751   9.588   1.00 65.66  ? 10  DG  D N2     1 
ATOM   1131 N  N3     . DG  D 4 1  ? 1.258   4.269   11.115  1.00 59.27  ? 10  DG  D N3     1 
ATOM   1132 C  C4     . DG  D 4 1  ? 0.088   3.782   11.587  1.00 52.81  ? 10  DG  D C4     1 
ATOM   1133 H  "H5'"  . DG  D 4 1  ? -0.864  0.307   16.170  1.00 84.93  ? 10  DG  D "H5'"  1 
ATOM   1134 H  "H5''" . DG  D 4 1  ? -0.382  1.345   17.261  1.00 84.93  ? 10  DG  D "H5''" 1 
ATOM   1135 H  "H4'"  . DG  D 4 1  ? 1.397   0.866   15.851  1.00 77.72  ? 10  DG  D "H4'"  1 
ATOM   1136 H  "H3'"  . DG  D 4 1  ? 0.487   3.511   15.697  1.00 88.60  ? 10  DG  D "H3'"  1 
ATOM   1137 H  "H2'"  . DG  D 4 1  ? 1.750   4.012   13.905  1.00 75.32  ? 10  DG  D "H2'"  1 
ATOM   1138 H  "H2''" . DG  D 4 1  ? 2.775   2.823   14.196  1.00 75.32  ? 10  DG  D "H2''" 1 
ATOM   1139 H  "H1'"  . DG  D 4 1  ? 1.618   1.741   12.659  1.00 66.06  ? 10  DG  D "H1'"  1 
ATOM   1140 H  H8     . DG  D 4 1  ? -1.763  2.048   13.343  1.00 67.88  ? 10  DG  D H8     1 
ATOM   1141 H  H1     . DG  D 4 1  ? -0.192  6.160   9.090   1.00 55.44  ? 10  DG  D H1     1 
ATOM   1142 H  H21    . DG  D 4 1  ? 2.930   5.529   9.831   1.00 78.79  ? 10  DG  D H21    1 
ATOM   1143 H  H22    . DG  D 4 1  ? 2.022   6.343   8.975   1.00 78.79  ? 10  DG  D H22    1 
ATOM   1144 P  P      . DG  D 4 2  ? 2.195   4.374   17.519  1.00 77.07  ? 11  DG  D P      1 
ATOM   1145 O  OP1    . DG  D 4 2  ? 3.297   4.213   18.494  1.00 76.70  ? 11  DG  D OP1    1 
ATOM   1146 O  OP2    . DG  D 4 2  ? 0.815   4.621   17.995  1.00 71.97  ? 11  DG  D OP2    1 
ATOM   1147 O  "O5'"  . DG  D 4 2  ? 2.593   5.535   16.491  1.00 71.90  ? 11  DG  D "O5'"  1 
ATOM   1148 C  "C5'"  . DG  D 4 2  ? 3.910   5.575   15.952  1.00 64.83  ? 11  DG  D "C5'"  1 
ATOM   1149 C  "C4'"  . DG  D 4 2  ? 3.995   6.519   14.763  1.00 76.07  ? 11  DG  D "C4'"  1 
ATOM   1150 O  "O4'"  . DG  D 4 2  ? 2.925   6.239   13.840  1.00 71.12  ? 11  DG  D "O4'"  1 
ATOM   1151 C  "C3'"  . DG  D 4 2  ? 3.834   7.993   15.085  1.00 81.84  ? 11  DG  D "C3'"  1 
ATOM   1152 O  "O3'"  . DG  D 4 2  ? 5.080   8.571   15.451  1.00 92.65  ? 11  DG  D "O3'"  1 
ATOM   1153 C  "C2'"  . DG  D 4 2  ? 3.286   8.583   13.784  1.00 80.63  ? 11  DG  D "C2'"  1 
ATOM   1154 C  "C1'"  . DG  D 4 2  ? 2.695   7.384   13.042  1.00 61.92  ? 11  DG  D "C1'"  1 
ATOM   1155 N  N9     . DG  D 4 2  ? 1.262   7.491   12.788  1.00 59.11  ? 11  DG  D N9     1 
ATOM   1156 C  C8     . DG  D 4 2  ? 0.256   6.822   13.441  1.00 65.85  ? 11  DG  D C8     1 
ATOM   1157 N  N7     . DG  D 4 2  ? -0.936  7.106   12.990  1.00 58.00  ? 11  DG  D N7     1 
ATOM   1158 C  C5     . DG  D 4 2  ? -0.705  8.023   11.973  1.00 51.77  ? 11  DG  D C5     1 
ATOM   1159 C  C6     . DG  D 4 2  ? -1.619  8.685   11.123  1.00 57.51  ? 11  DG  D C6     1 
ATOM   1160 O  O6     . DG  D 4 2  ? -2.853  8.586   11.104  1.00 65.24  ? 11  DG  D O6     1 
ATOM   1161 N  N1     . DG  D 4 2  ? -0.971  9.533   10.227  1.00 61.07  ? 11  DG  D N1     1 
ATOM   1162 C  C2     . DG  D 4 2  ? 0.392   9.716   10.162  1.00 64.82  ? 11  DG  D C2     1 
ATOM   1163 N  N2     . DG  D 4 2  ? 0.836   10.571  9.234   1.00 70.37  ? 11  DG  D N2     1 
ATOM   1164 N  N3     . DG  D 4 2  ? 1.260   9.097   10.956  1.00 53.11  ? 11  DG  D N3     1 
ATOM   1165 C  C4     . DG  D 4 2  ? 0.644   8.269   11.833  1.00 55.94  ? 11  DG  D C4     1 
ATOM   1166 H  "H5'"  . DG  D 4 2  ? 4.164   4.683   15.668  1.00 77.80  ? 11  DG  D "H5'"  1 
ATOM   1167 H  "H5''" . DG  D 4 2  ? 4.524   5.876   16.640  1.00 77.80  ? 11  DG  D "H5''" 1 
ATOM   1168 H  "H4'"  . DG  D 4 2  ? 4.844   6.385   14.314  1.00 91.29  ? 11  DG  D "H4'"  1 
ATOM   1169 H  "H3'"  . DG  D 4 2  ? 3.190   8.109   15.801  1.00 98.20  ? 11  DG  D "H3'"  1 
ATOM   1170 H  "H2'"  . DG  D 4 2  ? 2.595   9.237   13.973  1.00 96.76  ? 11  DG  D "H2'"  1 
ATOM   1171 H  "H2''" . DG  D 4 2  ? 4.002   8.983   13.265  1.00 96.76  ? 11  DG  D "H2''" 1 
ATOM   1172 H  "H1'"  . DG  D 4 2  ? 3.158   7.277   12.196  1.00 74.31  ? 11  DG  D "H1'"  1 
ATOM   1173 H  H8     . DG  D 4 2  ? 0.409   6.224   14.136  1.00 79.02  ? 11  DG  D H8     1 
ATOM   1174 H  H1     . DG  D 4 2  ? -1.459  9.972   9.672   1.00 73.29  ? 11  DG  D H1     1 
ATOM   1175 H  H21    . DG  D 4 2  ? 1.681   10.715  9.150   1.00 84.45  ? 11  DG  D H21    1 
ATOM   1176 H  H22    . DG  D 4 2  ? 0.279   10.977  8.721   1.00 84.45  ? 11  DG  D H22    1 
ATOM   1177 P  P      . DT  D 4 3  ? 5.120   10.005  16.175  1.00 109.55 ? 12  DT  D P      1 
ATOM   1178 O  OP1    . DT  D 4 3  ? 6.460   10.152  16.787  1.00 96.51  ? 12  DT  D OP1    1 
ATOM   1179 O  OP2    . DT  D 4 3  ? 3.905   10.117  17.013  1.00 90.39  ? 12  DT  D OP2    1 
ATOM   1180 O  "O5'"  . DT  D 4 3  ? 4.976   11.052  14.974  1.00 97.73  ? 12  DT  D "O5'"  1 
ATOM   1181 C  "C5'"  . DT  D 4 3  ? 5.979   11.117  13.965  1.00 101.42 ? 12  DT  D "C5'"  1 
ATOM   1182 C  "C4'"  . DT  D 4 3  ? 5.689   12.234  12.979  1.00 99.91  ? 12  DT  D "C4'"  1 
ATOM   1183 O  "O4'"  . DT  D 4 3  ? 4.374   12.031  12.390  1.00 93.69  ? 12  DT  D "O4'"  1 
ATOM   1184 C  "C3'"  . DT  D 4 3  ? 5.657   13.632  13.585  1.00 100.93 ? 12  DT  D "C3'"  1 
ATOM   1185 O  "O3'"  . DT  D 4 3  ? 6.170   14.590  12.661  1.00 109.15 ? 12  DT  D "O3'"  1 
ATOM   1186 C  "C2'"  . DT  D 4 3  ? 4.177   13.835  13.884  1.00 97.11  ? 12  DT  D "C2'"  1 
ATOM   1187 C  "C1'"  . DT  D 4 3  ? 3.518   13.112  12.719  1.00 87.88  ? 12  DT  D "C1'"  1 
ATOM   1188 N  N1     . DT  D 4 3  ? 2.166   12.567  13.019  1.00 77.46  ? 12  DT  D N1     1 
ATOM   1189 C  C2     . DT  D 4 3  ? 1.108   12.901  12.203  1.00 80.30  ? 12  DT  D C2     1 
ATOM   1190 O  O2     . DT  D 4 3  ? 1.211   13.640  11.242  1.00 89.08  ? 12  DT  D O2     1 
ATOM   1191 N  N3     . DT  D 4 3  ? -0.088  12.336  12.561  1.00 73.03  ? 12  DT  D N3     1 
ATOM   1192 C  C4     . DT  D 4 3  ? -0.322  11.486  13.625  1.00 67.92  ? 12  DT  D C4     1 
ATOM   1193 O  O4     . DT  D 4 3  ? -1.433  11.028  13.866  1.00 66.21  ? 12  DT  D O4     1 
ATOM   1194 C  C5     . DT  D 4 3  ? 0.829   11.174  14.434  1.00 72.69  ? 12  DT  D C5     1 
ATOM   1195 C  C7     . DT  D 4 3  ? 0.694   10.265  15.621  1.00 76.37  ? 12  DT  D C7     1 
ATOM   1196 C  C6     . DT  D 4 3  ? 2.006   11.723  14.096  1.00 76.94  ? 12  DT  D C6     1 
ATOM   1197 H  "H5'"  . DT  D 4 3  ? 6.007   10.272  13.490  1.00 121.70 ? 12  DT  D "H5'"  1 
ATOM   1198 H  "H5''" . DT  D 4 3  ? 6.839   11.277  14.382  1.00 121.70 ? 12  DT  D "H5''" 1 
ATOM   1199 H  "H4'"  . DT  D 4 3  ? 6.356   12.211  12.275  1.00 119.89 ? 12  DT  D "H4'"  1 
ATOM   1200 H  "H3'"  . DT  D 4 3  ? 6.170   13.651  14.408  1.00 121.12 ? 12  DT  D "H3'"  1 
ATOM   1201 H  "H2'"  . DT  D 4 3  ? 3.936   13.424  14.728  1.00 116.53 ? 12  DT  D "H2'"  1 
ATOM   1202 H  "H2''" . DT  D 4 3  ? 3.950   14.779  13.878  1.00 116.53 ? 12  DT  D "H2''" 1 
ATOM   1203 H  "H1'"  . DT  D 4 3  ? 3.458   13.715  11.961  1.00 105.45 ? 12  DT  D "H1'"  1 
ATOM   1204 H  H3     . DT  D 4 3  ? -0.766  12.530  12.068  1.00 87.64  ? 12  DT  D H3     1 
ATOM   1205 H  H71    . DT  D 4 3  ? -0.228  9.976   15.703  1.00 91.65  ? 12  DT  D H71    1 
ATOM   1206 H  H72    . DT  D 4 3  ? 1.267   9.490   15.502  1.00 91.65  ? 12  DT  D H72    1 
ATOM   1207 H  H73    . DT  D 4 3  ? 0.958   10.740  16.425  1.00 91.65  ? 12  DT  D H73    1 
ATOM   1208 H  H6     . DT  D 4 3  ? 2.752   11.523  14.615  1.00 92.33  ? 12  DT  D H6     1 
ATOM   1209 P  P      . DC  D 4 4  ? 6.188   16.154  13.031  1.00 121.85 ? 13  DC  D P      1 
ATOM   1210 O  OP1    . DC  D 4 4  ? 7.197   16.803  12.163  1.00 119.78 ? 13  DC  D OP1    1 
ATOM   1211 O  OP2    . DC  D 4 4  ? 6.287   16.275  14.503  1.00 128.03 ? 13  DC  D OP2    1 
ATOM   1212 O  "O5'"  . DC  D 4 4  ? 4.739   16.658  12.587  1.00 95.53  ? 13  DC  D "O5'"  1 
ATOM   1213 C  "C5'"  . DC  D 4 4  ? 4.302   16.434  11.258  1.00 103.46 ? 13  DC  D "C5'"  1 
ATOM   1214 C  "C4'"  . DC  D 4 4  ? 3.470   17.596  10.758  1.00 119.79 ? 13  DC  D "C4'"  1 
ATOM   1215 O  "O4'"  . DC  D 4 4  ? 2.063   17.260  10.868  1.00 113.33 ? 13  DC  D "O4'"  1 
ATOM   1216 C  "C3'"  . DC  D 4 4  ? 3.651   18.894  11.526  1.00 124.57 ? 13  DC  D "C3'"  1 
ATOM   1217 O  "O3'"  . DC  D 4 4  ? 3.521   20.013  10.651  1.00 131.27 ? 13  DC  D "O3'"  1 
ATOM   1218 C  "C2'"  . DC  D 4 4  ? 2.550   18.831  12.588  1.00 119.99 ? 13  DC  D "C2'"  1 
ATOM   1219 C  "C1'"  . DC  D 4 4  ? 1.458   17.978  11.929  1.00 105.87 ? 13  DC  D "C1'"  1 
ATOM   1220 N  N1     . DC  D 4 4  ? 0.775   16.982  12.853  1.00 96.02  ? 13  DC  D N1     1 
ATOM   1221 C  C2     . DC  D 4 4  ? -0.578  16.683  12.654  1.00 94.27  ? 13  DC  D C2     1 
ATOM   1222 O  O2     . DC  D 4 4  ? -1.182  17.240  11.732  1.00 94.32  ? 13  DC  D O2     1 
ATOM   1223 N  N3     . DC  D 4 4  ? -1.187  15.789  13.475  1.00 89.61  ? 13  DC  D N3     1 
ATOM   1224 C  C4     . DC  D 4 4  ? -0.498  15.208  14.457  1.00 90.86  ? 13  DC  D C4     1 
ATOM   1225 N  N4     . DC  D 4 4  ? -1.140  14.333  15.245  1.00 89.59  ? 13  DC  D N4     1 
ATOM   1226 C  C5     . DC  D 4 4  ? 0.883   15.495  14.679  1.00 91.53  ? 13  DC  D C5     1 
ATOM   1227 C  C6     . DC  D 4 4  ? 1.475   16.376  13.859  1.00 97.08  ? 13  DC  D C6     1 
ATOM   1228 H  "H5'"  . DC  D 4 4  ? 3.768   15.625  11.231  1.00 124.16 ? 13  DC  D "H5'"  1 
ATOM   1229 H  "H5''" . DC  D 4 4  ? 5.074   16.326  10.683  1.00 124.16 ? 13  DC  D "H5''" 1 
ATOM   1230 H  "H4'"  . DC  D 4 4  ? 3.682   17.752  9.824   1.00 143.74 ? 13  DC  D "H4'"  1 
ATOM   1231 H  "H3'"  . DC  D 4 4  ? 4.522   18.905  11.954  1.00 149.49 ? 13  DC  D "H3'"  1 
ATOM   1232 H  "H2'"  . DC  D 4 4  ? 2.877   18.402  13.393  1.00 143.99 ? 13  DC  D "H2'"  1 
ATOM   1233 H  "H2''" . DC  D 4 4  ? 2.216   19.720  12.784  1.00 143.99 ? 13  DC  D "H2''" 1 
ATOM   1234 H  "H1'"  . DC  D 4 4  ? 0.784   18.569  11.558  1.00 127.05 ? 13  DC  D "H1'"  1 
ATOM   1235 H  H41    . DC  D 4 4  ? -0.722  13.946  15.888  1.00 107.50 ? 13  DC  D H41    1 
ATOM   1236 H  H42    . DC  D 4 4  ? -1.971  14.158  15.106  1.00 107.50 ? 13  DC  D H42    1 
ATOM   1237 H  H5     . DC  D 4 4  ? 1.355   15.085  15.367  1.00 109.84 ? 13  DC  D H5     1 
ATOM   1238 H  H6     . DC  D 4 4  ? 2.372   16.584  13.983  1.00 116.50 ? 13  DC  D H6     1 
ATOM   1239 P  P      . DT  D 4 5  ? 3.459   21.508  11.236  1.00 147.69 ? 14  DT  D P      1 
ATOM   1240 O  OP1    . DT  D 4 5  ? 4.007   22.421  10.207  1.00 158.16 ? 14  DT  D OP1    1 
ATOM   1241 O  OP2    . DT  D 4 5  ? 4.058   21.483  12.590  1.00 146.29 ? 14  DT  D OP2    1 
ATOM   1242 O  "O5'"  . DT  D 4 5  ? 1.889   21.775  11.387  1.00 137.24 ? 14  DT  D "O5'"  1 
ATOM   1243 C  "C5'"  . DT  D 4 5  ? 1.001   21.355  10.351  1.00 131.20 ? 14  DT  D "C5'"  1 
ATOM   1244 C  "C4'"  . DT  D 4 5  ? -0.443  21.692  10.686  1.00 127.36 ? 14  DT  D "C4'"  1 
ATOM   1245 O  "O4'"  . DT  D 4 5  ? -1.029  20.619  11.481  1.00 119.43 ? 14  DT  D "O4'"  1 
ATOM   1246 C  "C3'"  . DT  D 4 5  ? -0.637  22.979  11.499  1.00 127.97 ? 14  DT  D "C3'"  1 
ATOM   1247 O  "O3'"  . DT  D 4 5  ? -1.616  23.812  10.887  1.00 133.40 ? 14  DT  D "O3'"  1 
ATOM   1248 C  "C2'"  . DT  D 4 5  ? -1.077  22.477  12.872  1.00 124.20 ? 14  DT  D "C2'"  1 
ATOM   1249 C  "C1'"  . DT  D 4 5  ? -1.790  21.182  12.526  1.00 111.06 ? 14  DT  D "C1'"  1 
ATOM   1250 N  N1     . DT  D 4 5  ? -1.888  20.191  13.663  1.00 103.36 ? 14  DT  D N1     1 
ATOM   1251 C  C2     . DT  D 4 5  ? -3.085  19.536  13.892  1.00 97.86  ? 14  DT  D C2     1 
ATOM   1252 O  O2     . DT  D 4 5  ? -4.085  19.714  13.219  1.00 96.77  ? 14  DT  D O2     1 
ATOM   1253 N  N3     . DT  D 4 5  ? -3.064  18.655  14.946  1.00 92.23  ? 14  DT  D N3     1 
ATOM   1254 C  C4     . DT  D 4 5  ? -1.991  18.373  15.775  1.00 99.64  ? 14  DT  D C4     1 
ATOM   1255 O  O4     . DT  D 4 5  ? -2.066  17.569  16.698  1.00 101.69 ? 14  DT  D O4     1 
ATOM   1256 C  C5     . DT  D 4 5  ? -0.774  19.090  15.483  1.00 99.69  ? 14  DT  D C5     1 
ATOM   1257 C  C7     . DT  D 4 5  ? 0.453   18.862  16.318  1.00 95.92  ? 14  DT  D C7     1 
ATOM   1258 C  C6     . DT  D 4 5  ? -0.778  19.954  14.453  1.00 100.64 ? 14  DT  D C6     1 
ATOM   1259 H  "H5'"  . DT  D 4 5  ? 1.082   20.395  10.234  1.00 157.44 ? 14  DT  D "H5'"  1 
ATOM   1260 H  "H5''" . DT  D 4 5  ? 1.247   21.797  9.523   1.00 157.44 ? 14  DT  D "H5''" 1 
ATOM   1261 H  "H4'"  . DT  D 4 5  ? -0.941  21.772  9.858   1.00 152.83 ? 14  DT  D "H4'"  1 
ATOM   1262 H  "H3'"  . DT  D 4 5  ? 0.206   23.455  11.574  1.00 153.57 ? 14  DT  D "H3'"  1 
ATOM   1263 H  "H2'"  . DT  D 4 5  ? -0.308  22.306  13.439  1.00 149.04 ? 14  DT  D "H2'"  1 
ATOM   1264 H  "H2''" . DT  D 4 5  ? -1.685  23.105  13.290  1.00 149.04 ? 14  DT  D "H2''" 1 
ATOM   1265 H  "H1'"  . DT  D 4 5  ? -2.681  21.383  12.200  1.00 133.27 ? 14  DT  D "H1'"  1 
ATOM   1266 H  H3     . DT  D 4 5  ? -3.796  18.234  15.109  1.00 110.67 ? 14  DT  D H3     1 
ATOM   1267 H  H71    . DT  D 4 5  ? 1.172   18.539  15.753  1.00 115.11 ? 14  DT  D H71    1 
ATOM   1268 H  H72    . DT  D 4 5  ? 0.719   19.695  16.736  1.00 115.11 ? 14  DT  D H72    1 
ATOM   1269 H  H73    . DT  D 4 5  ? 0.259   18.203  17.002  1.00 115.11 ? 14  DT  D H73    1 
ATOM   1270 H  H6     . DT  D 4 5  ? 0.005   20.418  14.264  1.00 120.77 ? 14  DT  D H6     1 
ATOM   1271 P  P      . DG  D 4 6  ? -1.868  25.313  11.407  1.00 142.15 ? 15  DG  D P      1 
ATOM   1272 O  OP1    . DG  D 4 6  ? -0.878  26.184  10.737  1.00 133.09 ? 15  DG  D OP1    1 
ATOM   1273 O  OP2    . DG  D 4 6  ? -1.953  25.309  12.884  1.00 132.94 ? 15  DG  D OP2    1 
ATOM   1274 O  "O5'"  . DG  D 4 6  ? -3.321  25.674  10.840  1.00 136.64 ? 15  DG  D "O5'"  1 
ATOM   1275 C  "C5'"  . DG  D 4 6  ? -4.258  24.637  10.514  1.00 135.46 ? 15  DG  D "C5'"  1 
ATOM   1276 C  "C4'"  . DG  D 4 6  ? -5.286  24.441  11.621  1.00 133.86 ? 15  DG  D "C4'"  1 
ATOM   1277 O  "O4'"  . DG  D 4 6  ? -4.817  23.451  12.574  1.00 127.32 ? 15  DG  D "O4'"  1 
ATOM   1278 C  "C3'"  . DG  D 4 6  ? -5.604  25.696  12.448  1.00 124.77 ? 15  DG  D "C3'"  1 
ATOM   1279 O  "O3'"  . DG  D 4 6  ? -6.949  26.112  12.206  1.00 124.95 ? 15  DG  D "O3'"  1 
ATOM   1280 C  "C2'"  . DG  D 4 6  ? -5.360  25.259  13.908  1.00 118.51 ? 15  DG  D "C2'"  1 
ATOM   1281 C  "C1'"  . DG  D 4 6  ? -5.404  23.745  13.817  1.00 112.85 ? 15  DG  D "C1'"  1 
ATOM   1282 N  N9     . DG  D 4 6  ? -4.678  23.046  14.885  1.00 102.90 ? 15  DG  D N9     1 
ATOM   1283 C  C8     . DG  D 4 6  ? -3.374  23.246  15.276  1.00 102.58 ? 15  DG  D C8     1 
ATOM   1284 N  N7     . DG  D 4 6  ? -3.000  22.471  16.257  1.00 96.81  ? 15  DG  D N7     1 
ATOM   1285 C  C5     . DG  D 4 6  ? -4.126  21.709  16.542  1.00 94.71  ? 15  DG  D C5     1 
ATOM   1286 C  C6     . DG  D 4 6  ? -4.322  20.697  17.515  1.00 90.87  ? 15  DG  D C6     1 
ATOM   1287 O  O6     . DG  D 4 6  ? -3.508  20.260  18.343  1.00 88.98  ? 15  DG  D O6     1 
ATOM   1288 N  N1     . DG  D 4 6  ? -5.615  20.179  17.469  1.00 83.10  ? 15  DG  D N1     1 
ATOM   1289 C  C2     . DG  D 4 6  ? -6.595  20.586  16.594  1.00 91.15  ? 15  DG  D C2     1 
ATOM   1290 N  N2     . DG  D 4 6  ? -7.782  19.968  16.701  1.00 92.34  ? 15  DG  D N2     1 
ATOM   1291 N  N3     . DG  D 4 6  ? -6.425  21.534  15.677  1.00 95.34  ? 15  DG  D N3     1 
ATOM   1292 C  C4     . DG  D 4 6  ? -5.170  22.049  15.708  1.00 97.31  ? 15  DG  D C4     1 
ATOM   1293 H  "H5'"  . DG  D 4 6  ? -3.777  23.806  10.380  1.00 162.55 ? 15  DG  D "H5'"  1 
ATOM   1294 H  "H5''" . DG  D 4 6  ? -4.718  24.872  9.693   1.00 162.55 ? 15  DG  D "H5''" 1 
ATOM   1295 H  "H4'"  . DG  D 4 6  ? -6.109  24.120  11.222  1.00 160.63 ? 15  DG  D "H4'"  1 
ATOM   1296 H  "H3'"  . DG  D 4 6  ? -4.993  26.410  12.212  1.00 149.72 ? 15  DG  D "H3'"  1 
ATOM   1297 H  "H2'"  . DG  D 4 6  ? -4.490  25.560  14.215  1.00 142.21 ? 15  DG  D "H2'"  1 
ATOM   1298 H  "H2''" . DG  D 4 6  ? -6.064  25.589  14.488  1.00 142.21 ? 15  DG  D "H2''" 1 
ATOM   1299 H  "H1'"  . DG  D 4 6  ? -6.328  23.451  13.811  1.00 135.42 ? 15  DG  D "H1'"  1 
ATOM   1300 H  H8     . DG  D 4 6  ? -2.812  23.867  14.875  1.00 123.09 ? 15  DG  D H8     1 
ATOM   1301 H  H1     . DG  D 4 6  ? -5.815  19.557  18.029  1.00 99.72  ? 15  DG  D H1     1 
ATOM   1302 H  H21    . DG  D 4 6  ? -8.427  20.185  16.175  1.00 110.81 ? 15  DG  D H21    1 
ATOM   1303 H  H22    . DG  D 4 6  ? -7.896  19.357  17.294  1.00 110.81 ? 15  DG  D H22    1 
ATOM   1304 P  P      . DC  D 4 7  ? -7.678  27.147  13.192  1.00 133.38 ? 16  DC  D P      1 
ATOM   1305 O  OP1    . DC  D 4 7  ? -8.782  27.791  12.443  1.00 130.08 ? 16  DC  D OP1    1 
ATOM   1306 O  OP2    . DC  D 4 7  ? -6.614  27.970  13.812  1.00 127.82 ? 16  DC  D OP2    1 
ATOM   1307 O  "O5'"  . DC  D 4 7  ? -8.279  26.203  14.335  1.00 122.65 ? 16  DC  D "O5'"  1 
ATOM   1308 C  "C5'"  . DC  D 4 7  ? -9.614  26.373  14.790  1.00 120.92 ? 16  DC  D "C5'"  1 
ATOM   1309 C  "C4'"  . DC  D 4 7  ? -10.153 25.070  15.352  1.00 113.58 ? 16  DC  D "C4'"  1 
ATOM   1310 O  "O4'"  . DC  D 4 7  ? -9.038  24.224  15.753  1.00 104.10 ? 16  DC  D "O4'"  1 
ATOM   1311 C  "C3'"  . DC  D 4 7  ? -11.040 25.218  16.586  1.00 117.53 ? 16  DC  D "C3'"  1 
ATOM   1312 O  "O3'"  . DC  D 4 7  ? -12.142 24.317  16.530  1.00 107.03 ? 16  DC  D "O3'"  1 
ATOM   1313 C  "C2'"  . DC  D 4 7  ? -10.093 24.909  17.739  1.00 115.51 ? 16  DC  D "C2'"  1 
ATOM   1314 C  "C1'"  . DC  D 4 7  ? -9.136  23.899  17.125  1.00 98.36  ? 16  DC  D "C1'"  1 
ATOM   1315 N  N1     . DC  D 4 7  ? -7.766  23.921  17.720  1.00 97.91  ? 16  DC  D N1     1 
ATOM   1316 C  C2     . DC  D 4 7  ? -7.446  23.039  18.758  1.00 95.73  ? 16  DC  D C2     1 
ATOM   1317 O  O2     . DC  D 4 7  ? -8.311  22.256  19.168  1.00 93.81  ? 16  DC  D O2     1 
ATOM   1318 N  N3     . DC  D 4 7  ? -6.195  23.072  19.286  1.00 89.68  ? 16  DC  D N3     1 
ATOM   1319 C  C4     . DC  D 4 7  ? -5.292  23.933  18.811  1.00 91.32  ? 16  DC  D C4     1 
ATOM   1320 N  N4     . DC  D 4 7  ? -4.071  23.931  19.360  1.00 91.31  ? 16  DC  D N4     1 
ATOM   1321 C  C5     . DC  D 4 7  ? -5.602  24.839  17.753  1.00 94.31  ? 16  DC  D C5     1 
ATOM   1322 C  C6     . DC  D 4 7  ? -6.838  24.798  17.242  1.00 97.64  ? 16  DC  D C6     1 
ATOM   1323 H  "H5'"  . DC  D 4 7  ? -10.171 26.656  14.049  1.00 145.10 ? 16  DC  D "H5'"  1 
ATOM   1324 H  "H5''" . DC  D 4 7  ? -9.632  27.051  15.482  1.00 145.10 ? 16  DC  D "H5''" 1 
ATOM   1325 H  "H4'"  . DC  D 4 7  ? -10.657 24.615  14.659  1.00 136.30 ? 16  DC  D "H4'"  1 
ATOM   1326 H  "H3'"  . DC  D 4 7  ? -11.360 26.132  16.656  1.00 141.04 ? 16  DC  D "H3'"  1 
ATOM   1327 H  "HO3'" . DC  D 4 7  ? -12.246 23.742  17.133  1.00 128.44 ? 16  DC  D "HO3'" 1 
ATOM   1328 H  "H2'"  . DC  D 4 7  ? -9.617  25.706  18.018  1.00 138.62 ? 16  DC  D "H2'"  1 
ATOM   1329 H  "H2''" . DC  D 4 7  ? -10.575 24.516  18.484  1.00 138.62 ? 16  DC  D "H2''" 1 
ATOM   1330 H  "H1'"  . DC  D 4 7  ? -9.510  23.008  17.215  1.00 118.04 ? 16  DC  D "H1'"  1 
ATOM   1331 H  H41    . DC  D 4 7  ? -3.473  24.483  19.082  1.00 109.58 ? 16  DC  D H41    1 
ATOM   1332 H  H42    . DC  D 4 7  ? -3.884  23.378  19.992  1.00 109.58 ? 16  DC  D H42    1 
ATOM   1333 H  H5     . DC  D 4 7  ? -4.966  25.436  17.429  1.00 113.18 ? 16  DC  D H5     1 
ATOM   1334 H  H6     . DC  D 4 7  ? -7.066  25.376  16.550  1.00 117.17 ? 16  DC  D H6     1 
HETATM 1335 MG MG     . MG  E 5 .  ? 4.877   -6.955  -3.080  1.00 61.07  ? 101 MG  A MG     1 
HETATM 1336 C  C1     . HT1 F 6 .  ? 9.605   -20.866 -17.082 1.00 104.14 ? 101 HT1 C C1     1 
HETATM 1337 O  O1     . HT1 F 6 .  ? 9.564   -22.269 -17.051 1.00 107.07 ? 101 HT1 C O1     1 
HETATM 1338 C  C2     . HT1 F 6 .  ? 8.417   -20.158 -17.135 1.00 95.31  ? 101 HT1 C C2     1 
HETATM 1339 C  C3     . HT1 F 6 .  ? 8.444   -18.776 -17.170 1.00 92.63  ? 101 HT1 C C3     1 
HETATM 1340 C  C4     . HT1 F 6 .  ? 9.649   -18.095 -17.161 1.00 92.10  ? 101 HT1 C C4     1 
HETATM 1341 C  C5     . HT1 F 6 .  ? 10.843  -18.795 -17.104 1.00 89.57  ? 101 HT1 C C5     1 
HETATM 1342 C  C6     . HT1 F 6 .  ? 10.817  -20.185 -17.068 1.00 106.98 ? 101 HT1 C C6     1 
HETATM 1343 C  C7     . HT1 F 6 .  ? 9.568   -16.707 -17.193 1.00 91.64  ? 101 HT1 C C7     1 
HETATM 1344 N  N1     . HT1 F 6 .  ? 8.502   -15.900 -17.109 1.00 87.81  ? 101 HT1 C N1     1 
HETATM 1345 C  C8     . HT1 F 6 .  ? 8.924   -14.649 -17.194 1.00 86.17  ? 101 HT1 C C8     1 
HETATM 1346 C  C9     . HT1 F 6 .  ? 10.272  -14.656 -17.341 1.00 88.12  ? 101 HT1 C C9     1 
HETATM 1347 N  N2     . HT1 F 6 .  ? 10.672  -15.939 -17.343 1.00 88.20  ? 101 HT1 C N2     1 
HETATM 1348 C  C10    . HT1 F 6 .  ? 10.954  -13.420 -17.457 1.00 93.18  ? 101 HT1 C C10    1 
HETATM 1349 C  C11    . HT1 F 6 .  ? 10.252  -12.216 -17.418 1.00 89.00  ? 101 HT1 C C11    1 
HETATM 1350 C  C12    . HT1 F 6 .  ? 8.875   -12.239 -17.276 1.00 90.38  ? 101 HT1 C C12    1 
HETATM 1351 C  C13    . HT1 F 6 .  ? 8.217   -13.440 -17.156 1.00 88.84  ? 101 HT1 C C13    1 
HETATM 1352 C  C14    . HT1 F 6 .  ? 8.220   -11.019 -17.235 1.00 92.22  ? 101 HT1 C C14    1 
HETATM 1353 N  N3     . HT1 F 6 .  ? 6.984   -10.704 -16.825 1.00 84.85  ? 101 HT1 C N3     1 
HETATM 1354 C  C15    . HT1 F 6 .  ? 6.810   -9.400  -16.983 1.00 80.38  ? 101 HT1 C C15    1 
HETATM 1355 C  C16    . HT1 F 6 .  ? 7.956   -8.888  -17.498 1.00 84.15  ? 101 HT1 C C16    1 
HETATM 1356 N  N4     . HT1 F 6 .  ? 8.832   -9.893  -17.654 1.00 92.80  ? 101 HT1 C N4     1 
HETATM 1357 C  C17    . HT1 F 6 .  ? 8.025   -7.507  -17.762 1.00 84.84  ? 101 HT1 C C17    1 
HETATM 1358 C  C18    . HT1 F 6 .  ? 6.939   -6.690  -17.490 1.00 84.12  ? 101 HT1 C C18    1 
HETATM 1359 C  C19    . HT1 F 6 .  ? 5.765   -7.222  -16.975 1.00 83.44  ? 101 HT1 C C19    1 
HETATM 1360 C  C20    . HT1 F 6 .  ? 5.705   -8.575  -16.709 1.00 82.40  ? 101 HT1 C C20    1 
HETATM 1361 N  N5     . HT1 F 6 .  ? 4.997   -5.988  -16.873 1.00 79.78  ? 101 HT1 C N5     1 
HETATM 1362 C  C21    . HT1 F 6 .  ? 3.798   -6.395  -16.160 1.00 76.52  ? 101 HT1 C C21    1 
HETATM 1363 C  C22    . HT1 F 6 .  ? 2.740   -5.311  -16.038 1.00 79.08  ? 101 HT1 C C22    1 
HETATM 1364 N  N6     . HT1 F 6 .  ? 2.433   -4.705  -17.314 1.00 79.51  ? 101 HT1 C N6     1 
HETATM 1365 C  C23    . HT1 F 6 .  ? 3.618   -4.262  -18.024 1.00 83.71  ? 101 HT1 C C23    1 
HETATM 1366 C  C24    . HT1 F 6 .  ? 4.716   -5.315  -18.140 1.00 81.23  ? 101 HT1 C C24    1 
HETATM 1367 C  C25    . HT1 F 6 .  ? 1.556   -3.577  -17.075 1.00 82.02  ? 101 HT1 C C25    1 
HETATM 1368 C  C26    . HT1 F 6 .  ? 9.009   -22.852 -18.201 1.00 107.98 ? 101 HT1 C C26    1 
HETATM 1369 C  C27    . HT1 F 6 .  ? 9.884   -22.511 -19.408 1.00 102.02 ? 101 HT1 C C27    1 
HETATM 1370 H  H2     . HT1 F 6 .  ? 7.605   -20.610 -17.146 1.00 114.37 ? 101 HT1 C H2     1 
HETATM 1371 H  H3     . HT1 F 6 .  ? 7.645   -18.301 -17.206 1.00 111.16 ? 101 HT1 C H3     1 
HETATM 1372 H  H5     . HT1 F 6 .  ? 11.655  -18.340 -17.094 1.00 107.48 ? 101 HT1 C H5     1 
HETATM 1373 H  H6     . HT1 F 6 .  ? 11.615  -20.662 -17.034 1.00 128.37 ? 101 HT1 C H6     1 
HETATM 1374 H  HN1    . HT1 F 6 .  ? 7.685   -16.151 -17.010 1.00 105.37 ? 101 HT1 C HN1    1 
HETATM 1375 H  H10    . HT1 F 6 .  ? 11.878  -13.411 -17.557 1.00 111.82 ? 101 HT1 C H10    1 
HETATM 1376 H  H11    . HT1 F 6 .  ? 10.704  -11.407 -17.495 1.00 106.80 ? 101 HT1 C H11    1 
HETATM 1377 H  H13    . HT1 F 6 .  ? 7.293   -13.451 -17.056 1.00 106.60 ? 101 HT1 C H13    1 
HETATM 1378 H  HN3    . HT1 F 6 .  ? 6.401   -11.255 -16.514 1.00 101.82 ? 101 HT1 C HN3    1 
HETATM 1379 H  H17    . HT1 F 6 .  ? 8.805   -7.141  -18.113 1.00 101.81 ? 101 HT1 C H17    1 
HETATM 1380 H  H18    . HT1 F 6 .  ? 6.993   -5.779  -17.666 1.00 100.94 ? 101 HT1 C H18    1 
HETATM 1381 H  H20    . HT1 F 6 .  ? 4.927   -8.943  -16.355 1.00 98.88  ? 101 HT1 C H20    1 
HETATM 1382 H  H211   . HT1 F 6 .  ? 3.409   -7.152  -16.624 1.00 91.83  ? 101 HT1 C H211   1 
HETATM 1383 H  H212   . HT1 F 6 .  ? 4.054   -6.674  -15.267 1.00 91.83  ? 101 HT1 C H212   1 
HETATM 1384 H  H221   . HT1 F 6 .  ? 3.062   -4.624  -15.434 1.00 94.90  ? 101 HT1 C H221   1 
HETATM 1385 H  H222   . HT1 F 6 .  ? 1.931   -5.702  -15.675 1.00 94.90  ? 101 HT1 C H222   1 
HETATM 1386 H  H231   . HT1 F 6 .  ? 3.357   -3.994  -18.919 1.00 100.45 ? 101 HT1 C H231   1 
HETATM 1387 H  H232   . HT1 F 6 .  ? 3.982   -3.492  -17.560 1.00 100.45 ? 101 HT1 C H232   1 
HETATM 1388 H  H241   . HT1 F 6 .  ? 4.442   -5.980  -18.791 1.00 97.48  ? 101 HT1 C H241   1 
HETATM 1389 H  H242   . HT1 F 6 .  ? 5.528   -4.884  -18.450 1.00 97.48  ? 101 HT1 C H242   1 
HETATM 1390 H  H251   . HT1 F 6 .  ? 1.353   -3.142  -17.917 1.00 98.43  ? 101 HT1 C H251   1 
HETATM 1391 H  H252   . HT1 F 6 .  ? 1.994   -2.947  -16.483 1.00 98.43  ? 101 HT1 C H252   1 
HETATM 1392 H  H253   . HT1 F 6 .  ? 0.733   -3.888  -16.666 1.00 98.43  ? 101 HT1 C H253   1 
HETATM 1393 H  H261   . HT1 F 6 .  ? 8.970   -23.815 -18.090 1.00 129.57 ? 101 HT1 C H261   1 
HETATM 1394 H  H262   . HT1 F 6 .  ? 8.114   -22.506 -18.342 1.00 129.57 ? 101 HT1 C H262   1 
HETATM 1395 H  H271   . HT1 F 6 .  ? 10.806  -22.748 -19.218 1.00 122.42 ? 101 HT1 C H271   1 
HETATM 1396 H  H272   . HT1 F 6 .  ? 9.826   -21.561 -19.592 1.00 122.42 ? 101 HT1 C H272   1 
HETATM 1397 H  H273   . HT1 F 6 .  ? 9.577   -23.009 -20.181 1.00 122.42 ? 101 HT1 C H273   1 
HETATM 1398 MG MG     . MG  G 5 .  ? 6.938   -0.193  -19.228 1.00 71.52  ? 102 MG  C MG     1 
HETATM 1399 O  O      . HOH H 7 .  ? -2.250  -8.771  5.969   1.00 80.82  ? 101 HOH B O      1 
HETATM 1400 O  O      . HOH I 7 .  ? 1.015   -27.716 -29.804 1.00 88.76  ? 201 HOH C O      1 
HETATM 1401 O  O      . HOH J 7 .  ? -6.588  20.206  12.248  1.00 87.07  ? 101 HOH D O      1 
# 
loop_
_pdbx_poly_seq_scheme.asym_id 
_pdbx_poly_seq_scheme.entity_id 
_pdbx_poly_seq_scheme.seq_id 
_pdbx_poly_seq_scheme.mon_id 
_pdbx_poly_seq_scheme.ndb_seq_num 
_pdbx_poly_seq_scheme.pdb_seq_num 
_pdbx_poly_seq_scheme.auth_seq_num 
_pdbx_poly_seq_scheme.pdb_mon_id 
_pdbx_poly_seq_scheme.auth_mon_id 
_pdbx_poly_seq_scheme.pdb_strand_id 
_pdbx_poly_seq_scheme.pdb_ins_code 
_pdbx_poly_seq_scheme.hetero 
A 1 1  DG 1  1  1  DG DG A . n 
A 1 2  DA 2  2  2  DA DA A . n 
A 1 3  DG 3  3  3  DG DG A . n 
A 1 4  DC 4  4  4  DC DC A . n 
A 1 5  DA 5  5  5  DA DA A . n 
A 1 6  DG 6  6  6  DG DG A . n 
A 1 7  DA 7  7  7  DA DA A . n 
A 1 8  DC 8  8  8  DC DC A . n 
A 1 9  DC 9  9  9  DC DC A . n 
A 1 10 DT 10 10 10 DT DT A . n 
A 1 11 DG 11 11 11 DG DG A . n 
A 1 12 DA 12 12 12 DA DA A . n 
A 1 13 DC 13 13 13 DC DC A . n 
A 1 14 DG 14 14 14 DG DG A . n 
A 1 15 DG 15 15 15 DG DG A . n 
A 1 16 DA 16 16 16 DA DA A . n 
A 1 17 DA 17 17 17 DA DA A . n 
A 1 18 DA 18 18 18 DA DA A . n 
A 1 19 DT 19 19 19 DT DT A . n 
A 1 20 DT 20 20 20 DT DT A . n 
A 1 21 DA 21 21 21 DA DA A . n 
B 2 1  DC 1  0  0  DC DC B . n 
B 2 2  DC 2  1  1  DC DC B . n 
B 2 3  DG 3  2  2  DG DG B . n 
B 2 4  DT 4  3  3  DT DT B . n 
B 2 5  DC 5  4  4  DC DC B . n 
B 2 6  DA 6  5  5  DA DA B . n 
C 3 1  DT 1  1  1  DT DT C . n 
C 3 2  DC 2  2  2  DC DC C . n 
C 3 3  DT 3  3  3  DT DT C . n 
C 3 4  DA 4  4  4  DA DA C . n 
C 3 5  DA 5  5  5  DA DA C . n 
C 3 6  DT 6  6  6  DT DT C . n 
C 3 7  DT 7  7  7  DT DT C . n 
C 3 8  DT 8  8  8  DT DT C . n 
D 4 1  DG 1  10 10 DG DG D . n 
D 4 2  DG 2  11 11 DG DG D . n 
D 4 3  DT 3  12 12 DT DT D . n 
D 4 4  DC 4  13 13 DC DC D . n 
D 4 5  DT 5  14 14 DT DT D . n 
D 4 6  DG 6  15 15 DG DG D . n 
D 4 7  DC 7  16 16 DC DC D . n 
# 
_pdbx_contact_author.id                 2 
_pdbx_contact_author.email              hao.yan@asu.edu 
_pdbx_contact_author.name_first         Hao 
_pdbx_contact_author.name_last          Yan 
_pdbx_contact_author.name_mi            ? 
_pdbx_contact_author.role               'principal investigator/group leader' 
_pdbx_contact_author.identifier_ORCID   0000-0001-7397-9852 
# 
loop_
_pdbx_nonpoly_scheme.asym_id 
_pdbx_nonpoly_scheme.entity_id 
_pdbx_nonpoly_scheme.mon_id 
_pdbx_nonpoly_scheme.ndb_seq_num 
_pdbx_nonpoly_scheme.pdb_seq_num 
_pdbx_nonpoly_scheme.auth_seq_num 
_pdbx_nonpoly_scheme.pdb_mon_id 
_pdbx_nonpoly_scheme.auth_mon_id 
_pdbx_nonpoly_scheme.pdb_strand_id 
_pdbx_nonpoly_scheme.pdb_ins_code 
E 5 MG  1 101 2   MG  MG  A . 
F 6 HT1 1 101 101 HT1 HT1 C . 
G 5 MG  1 102 1   MG  MG  C . 
H 7 HOH 1 101 3   HOH HOH B . 
I 7 HOH 1 201 2   HOH HOH C . 
J 7 HOH 1 101 1   HOH HOH D . 
# 
_pdbx_struct_assembly.id                   1 
_pdbx_struct_assembly.details              author_defined_assembly 
_pdbx_struct_assembly.method_details       ? 
_pdbx_struct_assembly.oligomeric_details   tetrameric 
_pdbx_struct_assembly.oligomeric_count     4 
# 
_pdbx_struct_assembly_gen.assembly_id       1 
_pdbx_struct_assembly_gen.oper_expression   1 
_pdbx_struct_assembly_gen.asym_id_list      A,B,C,D,E,F,G,H,I,J 
# 
_pdbx_struct_oper_list.id                   1 
_pdbx_struct_oper_list.type                 'identity operation' 
_pdbx_struct_oper_list.name                 1_555 
_pdbx_struct_oper_list.symmetry_operation   x,y,z 
_pdbx_struct_oper_list.matrix[1][1]         1.0000000000 
_pdbx_struct_oper_list.matrix[1][2]         0.0000000000 
_pdbx_struct_oper_list.matrix[1][3]         0.0000000000 
_pdbx_struct_oper_list.vector[1]            0.0000000000 
_pdbx_struct_oper_list.matrix[2][1]         0.0000000000 
_pdbx_struct_oper_list.matrix[2][2]         1.0000000000 
_pdbx_struct_oper_list.matrix[2][3]         0.0000000000 
_pdbx_struct_oper_list.vector[2]            0.0000000000 
_pdbx_struct_oper_list.matrix[3][1]         0.0000000000 
_pdbx_struct_oper_list.matrix[3][2]         0.0000000000 
_pdbx_struct_oper_list.matrix[3][3]         1.0000000000 
_pdbx_struct_oper_list.vector[3]            0.0000000000 
# 
_pdbx_audit_revision_history.ordinal             1 
_pdbx_audit_revision_history.data_content_type   'Structure model' 
_pdbx_audit_revision_history.major_revision      1 
_pdbx_audit_revision_history.minor_revision      0 
_pdbx_audit_revision_history.revision_date       2023-12-20 
# 
_pdbx_audit_revision_details.ordinal             1 
_pdbx_audit_revision_details.revision_ordinal    1 
_pdbx_audit_revision_details.data_content_type   'Structure model' 
_pdbx_audit_revision_details.provider            repository 
_pdbx_audit_revision_details.type                'Initial release' 
_pdbx_audit_revision_details.description         ? 
_pdbx_audit_revision_details.details             ? 
# 
loop_
_software.citation_id 
_software.classification 
_software.compiler_name 
_software.compiler_version 
_software.contact_author 
_software.contact_author_email 
_software.date 
_software.description 
_software.dependencies 
_software.hardware 
_software.language 
_software.location 
_software.mods 
_software.name 
_software.os 
_software.os_version 
_software.type 
_software.version 
_software.pdbx_ordinal 
? refinement       ? ? ? ? ? ? ? ? ? ? ? PHENIX   ? ? ? '(1.10_2152: ???)' 1 
? 'data scaling'   ? ? ? ? ? ? ? ? ? ? ? HKL-2000 ? ? ? .                  2 
? 'data reduction' ? ? ? ? ? ? ? ? ? ? ? HKL-2000 ? ? ? .                  3 
? phasing          ? ? ? ? ? ? ? ? ? ? ? PHASER   ? ? ? .                  4 
# 
_pdbx_entry_details.entry_id                 8TAQ 
_pdbx_entry_details.has_ligand_of_interest   N 
_pdbx_entry_details.compound_details         ? 
_pdbx_entry_details.source_details           ? 
_pdbx_entry_details.nonpolymer_details       ? 
_pdbx_entry_details.sequence_details         ? 
# 
loop_
_pdbx_validate_symm_contact.id 
_pdbx_validate_symm_contact.PDB_model_num 
_pdbx_validate_symm_contact.auth_atom_id_1 
_pdbx_validate_symm_contact.auth_asym_id_1 
_pdbx_validate_symm_contact.auth_comp_id_1 
_pdbx_validate_symm_contact.auth_seq_id_1 
_pdbx_validate_symm_contact.PDB_ins_code_1 
_pdbx_validate_symm_contact.label_alt_id_1 
_pdbx_validate_symm_contact.site_symmetry_1 
_pdbx_validate_symm_contact.auth_atom_id_2 
_pdbx_validate_symm_contact.auth_asym_id_2 
_pdbx_validate_symm_contact.auth_comp_id_2 
_pdbx_validate_symm_contact.auth_seq_id_2 
_pdbx_validate_symm_contact.PDB_ins_code_2 
_pdbx_validate_symm_contact.label_alt_id_2 
_pdbx_validate_symm_contact.site_symmetry_2 
_pdbx_validate_symm_contact.dist 
1 1 OP1 B DC 0 ? ? 1_555 "HO3'" B DA 5 ? ? 2_554 1.41 
2 1 OP1 B DC 0 ? ? 1_555 "O3'"  B DA 5 ? ? 2_554 2.13 
# 
_pdbx_validate_rmsd_angle.id                         1 
_pdbx_validate_rmsd_angle.PDB_model_num              1 
_pdbx_validate_rmsd_angle.auth_atom_id_1             "O4'" 
_pdbx_validate_rmsd_angle.auth_asym_id_1             A 
_pdbx_validate_rmsd_angle.auth_comp_id_1             DC 
_pdbx_validate_rmsd_angle.auth_seq_id_1              4 
_pdbx_validate_rmsd_angle.PDB_ins_code_1             ? 
_pdbx_validate_rmsd_angle.label_alt_id_1             ? 
_pdbx_validate_rmsd_angle.auth_atom_id_2             "C1'" 
_pdbx_validate_rmsd_angle.auth_asym_id_2             A 
_pdbx_validate_rmsd_angle.auth_comp_id_2             DC 
_pdbx_validate_rmsd_angle.auth_seq_id_2              4 
_pdbx_validate_rmsd_angle.PDB_ins_code_2             ? 
_pdbx_validate_rmsd_angle.label_alt_id_2             ? 
_pdbx_validate_rmsd_angle.auth_atom_id_3             N1 
_pdbx_validate_rmsd_angle.auth_asym_id_3             A 
_pdbx_validate_rmsd_angle.auth_comp_id_3             DC 
_pdbx_validate_rmsd_angle.auth_seq_id_3              4 
_pdbx_validate_rmsd_angle.PDB_ins_code_3             ? 
_pdbx_validate_rmsd_angle.label_alt_id_3             ? 
_pdbx_validate_rmsd_angle.angle_value                110.19 
_pdbx_validate_rmsd_angle.angle_target_value         108.30 
_pdbx_validate_rmsd_angle.angle_deviation            1.89 
_pdbx_validate_rmsd_angle.angle_standard_deviation   0.30 
_pdbx_validate_rmsd_angle.linker_flag                N 
# 
loop_
_chem_comp_atom.comp_id 
_chem_comp_atom.atom_id 
_chem_comp_atom.type_symbol 
_chem_comp_atom.pdbx_aromatic_flag 
_chem_comp_atom.pdbx_stereo_config 
_chem_comp_atom.pdbx_ordinal 
DA  OP3    O  N N 1   
DA  P      P  N N 2   
DA  OP1    O  N N 3   
DA  OP2    O  N N 4   
DA  "O5'"  O  N N 5   
DA  "C5'"  C  N N 6   
DA  "C4'"  C  N R 7   
DA  "O4'"  O  N N 8   
DA  "C3'"  C  N S 9   
DA  "O3'"  O  N N 10  
DA  "C2'"  C  N N 11  
DA  "C1'"  C  N R 12  
DA  N9     N  Y N 13  
DA  C8     C  Y N 14  
DA  N7     N  Y N 15  
DA  C5     C  Y N 16  
DA  C6     C  Y N 17  
DA  N6     N  N N 18  
DA  N1     N  Y N 19  
DA  C2     C  Y N 20  
DA  N3     N  Y N 21  
DA  C4     C  Y N 22  
DA  HOP3   H  N N 23  
DA  HOP2   H  N N 24  
DA  "H5'"  H  N N 25  
DA  "H5''" H  N N 26  
DA  "H4'"  H  N N 27  
DA  "H3'"  H  N N 28  
DA  "HO3'" H  N N 29  
DA  "H2'"  H  N N 30  
DA  "H2''" H  N N 31  
DA  "H1'"  H  N N 32  
DA  H8     H  N N 33  
DA  H61    H  N N 34  
DA  H62    H  N N 35  
DA  H2     H  N N 36  
DC  OP3    O  N N 37  
DC  P      P  N N 38  
DC  OP1    O  N N 39  
DC  OP2    O  N N 40  
DC  "O5'"  O  N N 41  
DC  "C5'"  C  N N 42  
DC  "C4'"  C  N R 43  
DC  "O4'"  O  N N 44  
DC  "C3'"  C  N S 45  
DC  "O3'"  O  N N 46  
DC  "C2'"  C  N N 47  
DC  "C1'"  C  N R 48  
DC  N1     N  N N 49  
DC  C2     C  N N 50  
DC  O2     O  N N 51  
DC  N3     N  N N 52  
DC  C4     C  N N 53  
DC  N4     N  N N 54  
DC  C5     C  N N 55  
DC  C6     C  N N 56  
DC  HOP3   H  N N 57  
DC  HOP2   H  N N 58  
DC  "H5'"  H  N N 59  
DC  "H5''" H  N N 60  
DC  "H4'"  H  N N 61  
DC  "H3'"  H  N N 62  
DC  "HO3'" H  N N 63  
DC  "H2'"  H  N N 64  
DC  "H2''" H  N N 65  
DC  "H1'"  H  N N 66  
DC  H41    H  N N 67  
DC  H42    H  N N 68  
DC  H5     H  N N 69  
DC  H6     H  N N 70  
DG  OP3    O  N N 71  
DG  P      P  N N 72  
DG  OP1    O  N N 73  
DG  OP2    O  N N 74  
DG  "O5'"  O  N N 75  
DG  "C5'"  C  N N 76  
DG  "C4'"  C  N R 77  
DG  "O4'"  O  N N 78  
DG  "C3'"  C  N S 79  
DG  "O3'"  O  N N 80  
DG  "C2'"  C  N N 81  
DG  "C1'"  C  N R 82  
DG  N9     N  Y N 83  
DG  C8     C  Y N 84  
DG  N7     N  Y N 85  
DG  C5     C  Y N 86  
DG  C6     C  N N 87  
DG  O6     O  N N 88  
DG  N1     N  N N 89  
DG  C2     C  N N 90  
DG  N2     N  N N 91  
DG  N3     N  N N 92  
DG  C4     C  Y N 93  
DG  HOP3   H  N N 94  
DG  HOP2   H  N N 95  
DG  "H5'"  H  N N 96  
DG  "H5''" H  N N 97  
DG  "H4'"  H  N N 98  
DG  "H3'"  H  N N 99  
DG  "HO3'" H  N N 100 
DG  "H2'"  H  N N 101 
DG  "H2''" H  N N 102 
DG  "H1'"  H  N N 103 
DG  H8     H  N N 104 
DG  H1     H  N N 105 
DG  H21    H  N N 106 
DG  H22    H  N N 107 
DT  OP3    O  N N 108 
DT  P      P  N N 109 
DT  OP1    O  N N 110 
DT  OP2    O  N N 111 
DT  "O5'"  O  N N 112 
DT  "C5'"  C  N N 113 
DT  "C4'"  C  N R 114 
DT  "O4'"  O  N N 115 
DT  "C3'"  C  N S 116 
DT  "O3'"  O  N N 117 
DT  "C2'"  C  N N 118 
DT  "C1'"  C  N R 119 
DT  N1     N  N N 120 
DT  C2     C  N N 121 
DT  O2     O  N N 122 
DT  N3     N  N N 123 
DT  C4     C  N N 124 
DT  O4     O  N N 125 
DT  C5     C  N N 126 
DT  C7     C  N N 127 
DT  C6     C  N N 128 
DT  HOP3   H  N N 129 
DT  HOP2   H  N N 130 
DT  "H5'"  H  N N 131 
DT  "H5''" H  N N 132 
DT  "H4'"  H  N N 133 
DT  "H3'"  H  N N 134 
DT  "HO3'" H  N N 135 
DT  "H2'"  H  N N 136 
DT  "H2''" H  N N 137 
DT  "H1'"  H  N N 138 
DT  H3     H  N N 139 
DT  H71    H  N N 140 
DT  H72    H  N N 141 
DT  H73    H  N N 142 
DT  H6     H  N N 143 
HOH O      O  N N 144 
HOH H1     H  N N 145 
HOH H2     H  N N 146 
HT1 C1     C  Y N 147 
HT1 O1     O  N N 148 
HT1 C2     C  Y N 149 
HT1 C3     C  Y N 150 
HT1 C4     C  Y N 151 
HT1 C5     C  Y N 152 
HT1 C6     C  Y N 153 
HT1 C7     C  Y N 154 
HT1 N1     N  Y N 155 
HT1 C8     C  Y N 156 
HT1 C9     C  Y N 157 
HT1 N2     N  Y N 158 
HT1 C10    C  Y N 159 
HT1 C11    C  Y N 160 
HT1 C12    C  Y N 161 
HT1 C13    C  Y N 162 
HT1 C14    C  Y N 163 
HT1 N3     N  Y N 164 
HT1 C15    C  Y N 165 
HT1 C16    C  Y N 166 
HT1 N4     N  Y N 167 
HT1 C17    C  Y N 168 
HT1 C18    C  Y N 169 
HT1 C19    C  Y N 170 
HT1 C20    C  Y N 171 
HT1 N5     N  N N 172 
HT1 C21    C  N N 173 
HT1 C22    C  N N 174 
HT1 N6     N  N N 175 
HT1 C23    C  N N 176 
HT1 C24    C  N N 177 
HT1 C25    C  N N 178 
HT1 C26    C  N N 179 
HT1 C27    C  N N 180 
HT1 H2     H  N N 181 
HT1 H3     H  N N 182 
HT1 H5     H  N N 183 
HT1 H6     H  N N 184 
HT1 HN1    H  N N 185 
HT1 H10    H  N N 186 
HT1 H11    H  N N 187 
HT1 H13    H  N N 188 
HT1 HN3    H  N N 189 
HT1 H17    H  N N 190 
HT1 H18    H  N N 191 
HT1 H20    H  N N 192 
HT1 H211   H  N N 193 
HT1 H212   H  N N 194 
HT1 H221   H  N N 195 
HT1 H222   H  N N 196 
HT1 H231   H  N N 197 
HT1 H232   H  N N 198 
HT1 H241   H  N N 199 
HT1 H242   H  N N 200 
HT1 H251   H  N N 201 
HT1 H252   H  N N 202 
HT1 H253   H  N N 203 
HT1 H261   H  N N 204 
HT1 H262   H  N N 205 
HT1 H271   H  N N 206 
HT1 H272   H  N N 207 
HT1 H273   H  N N 208 
MG  MG     MG N N 209 
# 
loop_
_chem_comp_bond.comp_id 
_chem_comp_bond.atom_id_1 
_chem_comp_bond.atom_id_2 
_chem_comp_bond.value_order 
_chem_comp_bond.pdbx_aromatic_flag 
_chem_comp_bond.pdbx_stereo_config 
_chem_comp_bond.pdbx_ordinal 
DA  OP3   P      sing N N 1   
DA  OP3   HOP3   sing N N 2   
DA  P     OP1    doub N N 3   
DA  P     OP2    sing N N 4   
DA  P     "O5'"  sing N N 5   
DA  OP2   HOP2   sing N N 6   
DA  "O5'" "C5'"  sing N N 7   
DA  "C5'" "C4'"  sing N N 8   
DA  "C5'" "H5'"  sing N N 9   
DA  "C5'" "H5''" sing N N 10  
DA  "C4'" "O4'"  sing N N 11  
DA  "C4'" "C3'"  sing N N 12  
DA  "C4'" "H4'"  sing N N 13  
DA  "O4'" "C1'"  sing N N 14  
DA  "C3'" "O3'"  sing N N 15  
DA  "C3'" "C2'"  sing N N 16  
DA  "C3'" "H3'"  sing N N 17  
DA  "O3'" "HO3'" sing N N 18  
DA  "C2'" "C1'"  sing N N 19  
DA  "C2'" "H2'"  sing N N 20  
DA  "C2'" "H2''" sing N N 21  
DA  "C1'" N9     sing N N 22  
DA  "C1'" "H1'"  sing N N 23  
DA  N9    C8     sing Y N 24  
DA  N9    C4     sing Y N 25  
DA  C8    N7     doub Y N 26  
DA  C8    H8     sing N N 27  
DA  N7    C5     sing Y N 28  
DA  C5    C6     sing Y N 29  
DA  C5    C4     doub Y N 30  
DA  C6    N6     sing N N 31  
DA  C6    N1     doub Y N 32  
DA  N6    H61    sing N N 33  
DA  N6    H62    sing N N 34  
DA  N1    C2     sing Y N 35  
DA  C2    N3     doub Y N 36  
DA  C2    H2     sing N N 37  
DA  N3    C4     sing Y N 38  
DC  OP3   P      sing N N 39  
DC  OP3   HOP3   sing N N 40  
DC  P     OP1    doub N N 41  
DC  P     OP2    sing N N 42  
DC  P     "O5'"  sing N N 43  
DC  OP2   HOP2   sing N N 44  
DC  "O5'" "C5'"  sing N N 45  
DC  "C5'" "C4'"  sing N N 46  
DC  "C5'" "H5'"  sing N N 47  
DC  "C5'" "H5''" sing N N 48  
DC  "C4'" "O4'"  sing N N 49  
DC  "C4'" "C3'"  sing N N 50  
DC  "C4'" "H4'"  sing N N 51  
DC  "O4'" "C1'"  sing N N 52  
DC  "C3'" "O3'"  sing N N 53  
DC  "C3'" "C2'"  sing N N 54  
DC  "C3'" "H3'"  sing N N 55  
DC  "O3'" "HO3'" sing N N 56  
DC  "C2'" "C1'"  sing N N 57  
DC  "C2'" "H2'"  sing N N 58  
DC  "C2'" "H2''" sing N N 59  
DC  "C1'" N1     sing N N 60  
DC  "C1'" "H1'"  sing N N 61  
DC  N1    C2     sing N N 62  
DC  N1    C6     sing N N 63  
DC  C2    O2     doub N N 64  
DC  C2    N3     sing N N 65  
DC  N3    C4     doub N N 66  
DC  C4    N4     sing N N 67  
DC  C4    C5     sing N N 68  
DC  N4    H41    sing N N 69  
DC  N4    H42    sing N N 70  
DC  C5    C6     doub N N 71  
DC  C5    H5     sing N N 72  
DC  C6    H6     sing N N 73  
DG  OP3   P      sing N N 74  
DG  OP3   HOP3   sing N N 75  
DG  P     OP1    doub N N 76  
DG  P     OP2    sing N N 77  
DG  P     "O5'"  sing N N 78  
DG  OP2   HOP2   sing N N 79  
DG  "O5'" "C5'"  sing N N 80  
DG  "C5'" "C4'"  sing N N 81  
DG  "C5'" "H5'"  sing N N 82  
DG  "C5'" "H5''" sing N N 83  
DG  "C4'" "O4'"  sing N N 84  
DG  "C4'" "C3'"  sing N N 85  
DG  "C4'" "H4'"  sing N N 86  
DG  "O4'" "C1'"  sing N N 87  
DG  "C3'" "O3'"  sing N N 88  
DG  "C3'" "C2'"  sing N N 89  
DG  "C3'" "H3'"  sing N N 90  
DG  "O3'" "HO3'" sing N N 91  
DG  "C2'" "C1'"  sing N N 92  
DG  "C2'" "H2'"  sing N N 93  
DG  "C2'" "H2''" sing N N 94  
DG  "C1'" N9     sing N N 95  
DG  "C1'" "H1'"  sing N N 96  
DG  N9    C8     sing Y N 97  
DG  N9    C4     sing Y N 98  
DG  C8    N7     doub Y N 99  
DG  C8    H8     sing N N 100 
DG  N7    C5     sing Y N 101 
DG  C5    C6     sing N N 102 
DG  C5    C4     doub Y N 103 
DG  C6    O6     doub N N 104 
DG  C6    N1     sing N N 105 
DG  N1    C2     sing N N 106 
DG  N1    H1     sing N N 107 
DG  C2    N2     sing N N 108 
DG  C2    N3     doub N N 109 
DG  N2    H21    sing N N 110 
DG  N2    H22    sing N N 111 
DG  N3    C4     sing N N 112 
DT  OP3   P      sing N N 113 
DT  OP3   HOP3   sing N N 114 
DT  P     OP1    doub N N 115 
DT  P     OP2    sing N N 116 
DT  P     "O5'"  sing N N 117 
DT  OP2   HOP2   sing N N 118 
DT  "O5'" "C5'"  sing N N 119 
DT  "C5'" "C4'"  sing N N 120 
DT  "C5'" "H5'"  sing N N 121 
DT  "C5'" "H5''" sing N N 122 
DT  "C4'" "O4'"  sing N N 123 
DT  "C4'" "C3'"  sing N N 124 
DT  "C4'" "H4'"  sing N N 125 
DT  "O4'" "C1'"  sing N N 126 
DT  "C3'" "O3'"  sing N N 127 
DT  "C3'" "C2'"  sing N N 128 
DT  "C3'" "H3'"  sing N N 129 
DT  "O3'" "HO3'" sing N N 130 
DT  "C2'" "C1'"  sing N N 131 
DT  "C2'" "H2'"  sing N N 132 
DT  "C2'" "H2''" sing N N 133 
DT  "C1'" N1     sing N N 134 
DT  "C1'" "H1'"  sing N N 135 
DT  N1    C2     sing N N 136 
DT  N1    C6     sing N N 137 
DT  C2    O2     doub N N 138 
DT  C2    N3     sing N N 139 
DT  N3    C4     sing N N 140 
DT  N3    H3     sing N N 141 
DT  C4    O4     doub N N 142 
DT  C4    C5     sing N N 143 
DT  C5    C7     sing N N 144 
DT  C5    C6     doub N N 145 
DT  C7    H71    sing N N 146 
DT  C7    H72    sing N N 147 
DT  C7    H73    sing N N 148 
DT  C6    H6     sing N N 149 
HOH O     H1     sing N N 150 
HOH O     H2     sing N N 151 
HT1 C1    O1     sing N N 152 
HT1 C1    C2     doub Y N 153 
HT1 C1    C6     sing Y N 154 
HT1 O1    C26    sing N N 155 
HT1 C2    C3     sing Y N 156 
HT1 C2    H2     sing N N 157 
HT1 C3    C4     doub Y N 158 
HT1 C3    H3     sing N N 159 
HT1 C4    C5     sing Y N 160 
HT1 C4    C7     sing Y N 161 
HT1 C5    C6     doub Y N 162 
HT1 C5    H5     sing N N 163 
HT1 C6    H6     sing N N 164 
HT1 C7    N1     sing Y N 165 
HT1 C7    N2     doub Y N 166 
HT1 N1    C8     sing Y N 167 
HT1 N1    HN1    sing N N 168 
HT1 C8    C9     doub Y N 169 
HT1 C8    C13    sing Y N 170 
HT1 C9    N2     sing Y N 171 
HT1 C9    C10    sing Y N 172 
HT1 C10   C11    doub Y N 173 
HT1 C10   H10    sing N N 174 
HT1 C11   C12    sing Y N 175 
HT1 C11   H11    sing N N 176 
HT1 C12   C13    doub Y N 177 
HT1 C12   C14    sing Y N 178 
HT1 C13   H13    sing N N 179 
HT1 C14   N3     sing Y N 180 
HT1 C14   N4     doub Y N 181 
HT1 N3    C15    sing Y N 182 
HT1 N3    HN3    sing N N 183 
HT1 C15   C16    doub Y N 184 
HT1 C15   C20    sing Y N 185 
HT1 C16   N4     sing Y N 186 
HT1 C16   C17    sing Y N 187 
HT1 C17   C18    doub Y N 188 
HT1 C17   H17    sing N N 189 
HT1 C18   C19    sing Y N 190 
HT1 C18   H18    sing N N 191 
HT1 C19   C20    doub Y N 192 
HT1 C19   N5     sing N N 193 
HT1 C20   H20    sing N N 194 
HT1 N5    C21    sing N N 195 
HT1 N5    C24    sing N N 196 
HT1 C21   C22    sing N N 197 
HT1 C21   H211   sing N N 198 
HT1 C21   H212   sing N N 199 
HT1 C22   N6     sing N N 200 
HT1 C22   H221   sing N N 201 
HT1 C22   H222   sing N N 202 
HT1 N6    C23    sing N N 203 
HT1 N6    C25    sing N N 204 
HT1 C23   C24    sing N N 205 
HT1 C23   H231   sing N N 206 
HT1 C23   H232   sing N N 207 
HT1 C24   H241   sing N N 208 
HT1 C24   H242   sing N N 209 
HT1 C25   H251   sing N N 210 
HT1 C25   H252   sing N N 211 
HT1 C25   H253   sing N N 212 
HT1 C26   C27    sing N N 213 
HT1 C26   H261   sing N N 214 
HT1 C26   H262   sing N N 215 
HT1 C27   H271   sing N N 216 
HT1 C27   H272   sing N N 217 
HT1 C27   H273   sing N N 218 
# 
loop_
_ndb_struct_conf_na.entry_id 
_ndb_struct_conf_na.feature 
8TAQ 'double helix'        
8TAQ 'a-form double helix' 
8TAQ 'b-form double helix' 
# 
loop_
_ndb_struct_na_base_pair.model_number 
_ndb_struct_na_base_pair.i_label_asym_id 
_ndb_struct_na_base_pair.i_label_comp_id 
_ndb_struct_na_base_pair.i_label_seq_id 
_ndb_struct_na_base_pair.i_symmetry 
_ndb_struct_na_base_pair.j_label_asym_id 
_ndb_struct_na_base_pair.j_label_comp_id 
_ndb_struct_na_base_pair.j_label_seq_id 
_ndb_struct_na_base_pair.j_symmetry 
_ndb_struct_na_base_pair.shear 
_ndb_struct_na_base_pair.stretch 
_ndb_struct_na_base_pair.stagger 
_ndb_struct_na_base_pair.buckle 
_ndb_struct_na_base_pair.propeller 
_ndb_struct_na_base_pair.opening 
_ndb_struct_na_base_pair.pair_number 
_ndb_struct_na_base_pair.pair_name 
_ndb_struct_na_base_pair.i_auth_asym_id 
_ndb_struct_na_base_pair.i_auth_seq_id 
_ndb_struct_na_base_pair.i_PDB_ins_code 
_ndb_struct_na_base_pair.j_auth_asym_id 
_ndb_struct_na_base_pair.j_auth_seq_id 
_ndb_struct_na_base_pair.j_PDB_ins_code 
_ndb_struct_na_base_pair.hbond_type_28 
_ndb_struct_na_base_pair.hbond_type_12 
1 A DG 3  1_555 D DC 7 1_555 -0.159 -0.149 0.378  3.679   -4.733  0.183   1  A_DG3:DC16_D A 3  ? D 16 ? 19 1 
1 A DC 4  1_555 D DG 6 1_555 -0.968 0.778  -0.171 2.820   -13.645 -15.963 2  A_DC4:DG15_D A 4  ? D 15 ? ?  ? 
1 A DA 5  1_555 D DT 5 1_555 0.092  -0.052 0.024  -4.614  -6.004  -4.886  3  A_DA5:DT14_D A 5  ? D 14 ? 20 1 
1 A DG 6  1_555 D DC 4 1_555 -0.178 -0.126 -0.078 -6.069  -3.380  1.260   4  A_DG6:DC13_D A 6  ? D 13 ? 19 1 
1 A DA 7  1_555 D DT 3 1_555 0.059  -0.103 -0.242 -3.588  -0.517  -1.554  5  A_DA7:DT12_D A 7  ? D 12 ? 20 1 
1 A DC 8  1_555 D DG 2 1_555 0.181  -0.125 -0.075 2.329   -2.242  -0.117  6  A_DC8:DG11_D A 8  ? D 11 ? 19 1 
1 A DC 9  1_555 D DG 1 1_555 0.166  -0.168 -0.009 -1.615  -2.619  0.474   7  A_DC9:DG10_D A 9  ? D 10 ? 19 1 
1 A DT 10 1_555 B DA 6 1_555 -0.142 -0.065 0.357  -7.353  -6.213  -2.356  8  A_DT10:DA5_B A 10 ? B 5  ? 20 1 
1 A DG 11 1_555 B DC 5 1_555 -0.209 -0.150 -0.149 -5.409  -4.973  2.294   9  A_DG11:DC4_B A 11 ? B 4  ? 19 1 
1 A DA 12 1_555 B DT 4 1_555 0.151  -0.061 0.187  -2.895  -5.426  -6.763  10 A_DA12:DT3_B A 12 ? B 3  ? 20 1 
1 A DC 13 1_555 B DG 3 1_555 0.141  -0.193 0.420  -2.293  -4.407  -1.618  11 A_DC13:DG2_B A 13 ? B 2  ? 19 1 
1 A DG 14 1_555 B DC 2 1_555 -0.173 -0.138 0.264  -0.228  -8.051  -0.369  12 A_DG14:DC1_B A 14 ? B 1  ? 19 1 
1 A DG 15 1_555 B DC 1 1_555 -0.165 -0.151 0.117  -2.191  -7.061  -1.268  13 A_DG15:DC0_B A 15 ? B 0  ? 19 1 
1 A DA 16 1_555 C DT 8 1_555 0.064  -0.159 0.477  -1.850  -3.550  1.459   14 A_DA16:DT8_C A 16 ? C 8  ? 20 1 
1 A DA 17 1_555 C DT 7 1_555 0.121  -0.226 0.520  1.063   -7.307  0.600   15 A_DA17:DT7_C A 17 ? C 7  ? 20 1 
1 A DA 18 1_555 C DT 6 1_555 0.063  -0.112 -0.095 -2.443  -10.814 0.221   16 A_DA18:DT6_C A 18 ? C 6  ? 20 1 
1 A DT 19 1_555 C DA 5 1_555 -0.178 -0.119 -0.093 -6.296  -14.713 -1.264  17 A_DT19:DA5_C A 19 ? C 5  ? 20 1 
1 A DT 20 1_555 C DA 4 1_555 -0.067 -0.195 0.014  -6.914  -9.960  3.535   18 A_DT20:DA4_C A 20 ? C 4  ? 20 1 
1 A DA 21 1_555 C DT 3 1_555 0.116  -0.077 0.331  -11.479 -8.457  -5.126  19 A_DA21:DT3_C A 21 ? C 3  ? 20 1 
# 
loop_
_ndb_struct_na_base_pair_step.model_number 
_ndb_struct_na_base_pair_step.i_label_asym_id_1 
_ndb_struct_na_base_pair_step.i_label_comp_id_1 
_ndb_struct_na_base_pair_step.i_label_seq_id_1 
_ndb_struct_na_base_pair_step.i_symmetry_1 
_ndb_struct_na_base_pair_step.j_label_asym_id_1 
_ndb_struct_na_base_pair_step.j_label_comp_id_1 
_ndb_struct_na_base_pair_step.j_label_seq_id_1 
_ndb_struct_na_base_pair_step.j_symmetry_1 
_ndb_struct_na_base_pair_step.i_label_asym_id_2 
_ndb_struct_na_base_pair_step.i_label_comp_id_2 
_ndb_struct_na_base_pair_step.i_label_seq_id_2 
_ndb_struct_na_base_pair_step.i_symmetry_2 
_ndb_struct_na_base_pair_step.j_label_asym_id_2 
_ndb_struct_na_base_pair_step.j_label_comp_id_2 
_ndb_struct_na_base_pair_step.j_label_seq_id_2 
_ndb_struct_na_base_pair_step.j_symmetry_2 
_ndb_struct_na_base_pair_step.shift 
_ndb_struct_na_base_pair_step.slide 
_ndb_struct_na_base_pair_step.rise 
_ndb_struct_na_base_pair_step.tilt 
_ndb_struct_na_base_pair_step.roll 
_ndb_struct_na_base_pair_step.twist 
_ndb_struct_na_base_pair_step.x_displacement 
_ndb_struct_na_base_pair_step.y_displacement 
_ndb_struct_na_base_pair_step.helical_rise 
_ndb_struct_na_base_pair_step.inclination 
_ndb_struct_na_base_pair_step.tip 
_ndb_struct_na_base_pair_step.helical_twist 
_ndb_struct_na_base_pair_step.step_number 
_ndb_struct_na_base_pair_step.step_name 
_ndb_struct_na_base_pair_step.i_auth_asym_id_1 
_ndb_struct_na_base_pair_step.i_auth_seq_id_1 
_ndb_struct_na_base_pair_step.i_PDB_ins_code_1 
_ndb_struct_na_base_pair_step.j_auth_asym_id_1 
_ndb_struct_na_base_pair_step.j_auth_seq_id_1 
_ndb_struct_na_base_pair_step.j_PDB_ins_code_1 
_ndb_struct_na_base_pair_step.i_auth_asym_id_2 
_ndb_struct_na_base_pair_step.i_auth_seq_id_2 
_ndb_struct_na_base_pair_step.i_PDB_ins_code_2 
_ndb_struct_na_base_pair_step.j_auth_asym_id_2 
_ndb_struct_na_base_pair_step.j_auth_seq_id_2 
_ndb_struct_na_base_pair_step.j_PDB_ins_code_2 
1 A DG 3  1_555 D DC 7 1_555 A DC 4  1_555 D DG 6 1_555 -1.472 -0.150 3.153 1.582  -3.165 36.396 0.179  2.554  3.090 -5.053 -2.525 
36.562 1  AA_DG3DC4:DG15DC16_DD A 3  ? D 16 ? A 4  ? D 15 ? 
1 A DC 4  1_555 D DG 6 1_555 A DA 5  1_555 D DT 5 1_555 0.095  -0.379 3.490 -3.600 4.376  39.076 -1.108 -0.591 3.407 6.500  5.348  
39.468 2  AA_DC4DA5:DT14DG15_DD A 4  ? D 15 ? A 5  ? D 14 ? 
1 A DA 5  1_555 D DT 5 1_555 A DG 6  1_555 D DC 4 1_555 0.171  -0.771 3.372 -1.359 -0.405 26.676 -1.560 -0.736 3.371 -0.877 2.943  
26.713 3  AA_DA5DG6:DC13DT14_DD A 5  ? D 14 ? A 6  ? D 13 ? 
1 A DG 6  1_555 D DC 4 1_555 A DA 7  1_555 D DT 3 1_555 -0.166 -0.452 3.233 -0.766 3.449  38.190 -1.112 0.159  3.184 5.258  1.168  
38.347 4  AA_DG6DA7:DT12DC13_DD A 6  ? D 13 ? A 7  ? D 12 ? 
1 A DA 7  1_555 D DT 3 1_555 A DC 8  1_555 D DG 2 1_555 0.569  -0.423 3.324 -5.265 1.316  34.726 -0.897 -1.731 3.188 2.188  8.755  
35.135 5  AA_DA7DC8:DG11DT12_DD A 7  ? D 12 ? A 8  ? D 11 ? 
1 A DC 8  1_555 D DG 2 1_555 A DC 9  1_555 D DG 1 1_555 -0.514 -1.942 3.303 -4.008 2.228  33.186 -3.736 0.233  3.208 3.878  6.976  
33.492 6  AA_DC8DC9:DG10DG11_DD A 8  ? D 11 ? A 9  ? D 10 ? 
1 A DC 9  1_555 D DG 1 1_555 A DT 10 1_555 B DA 6 1_555 -1.486 -1.797 3.385 -1.608 4.178  23.096 -5.818 3.103  3.110 10.311 3.969  
23.520 7  AA_DC9DT10:DA5DG10_BD A 9  ? D 10 ? A 10 ? B 5  ? 
1 A DT 10 1_555 B DA 6 1_555 A DG 11 1_555 B DC 5 1_555 0.229  0.839  3.488 0.126  4.566  28.779 0.584  -0.425 3.576 9.114  -0.252 
29.131 8  AA_DT10DG11:DC4DA5_BB A 10 ? B 5  ? A 11 ? B 4  ? 
1 A DG 11 1_555 B DC 5 1_555 A DA 12 1_555 B DT 4 1_555 -0.975 0.632  3.236 -9.164 7.206  39.146 0.080  0.347  3.430 10.476 13.322 
40.779 9  AA_DG11DA12:DT3DC4_BB A 11 ? B 4  ? A 12 ? B 3  ? 
1 A DA 12 1_555 B DT 4 1_555 A DC 13 1_555 B DG 3 1_555 -0.041 -1.414 3.148 -1.988 0.356  34.250 -2.451 -0.230 3.131 0.604  3.373  
34.308 10 AA_DA12DC13:DG2DT3_BB A 12 ? B 3  ? A 13 ? B 2  ? 
1 A DC 13 1_555 B DG 3 1_555 A DG 14 1_555 B DC 2 1_555 -0.318 -0.282 3.361 -3.483 1.660  28.275 -0.961 -0.172 3.354 3.379  7.088  
28.532 11 AA_DC13DG14:DC1DG2_BB A 13 ? B 2  ? A 14 ? B 1  ? 
1 A DG 14 1_555 B DC 2 1_555 A DG 15 1_555 B DC 1 1_555 -0.196 -0.700 3.314 -4.568 1.486  36.701 -1.306 -0.314 3.284 2.348  7.216  
37.004 12 AA_DG14DG15:DC0DC1_BB A 14 ? B 1  ? A 15 ? B 0  ? 
1 A DG 15 1_555 B DC 1 1_555 A DA 16 1_555 C DT 8 1_555 -1.109 -0.727 3.148 -4.908 0.268  34.050 -1.270 1.122  3.266 0.454  8.327  
34.393 13 AA_DG15DA16:DT8DC0_CB A 15 ? B 0  ? A 16 ? C 8  ? 
1 A DA 16 1_555 C DT 8 1_555 A DA 17 1_555 C DT 7 1_555 0.288  -0.358 3.235 -3.148 1.994  31.733 -1.006 -1.082 3.164 3.631  5.733  
31.945 14 AA_DA16DA17:DT7DT8_CC A 16 ? C 8  ? A 17 ? C 7  ? 
1 A DA 17 1_555 C DT 7 1_555 A DA 18 1_555 C DT 6 1_555 -0.884 -0.276 3.387 -0.365 -1.249 37.279 -0.259 1.331  3.402 -1.953 0.571  
37.301 15 AA_DA17DA18:DT6DT7_CC A 17 ? C 7  ? A 18 ? C 6  ? 
1 A DA 18 1_555 C DT 6 1_555 A DT 19 1_555 C DA 5 1_555 -0.045 -1.269 3.344 -2.024 -1.436 31.682 -2.046 -0.300 3.392 -2.625 3.700  
31.777 16 AA_DA18DT19:DA5DT6_CC A 18 ? C 6  ? A 19 ? C 5  ? 
1 A DT 19 1_555 C DA 5 1_555 A DT 20 1_555 C DA 4 1_555 0.219  -0.367 3.189 0.205  0.091  35.356 -0.617 -0.332 3.189 0.149  -0.337 
35.357 17 AA_DT19DT20:DA4DA5_CC A 19 ? C 5  ? A 20 ? C 4  ? 
1 A DT 20 1_555 C DA 4 1_555 A DA 21 1_555 C DT 3 1_555 -0.258 -0.031 3.239 -4.503 1.468  40.230 -0.207 -0.129 3.245 2.125  6.519  
40.497 18 AA_DT20DA21:DT3DA4_CC A 20 ? C 4  ? A 21 ? C 3  ? 
# 
loop_
_pdbx_audit_support.funding_organization 
_pdbx_audit_support.country 
_pdbx_audit_support.grant_number 
_pdbx_audit_support.ordinal 
'National Science Foundation (NSF, United States)'                                         'United States' 1360635     1 
'National Institutes of Health/National Institute of General Medical Sciences (NIH/NIGMS)' 'United States' R01GM104960 2 
'National Science Foundation (NSF, United States)'                                         'United States' NSF2004250  3 
# 
loop_
_pdbx_entity_nonpoly.entity_id 
_pdbx_entity_nonpoly.name 
_pdbx_entity_nonpoly.comp_id 
5 'MAGNESIUM ION'                                                        MG  
6 "2'-(4-ETHOXYPHENYL)-5-(4-METHYL-1-PIPERAZINYL)-2,5'-BI-BENZIMIDAZOLE" HT1 
7 water                                                                  HOH 
# 
_pdbx_initial_refinement_model.id               1 
_pdbx_initial_refinement_model.entity_id_list   ? 
_pdbx_initial_refinement_model.type             'experimental model' 
_pdbx_initial_refinement_model.source_name      PDB 
_pdbx_initial_refinement_model.accession_code   5VY6 
_pdbx_initial_refinement_model.details          ? 
# 
